data_2OT1
#
_entry.id   2OT1
#
_cell.length_a   84.780
_cell.length_b   103.445
_cell.length_c   83.601
_cell.angle_alpha   90.00
_cell.angle_beta   98.66
_cell.angle_gamma   90.00
#
_symmetry.space_group_name_H-M   'P 1 21 1'
#
loop_
_entity.id
_entity.type
_entity.pdbx_description
1 polymer 'Fructose-bisphosphate aldolase A'
2 non-polymer N-(4-CHLOROPHENYL)-3-(PHOSPHONOOXY)NAPHTHALENE-2-CARBOXAMIDE
3 water water
#
_entity_poly.entity_id   1
_entity_poly.type   'polypeptide(L)'
_entity_poly.pdbx_seq_one_letter_code
;PHSHPALTPEQKKELSDIAHRIVAPGKGILAADESTGSIAKRLQSIGTENTEENRRFYRQLLLTADDRVNPCIGGVILFH
ETLYQKADDGRPFPQVIKSKGGVVGIKVDKGVVPLAGTNGETTTQGLDGLSERCAQYKKDGADFAKWRCVLKIGEHTPSA
LAIMENANVLARYASICQQNGIVPIVEPEILPDGDHDLKRCQYVTEKVLAAVYKALSDHHIYLEGTLLKPNMVTPGHACT
QKYSHEEIAMATVTALRRTVPPAVTGVTFLSGGQSEEEASINLNAINKCPLLKPWALTFSYGRALQASALKAWGGKKENL
KAAQEEYVKRALANSLACQGKYTPSGQAGAAASESLFISNHAY
;
_entity_poly.pdbx_strand_id   A,B,C,D
#
# COMPACT_ATOMS: atom_id res chain seq x y z
N PRO A 1 -6.08 -11.95 8.86
CA PRO A 1 -6.99 -11.02 9.56
C PRO A 1 -8.16 -11.79 10.18
N HIS A 2 -8.98 -11.08 10.95
CA HIS A 2 -10.14 -11.70 11.59
C HIS A 2 -11.45 -11.12 11.08
N SER A 3 -12.44 -12.00 10.90
CA SER A 3 -13.74 -11.58 10.40
C SER A 3 -14.70 -11.07 11.48
N HIS A 4 -15.29 -9.92 11.21
CA HIS A 4 -16.27 -9.30 12.10
C HIS A 4 -17.35 -8.87 11.14
N PRO A 5 -18.14 -9.84 10.65
CA PRO A 5 -19.25 -9.65 9.70
C PRO A 5 -19.81 -8.25 9.61
N ALA A 6 -19.57 -7.60 8.48
CA ALA A 6 -20.08 -6.25 8.26
C ALA A 6 -21.57 -6.36 8.01
N LEU A 7 -21.99 -7.48 7.42
CA LEU A 7 -23.38 -7.72 7.08
C LEU A 7 -23.89 -9.09 7.49
N THR A 8 -25.19 -9.18 7.77
CA THR A 8 -25.80 -10.45 8.14
C THR A 8 -26.29 -11.09 6.84
N PRO A 9 -26.63 -12.39 6.88
CA PRO A 9 -27.11 -13.06 5.66
C PRO A 9 -28.33 -12.36 5.07
N GLU A 10 -29.20 -11.85 5.95
CA GLU A 10 -30.40 -11.16 5.51
C GLU A 10 -30.06 -9.85 4.81
N GLN A 11 -29.08 -9.12 5.34
CA GLN A 11 -28.67 -7.86 4.73
C GLN A 11 -28.06 -8.13 3.36
N LYS A 12 -27.31 -9.22 3.25
CA LYS A 12 -26.69 -9.58 1.98
C LYS A 12 -27.75 -9.90 0.93
N LYS A 13 -28.75 -10.68 1.32
CA LYS A 13 -29.81 -11.04 0.39
C LYS A 13 -30.53 -9.82 -0.16
N GLU A 14 -30.84 -8.86 0.72
CA GLU A 14 -31.52 -7.64 0.29
C GLU A 14 -30.68 -6.87 -0.72
N LEU A 15 -29.40 -6.70 -0.44
CA LEU A 15 -28.51 -5.97 -1.35
C LEU A 15 -28.36 -6.70 -2.69
N SER A 16 -28.09 -8.00 -2.63
CA SER A 16 -27.93 -8.78 -3.85
C SER A 16 -29.21 -8.75 -4.69
N ASP A 17 -30.36 -8.93 -4.04
CA ASP A 17 -31.64 -8.92 -4.75
C ASP A 17 -31.86 -7.58 -5.47
N ILE A 18 -31.53 -6.49 -4.80
CA ILE A 18 -31.70 -5.17 -5.39
C ILE A 18 -30.77 -5.02 -6.59
N ALA A 19 -29.50 -5.40 -6.41
CA ALA A 19 -28.53 -5.29 -7.48
C ALA A 19 -28.96 -6.06 -8.72
N HIS A 20 -29.44 -7.29 -8.53
CA HIS A 20 -29.88 -8.10 -9.66
C HIS A 20 -31.12 -7.53 -10.36
N ARG A 21 -32.04 -6.95 -9.59
CA ARG A 21 -33.24 -6.38 -10.18
C ARG A 21 -32.91 -5.22 -11.11
N ILE A 22 -31.94 -4.40 -10.71
CA ILE A 22 -31.55 -3.24 -11.49
C ILE A 22 -30.97 -3.58 -12.85
N VAL A 23 -30.14 -4.61 -12.89
CA VAL A 23 -29.49 -5.00 -14.12
C VAL A 23 -30.06 -6.29 -14.72
N ALA A 24 -31.31 -6.59 -14.40
CA ALA A 24 -31.96 -7.79 -14.94
C ALA A 24 -31.87 -7.73 -16.46
N PRO A 25 -31.80 -8.89 -17.13
CA PRO A 25 -31.70 -8.97 -18.60
C PRO A 25 -32.52 -7.95 -19.37
N GLY A 26 -31.85 -7.21 -20.24
CA GLY A 26 -32.52 -6.21 -21.04
C GLY A 26 -32.76 -4.89 -20.34
N LYS A 27 -32.41 -4.79 -19.07
CA LYS A 27 -32.63 -3.56 -18.32
C LYS A 27 -31.39 -2.72 -18.08
N GLY A 28 -31.60 -1.41 -17.98
CA GLY A 28 -30.51 -0.48 -17.75
C GLY A 28 -30.95 0.61 -16.79
N ILE A 29 -30.12 1.65 -16.66
CA ILE A 29 -30.40 2.74 -15.75
C ILE A 29 -30.49 4.10 -16.42
N LEU A 30 -31.52 4.87 -16.06
CA LEU A 30 -31.69 6.23 -16.56
C LEU A 30 -31.04 7.10 -15.50
N ALA A 31 -30.00 7.84 -15.87
CA ALA A 31 -29.33 8.73 -14.93
C ALA A 31 -29.92 10.12 -15.09
N ALA A 32 -30.83 10.49 -14.19
CA ALA A 32 -31.48 11.81 -14.24
C ALA A 32 -31.19 12.60 -12.98
N ASP A 33 -30.01 12.37 -12.42
CA ASP A 33 -29.60 13.03 -11.18
C ASP A 33 -28.79 14.31 -11.36
N GLU A 34 -29.07 15.08 -12.41
CA GLU A 34 -28.32 16.32 -12.61
C GLU A 34 -28.71 17.31 -11.53
N SER A 35 -27.71 17.90 -10.87
CA SER A 35 -27.96 18.87 -9.83
C SER A 35 -28.53 20.13 -10.48
N THR A 36 -29.20 20.96 -9.68
CA THR A 36 -29.79 22.19 -10.20
C THR A 36 -28.74 23.05 -10.89
N GLY A 37 -27.49 22.93 -10.45
CA GLY A 37 -26.41 23.69 -11.05
C GLY A 37 -25.98 23.08 -12.37
N SER A 38 -26.03 21.76 -12.44
CA SER A 38 -25.64 21.04 -13.66
C SER A 38 -26.73 21.05 -14.72
N ILE A 39 -27.98 21.10 -14.28
CA ILE A 39 -29.12 21.11 -15.20
C ILE A 39 -29.32 22.49 -15.82
N ALA A 40 -28.76 23.50 -15.17
CA ALA A 40 -28.87 24.88 -15.64
C ALA A 40 -28.40 25.03 -17.08
N LYS A 41 -27.25 24.45 -17.41
CA LYS A 41 -26.70 24.53 -18.76
C LYS A 41 -27.64 23.82 -19.73
N ARG A 42 -28.29 22.76 -19.28
CA ARG A 42 -29.22 22.00 -20.09
C ARG A 42 -30.42 22.85 -20.50
N LEU A 43 -31.09 23.42 -19.50
CA LEU A 43 -32.27 24.26 -19.75
C LEU A 43 -31.90 25.55 -20.48
N GLN A 44 -30.65 25.96 -20.34
CA GLN A 44 -30.16 27.17 -20.99
C GLN A 44 -30.11 26.95 -22.50
N SER A 45 -29.60 25.78 -22.90
CA SER A 45 -29.47 25.45 -24.32
C SER A 45 -30.82 25.40 -25.03
N ILE A 46 -31.91 25.44 -24.26
CA ILE A 46 -33.24 25.43 -24.86
C ILE A 46 -34.04 26.64 -24.39
N GLY A 47 -33.33 27.71 -24.01
CA GLY A 47 -33.97 28.94 -23.57
C GLY A 47 -35.08 28.74 -22.55
N THR A 48 -34.85 27.88 -21.57
CA THR A 48 -35.85 27.61 -20.55
C THR A 48 -35.35 28.05 -19.17
N GLU A 49 -36.12 28.91 -18.52
CA GLU A 49 -35.76 29.39 -17.19
C GLU A 49 -35.58 28.22 -16.25
N ASN A 50 -34.46 28.22 -15.53
CA ASN A 50 -34.17 27.14 -14.59
C ASN A 50 -34.91 27.33 -13.28
N THR A 51 -36.11 26.77 -13.20
CA THR A 51 -36.92 26.86 -11.99
C THR A 51 -37.29 25.46 -11.51
N GLU A 52 -37.55 25.32 -10.22
CA GLU A 52 -37.93 24.02 -9.67
C GLU A 52 -39.12 23.47 -10.43
N GLU A 53 -39.98 24.36 -10.90
CA GLU A 53 -41.17 23.94 -11.64
C GLU A 53 -40.78 23.27 -12.95
N ASN A 54 -39.98 23.96 -13.76
CA ASN A 54 -39.56 23.39 -15.04
C ASN A 54 -38.74 22.12 -14.86
N ARG A 55 -37.99 22.05 -13.76
CA ARG A 55 -37.18 20.87 -13.50
C ARG A 55 -38.10 19.71 -13.13
N ARG A 56 -39.14 20.01 -12.37
CA ARG A 56 -40.10 19.00 -11.96
C ARG A 56 -40.83 18.47 -13.19
N PHE A 57 -41.25 19.38 -14.06
CA PHE A 57 -41.96 19.01 -15.28
C PHE A 57 -41.09 18.13 -16.18
N TYR A 58 -39.84 18.53 -16.38
CA TYR A 58 -38.93 17.77 -17.23
C TYR A 58 -38.74 16.35 -16.68
N ARG A 59 -38.48 16.26 -15.38
CA ARG A 59 -38.31 14.96 -14.75
C ARG A 59 -39.59 14.15 -14.86
N GLN A 60 -40.72 14.81 -14.67
CA GLN A 60 -42.03 14.14 -14.78
C GLN A 60 -42.16 13.59 -16.20
N LEU A 61 -41.76 14.40 -17.17
CA LEU A 61 -41.83 14.00 -18.58
C LEU A 61 -41.12 12.67 -18.81
N LEU A 62 -39.94 12.53 -18.23
CA LEU A 62 -39.17 11.31 -18.37
C LEU A 62 -39.75 10.14 -17.57
N LEU A 63 -40.03 10.39 -16.30
CA LEU A 63 -40.55 9.36 -15.42
C LEU A 63 -41.93 8.81 -15.80
N THR A 64 -42.75 9.62 -16.47
CA THR A 64 -44.08 9.18 -16.87
C THR A 64 -44.20 8.75 -18.33
N ALA A 65 -43.07 8.42 -18.95
CA ALA A 65 -43.08 7.97 -20.35
C ALA A 65 -43.95 6.71 -20.40
N ASP A 66 -44.54 6.43 -21.55
CA ASP A 66 -45.41 5.27 -21.69
C ASP A 66 -44.75 3.96 -21.25
N ASP A 67 -45.57 2.95 -21.00
CA ASP A 67 -45.09 1.65 -20.53
C ASP A 67 -44.13 0.86 -21.41
N ARG A 68 -43.75 1.40 -22.56
CA ARG A 68 -42.81 0.70 -23.43
C ARG A 68 -41.42 0.69 -22.80
N VAL A 69 -41.16 1.66 -21.93
CA VAL A 69 -39.86 1.76 -21.27
C VAL A 69 -39.72 0.83 -20.07
N ASN A 70 -40.85 0.39 -19.51
CA ASN A 70 -40.86 -0.48 -18.34
C ASN A 70 -39.85 -1.63 -18.39
N PRO A 71 -39.85 -2.41 -19.49
CA PRO A 71 -38.90 -3.52 -19.55
C PRO A 71 -37.47 -3.07 -19.89
N CYS A 72 -37.30 -1.79 -20.18
CA CYS A 72 -36.00 -1.24 -20.52
C CYS A 72 -35.28 -0.61 -19.33
N ILE A 73 -36.06 -0.02 -18.43
CA ILE A 73 -35.51 0.67 -17.28
C ILE A 73 -35.59 -0.12 -15.97
N GLY A 74 -34.43 -0.54 -15.48
CA GLY A 74 -34.36 -1.29 -14.24
C GLY A 74 -34.16 -0.36 -13.06
N GLY A 75 -33.63 0.83 -13.34
CA GLY A 75 -33.39 1.78 -12.27
C GLY A 75 -33.34 3.22 -12.75
N VAL A 76 -33.60 4.14 -11.83
CA VAL A 76 -33.57 5.56 -12.15
C VAL A 76 -32.84 6.30 -11.05
N ILE A 77 -31.80 7.03 -11.43
CA ILE A 77 -31.01 7.80 -10.47
C ILE A 77 -31.60 9.20 -10.39
N LEU A 78 -31.95 9.62 -9.19
CA LEU A 78 -32.52 10.95 -9.00
C LEU A 78 -31.62 11.83 -8.15
N PHE A 79 -31.81 13.14 -8.29
CA PHE A 79 -31.08 14.13 -7.51
C PHE A 79 -31.97 14.34 -6.28
N HIS A 80 -31.39 14.72 -5.15
CA HIS A 80 -32.14 14.93 -3.92
C HIS A 80 -33.50 15.59 -4.12
N GLU A 81 -33.50 16.77 -4.76
CA GLU A 81 -34.73 17.52 -5.00
C GLU A 81 -35.83 16.66 -5.61
N THR A 82 -35.49 15.94 -6.67
CA THR A 82 -36.46 15.13 -7.38
C THR A 82 -37.08 14.00 -6.58
N LEU A 83 -36.28 13.41 -5.69
CA LEU A 83 -36.75 12.30 -4.86
C LEU A 83 -37.98 12.72 -4.03
N TYR A 84 -38.11 14.01 -3.78
CA TYR A 84 -39.24 14.51 -2.98
C TYR A 84 -40.27 15.31 -3.75
N GLN A 85 -40.26 15.20 -5.08
CA GLN A 85 -41.24 15.91 -5.89
C GLN A 85 -42.35 14.93 -6.28
N LYS A 86 -43.47 15.47 -6.75
CA LYS A 86 -44.60 14.64 -7.14
C LYS A 86 -45.08 14.99 -8.55
N ALA A 87 -45.74 14.03 -9.18
CA ALA A 87 -46.30 14.22 -10.52
C ALA A 87 -47.55 15.08 -10.34
N ASP A 88 -48.11 15.57 -11.43
CA ASP A 88 -49.31 16.40 -11.37
C ASP A 88 -50.45 15.73 -10.63
N ASP A 89 -50.57 14.41 -10.77
CA ASP A 89 -51.63 13.65 -10.12
C ASP A 89 -51.40 13.45 -8.62
N GLY A 90 -50.28 13.95 -8.11
CA GLY A 90 -50.00 13.84 -6.70
C GLY A 90 -49.10 12.67 -6.30
N ARG A 91 -48.83 11.75 -7.21
CA ARG A 91 -47.98 10.62 -6.89
C ARG A 91 -46.52 11.02 -6.74
N PRO A 92 -45.88 10.63 -5.63
CA PRO A 92 -44.47 10.97 -5.42
C PRO A 92 -43.67 10.31 -6.54
N PHE A 93 -42.66 11.01 -7.07
CA PHE A 93 -41.86 10.44 -8.15
C PHE A 93 -41.34 9.04 -7.88
N PRO A 94 -40.88 8.76 -6.66
CA PRO A 94 -40.38 7.40 -6.37
C PRO A 94 -41.46 6.37 -6.64
N GLN A 95 -42.70 6.71 -6.29
CA GLN A 95 -43.84 5.81 -6.52
C GLN A 95 -44.06 5.59 -8.00
N VAL A 96 -43.92 6.65 -8.79
CA VAL A 96 -44.10 6.56 -10.24
C VAL A 96 -43.08 5.62 -10.84
N ILE A 97 -41.83 5.74 -10.39
CA ILE A 97 -40.76 4.90 -10.88
C ILE A 97 -41.01 3.43 -10.56
N LYS A 98 -41.34 3.15 -9.29
CA LYS A 98 -41.60 1.79 -8.84
C LYS A 98 -42.80 1.14 -9.53
N SER A 99 -43.87 1.90 -9.75
CA SER A 99 -45.06 1.36 -10.41
C SER A 99 -44.74 0.85 -11.82
N LYS A 100 -43.71 1.43 -12.43
CA LYS A 100 -43.29 1.04 -13.77
C LYS A 100 -42.24 -0.05 -13.72
N GLY A 101 -42.05 -0.63 -12.53
CA GLY A 101 -41.10 -1.72 -12.36
C GLY A 101 -39.64 -1.31 -12.15
N GLY A 102 -39.40 -0.03 -11.91
CA GLY A 102 -38.02 0.42 -11.72
C GLY A 102 -37.61 0.62 -10.28
N VAL A 103 -36.30 0.52 -10.03
CA VAL A 103 -35.74 0.71 -8.70
C VAL A 103 -35.32 2.17 -8.61
N VAL A 104 -35.53 2.79 -7.45
CA VAL A 104 -35.17 4.19 -7.26
C VAL A 104 -33.76 4.37 -6.71
N GLY A 105 -32.99 5.26 -7.35
CA GLY A 105 -31.64 5.52 -6.91
C GLY A 105 -31.45 6.97 -6.50
N ILE A 106 -30.42 7.24 -5.71
CA ILE A 106 -30.16 8.61 -5.24
C ILE A 106 -28.67 8.99 -5.29
N LYS A 107 -28.38 10.16 -5.86
CA LYS A 107 -26.99 10.62 -5.90
C LYS A 107 -26.66 11.09 -4.49
N VAL A 108 -25.53 10.64 -3.94
CA VAL A 108 -25.17 11.04 -2.59
C VAL A 108 -23.82 11.75 -2.43
N ASP A 109 -23.04 11.85 -3.50
CA ASP A 109 -21.76 12.54 -3.38
C ASP A 109 -22.02 14.04 -3.37
N LYS A 110 -21.04 14.81 -2.90
CA LYS A 110 -21.17 16.26 -2.85
C LYS A 110 -20.17 16.95 -3.78
N GLY A 111 -19.91 16.32 -4.93
CA GLY A 111 -19.01 16.89 -5.92
C GLY A 111 -17.52 16.65 -5.69
N VAL A 112 -16.72 17.01 -6.69
CA VAL A 112 -15.28 16.84 -6.60
C VAL A 112 -14.60 18.03 -5.93
N VAL A 113 -13.44 17.78 -5.35
CA VAL A 113 -12.63 18.81 -4.70
C VAL A 113 -11.19 18.59 -5.17
N PRO A 114 -10.43 19.66 -5.34
CA PRO A 114 -9.04 19.53 -5.80
C PRO A 114 -8.07 18.87 -4.83
N LEU A 115 -7.13 18.10 -5.37
CA LEU A 115 -6.11 17.42 -4.59
C LEU A 115 -4.83 18.26 -4.68
N ALA A 116 -4.46 18.90 -3.58
CA ALA A 116 -3.25 19.74 -3.54
C ALA A 116 -2.02 18.92 -3.93
N GLY A 117 -1.10 19.56 -4.64
CA GLY A 117 0.12 18.88 -5.04
C GLY A 117 -0.02 18.00 -6.27
N THR A 118 -1.13 18.12 -6.99
CA THR A 118 -1.33 17.32 -8.20
C THR A 118 -1.58 18.24 -9.39
N ASN A 119 -1.45 17.67 -10.59
CA ASN A 119 -1.67 18.44 -11.80
C ASN A 119 -3.16 18.51 -12.13
N GLY A 120 -3.90 19.27 -11.32
CA GLY A 120 -5.33 19.43 -11.54
C GLY A 120 -6.20 18.22 -11.29
N GLU A 121 -5.78 17.33 -10.40
CA GLU A 121 -6.57 16.14 -10.10
C GLU A 121 -7.52 16.37 -8.93
N THR A 122 -8.52 15.51 -8.82
CA THR A 122 -9.50 15.65 -7.76
C THR A 122 -9.86 14.35 -7.07
N THR A 123 -10.61 14.52 -5.99
CA THR A 123 -11.16 13.41 -5.24
C THR A 123 -12.59 13.90 -5.06
N THR A 124 -13.43 13.11 -4.41
CA THR A 124 -14.83 13.50 -4.24
C THR A 124 -15.17 13.55 -2.76
N GLN A 125 -16.04 14.49 -2.38
CA GLN A 125 -16.45 14.62 -0.98
C GLN A 125 -17.91 14.19 -0.84
N GLY A 126 -18.35 13.99 0.40
CA GLY A 126 -19.73 13.61 0.63
C GLY A 126 -19.95 12.57 1.72
N LEU A 127 -18.89 12.14 2.39
CA LEU A 127 -19.01 11.12 3.44
C LEU A 127 -19.62 11.63 4.74
N ASP A 128 -19.47 12.91 5.04
CA ASP A 128 -20.01 13.45 6.29
C ASP A 128 -21.51 13.26 6.42
N GLY A 129 -21.92 12.60 7.49
CA GLY A 129 -23.32 12.34 7.75
C GLY A 129 -23.99 11.44 6.70
N LEU A 130 -23.19 10.78 5.87
CA LEU A 130 -23.74 9.93 4.83
C LEU A 130 -24.61 8.78 5.36
N SER A 131 -24.22 8.20 6.49
CA SER A 131 -25.00 7.10 7.05
C SER A 131 -26.42 7.56 7.32
N GLU A 132 -26.57 8.68 8.01
CA GLU A 132 -27.90 9.22 8.33
C GLU A 132 -28.69 9.53 7.07
N ARG A 133 -28.02 10.06 6.06
CA ARG A 133 -28.70 10.39 4.81
C ARG A 133 -29.19 9.14 4.09
N CYS A 134 -28.36 8.10 4.07
CA CYS A 134 -28.72 6.86 3.42
C CYS A 134 -29.92 6.23 4.13
N ALA A 135 -29.93 6.30 5.45
CA ALA A 135 -31.05 5.73 6.19
C ALA A 135 -32.33 6.49 5.85
N GLN A 136 -32.23 7.82 5.73
CA GLN A 136 -33.39 8.64 5.38
C GLN A 136 -33.83 8.34 3.94
N TYR A 137 -32.88 8.26 3.02
CA TYR A 137 -33.19 7.98 1.63
C TYR A 137 -33.83 6.59 1.48
N LYS A 138 -33.38 5.64 2.28
CA LYS A 138 -33.91 4.28 2.23
C LYS A 138 -35.38 4.32 2.65
N LYS A 139 -35.65 5.00 3.76
CA LYS A 139 -37.01 5.13 4.27
C LYS A 139 -37.90 5.84 3.25
N ASP A 140 -37.30 6.71 2.45
CA ASP A 140 -38.07 7.46 1.47
C ASP A 140 -38.13 6.87 0.06
N GLY A 141 -37.81 5.59 -0.08
CA GLY A 141 -37.92 4.96 -1.37
C GLY A 141 -36.69 4.57 -2.18
N ALA A 142 -35.51 5.05 -1.81
CA ALA A 142 -34.31 4.70 -2.56
C ALA A 142 -33.72 3.35 -2.14
N ASP A 143 -33.27 2.59 -3.13
CA ASP A 143 -32.65 1.28 -2.88
C ASP A 143 -31.19 1.22 -3.34
N PHE A 144 -30.76 2.21 -4.13
CA PHE A 144 -29.36 2.25 -4.56
C PHE A 144 -28.85 3.69 -4.61
N ALA A 145 -27.53 3.85 -4.65
CA ALA A 145 -26.96 5.19 -4.67
C ALA A 145 -25.89 5.37 -5.73
N LYS A 146 -25.56 6.63 -5.99
CA LYS A 146 -24.55 6.97 -6.99
C LYS A 146 -23.54 7.93 -6.37
N TRP A 147 -22.27 7.67 -6.68
CA TRP A 147 -21.16 8.49 -6.19
C TRP A 147 -20.16 8.49 -7.32
N ARG A 148 -19.84 9.68 -7.81
CA ARG A 148 -18.92 9.82 -8.92
C ARG A 148 -17.53 10.34 -8.57
N CYS A 149 -16.51 9.58 -8.96
CA CYS A 149 -15.12 9.99 -8.77
C CYS A 149 -14.64 10.27 -10.19
N VAL A 150 -13.70 11.19 -10.35
CA VAL A 150 -13.22 11.56 -11.68
C VAL A 150 -11.71 11.54 -11.81
N LEU A 151 -11.21 10.83 -12.81
CA LEU A 151 -9.78 10.74 -13.08
C LEU A 151 -9.53 11.19 -14.51
N LYS A 152 -8.35 11.72 -14.78
CA LYS A 152 -8.03 12.19 -16.12
C LYS A 152 -6.70 11.62 -16.60
N ILE A 153 -6.63 11.32 -17.89
CA ILE A 153 -5.42 10.78 -18.50
C ILE A 153 -4.59 11.94 -19.02
N GLY A 154 -3.39 12.08 -18.48
CA GLY A 154 -2.49 13.15 -18.89
C GLY A 154 -1.05 12.68 -18.79
N GLU A 155 -0.12 13.62 -18.96
CA GLU A 155 1.30 13.29 -18.89
C GLU A 155 1.70 12.74 -17.53
N HIS A 156 1.09 13.28 -16.47
CA HIS A 156 1.40 12.85 -15.11
C HIS A 156 0.17 12.40 -14.35
N THR A 157 -0.91 12.08 -15.08
CA THR A 157 -2.14 11.65 -14.44
C THR A 157 -2.76 10.47 -15.18
N PRO A 158 -3.52 9.62 -14.46
CA PRO A 158 -3.81 9.75 -13.02
C PRO A 158 -2.63 9.33 -12.15
N SER A 159 -2.26 10.20 -11.22
CA SER A 159 -1.14 9.93 -10.31
C SER A 159 -1.49 8.85 -9.30
N ALA A 160 -0.47 8.30 -8.64
CA ALA A 160 -0.67 7.27 -7.63
C ALA A 160 -1.55 7.81 -6.50
N LEU A 161 -1.37 9.07 -6.13
CA LEU A 161 -2.18 9.69 -5.09
C LEU A 161 -3.65 9.72 -5.47
N ALA A 162 -3.94 10.24 -6.66
CA ALA A 162 -5.33 10.35 -7.13
C ALA A 162 -5.99 8.97 -7.24
N ILE A 163 -5.26 7.99 -7.74
CA ILE A 163 -5.81 6.65 -7.87
C ILE A 163 -6.13 6.08 -6.50
N MET A 164 -5.14 6.13 -5.61
CA MET A 164 -5.32 5.59 -4.26
C MET A 164 -6.42 6.29 -3.47
N GLU A 165 -6.44 7.62 -3.50
CA GLU A 165 -7.45 8.38 -2.75
C GLU A 165 -8.87 8.16 -3.27
N ASN A 166 -9.05 8.20 -4.58
CA ASN A 166 -10.39 8.01 -5.14
C ASN A 166 -10.94 6.62 -4.90
N ALA A 167 -10.07 5.61 -4.99
CA ALA A 167 -10.50 4.23 -4.76
C ALA A 167 -10.89 4.08 -3.30
N ASN A 168 -10.12 4.72 -2.42
CA ASN A 168 -10.42 4.62 -1.01
C ASN A 168 -11.73 5.29 -0.64
N VAL A 169 -11.98 6.48 -1.18
CA VAL A 169 -13.22 7.17 -0.85
C VAL A 169 -14.42 6.41 -1.40
N LEU A 170 -14.23 5.73 -2.53
CA LEU A 170 -15.30 4.96 -3.13
C LEU A 170 -15.67 3.80 -2.20
N ALA A 171 -14.65 3.19 -1.59
CA ALA A 171 -14.87 2.08 -0.68
C ALA A 171 -15.60 2.53 0.59
N ARG A 172 -15.23 3.70 1.10
CA ARG A 172 -15.88 4.23 2.30
C ARG A 172 -17.36 4.45 2.02
N TYR A 173 -17.64 5.06 0.87
CA TYR A 173 -19.01 5.34 0.44
C TYR A 173 -19.79 4.04 0.29
N ALA A 174 -19.16 3.03 -0.32
CA ALA A 174 -19.82 1.75 -0.53
C ALA A 174 -20.13 1.08 0.80
N SER A 175 -19.19 1.16 1.73
CA SER A 175 -19.36 0.55 3.05
C SER A 175 -20.56 1.16 3.78
N ILE A 176 -20.60 2.49 3.81
CA ILE A 176 -21.70 3.18 4.48
C ILE A 176 -23.05 2.87 3.83
N CYS A 177 -23.09 2.82 2.51
CA CYS A 177 -24.35 2.50 1.82
C CYS A 177 -24.87 1.13 2.20
N GLN A 178 -24.00 0.12 2.15
CA GLN A 178 -24.41 -1.24 2.47
C GLN A 178 -24.89 -1.43 3.91
N GLN A 179 -24.37 -0.61 4.81
CA GLN A 179 -24.80 -0.69 6.20
C GLN A 179 -26.23 -0.19 6.34
N ASN A 180 -26.73 0.49 5.32
CA ASN A 180 -28.08 1.03 5.37
C ASN A 180 -29.04 0.42 4.34
N GLY A 181 -28.68 -0.75 3.83
CA GLY A 181 -29.53 -1.42 2.86
C GLY A 181 -29.55 -0.78 1.49
N ILE A 182 -28.55 0.02 1.19
CA ILE A 182 -28.49 0.69 -0.11
C ILE A 182 -27.37 0.11 -0.98
N VAL A 183 -27.72 -0.28 -2.20
CA VAL A 183 -26.72 -0.84 -3.11
C VAL A 183 -25.88 0.30 -3.68
N PRO A 184 -24.57 0.27 -3.45
CA PRO A 184 -23.73 1.34 -3.98
C PRO A 184 -23.24 1.07 -5.39
N ILE A 185 -23.38 2.06 -6.26
CA ILE A 185 -22.86 1.93 -7.61
C ILE A 185 -21.52 2.66 -7.55
N VAL A 186 -20.44 1.91 -7.74
CA VAL A 186 -19.09 2.47 -7.69
C VAL A 186 -18.75 3.04 -9.06
N GLU A 187 -18.56 4.35 -9.13
CA GLU A 187 -18.27 5.00 -10.39
C GLU A 187 -16.92 5.69 -10.49
N PRO A 188 -15.90 4.97 -10.96
CA PRO A 188 -14.57 5.57 -11.10
C PRO A 188 -14.43 5.98 -12.56
N GLU A 189 -14.94 7.16 -12.91
CA GLU A 189 -14.87 7.60 -14.29
C GLU A 189 -13.53 8.16 -14.73
N ILE A 190 -13.00 7.59 -15.80
CA ILE A 190 -11.75 8.07 -16.37
C ILE A 190 -12.19 8.89 -17.59
N LEU A 191 -11.98 10.20 -17.52
CA LEU A 191 -12.37 11.10 -18.60
C LEU A 191 -11.71 10.73 -19.93
N PRO A 192 -12.40 11.04 -21.05
CA PRO A 192 -11.86 10.73 -22.38
C PRO A 192 -11.04 11.90 -22.94
N ASP A 193 -10.83 12.92 -22.11
CA ASP A 193 -10.06 14.10 -22.52
C ASP A 193 -8.62 13.79 -22.90
N GLY A 194 -8.15 14.39 -23.98
CA GLY A 194 -6.78 14.16 -24.41
C GLY A 194 -6.64 13.47 -25.74
N ASP A 195 -5.41 13.32 -26.20
CA ASP A 195 -5.14 12.67 -27.48
C ASP A 195 -4.54 11.28 -27.33
N HIS A 196 -4.68 10.69 -26.15
CA HIS A 196 -4.15 9.35 -25.92
C HIS A 196 -4.93 8.38 -26.79
N ASP A 197 -4.32 7.23 -27.09
CA ASP A 197 -4.96 6.22 -27.92
C ASP A 197 -5.74 5.19 -27.11
N LEU A 198 -6.30 4.20 -27.80
CA LEU A 198 -7.10 3.15 -27.17
C LEU A 198 -6.36 2.30 -26.13
N LYS A 199 -5.16 1.84 -26.48
CA LYS A 199 -4.40 1.01 -25.55
C LYS A 199 -4.00 1.76 -24.30
N ARG A 200 -3.82 3.08 -24.41
CA ARG A 200 -3.45 3.89 -23.25
C ARG A 200 -4.65 3.95 -22.31
N CYS A 201 -5.85 4.07 -22.86
CA CYS A 201 -7.03 4.14 -22.02
C CYS A 201 -7.23 2.79 -21.36
N GLN A 202 -7.01 1.72 -22.13
CA GLN A 202 -7.20 0.37 -21.59
C GLN A 202 -6.26 0.12 -20.42
N TYR A 203 -5.00 0.55 -20.56
CA TYR A 203 -4.00 0.38 -19.52
C TYR A 203 -4.41 1.10 -18.23
N VAL A 204 -4.74 2.39 -18.37
CA VAL A 204 -5.14 3.19 -17.22
C VAL A 204 -6.41 2.63 -16.57
N THR A 205 -7.36 2.22 -17.41
CA THR A 205 -8.62 1.67 -16.90
C THR A 205 -8.33 0.41 -16.09
N GLU A 206 -7.42 -0.42 -16.57
CA GLU A 206 -7.05 -1.65 -15.86
C GLU A 206 -6.39 -1.34 -14.51
N LYS A 207 -5.48 -0.37 -14.49
CA LYS A 207 -4.80 -0.03 -13.24
C LYS A 207 -5.80 0.56 -12.24
N VAL A 208 -6.67 1.44 -12.73
CA VAL A 208 -7.65 2.06 -11.86
C VAL A 208 -8.61 1.03 -11.26
N LEU A 209 -9.14 0.14 -12.08
CA LEU A 209 -10.07 -0.86 -11.57
C LEU A 209 -9.42 -1.83 -10.57
N ALA A 210 -8.15 -2.14 -10.79
CA ALA A 210 -7.44 -3.04 -9.88
C ALA A 210 -7.35 -2.36 -8.52
N ALA A 211 -7.08 -1.06 -8.54
CA ALA A 211 -6.99 -0.30 -7.29
C ALA A 211 -8.36 -0.25 -6.64
N VAL A 212 -9.38 0.02 -7.44
CA VAL A 212 -10.74 0.10 -6.91
C VAL A 212 -11.14 -1.19 -6.19
N TYR A 213 -10.94 -2.35 -6.82
CA TYR A 213 -11.36 -3.62 -6.16
C TYR A 213 -10.48 -4.01 -4.99
N LYS A 214 -9.22 -3.57 -4.94
CA LYS A 214 -8.37 -3.88 -3.77
C LYS A 214 -8.90 -3.05 -2.61
N ALA A 215 -9.29 -1.82 -2.89
CA ALA A 215 -9.82 -0.94 -1.85
C ALA A 215 -11.15 -1.48 -1.33
N LEU A 216 -12.00 -1.99 -2.22
CA LEU A 216 -13.29 -2.53 -1.81
C LEU A 216 -13.08 -3.74 -0.90
N SER A 217 -12.03 -4.52 -1.19
CA SER A 217 -11.70 -5.69 -0.39
C SER A 217 -11.18 -5.27 0.97
N ASP A 218 -10.30 -4.27 1.00
CA ASP A 218 -9.74 -3.79 2.27
C ASP A 218 -10.85 -3.24 3.17
N HIS A 219 -11.90 -2.68 2.57
CA HIS A 219 -13.02 -2.12 3.33
C HIS A 219 -14.17 -3.11 3.55
N HIS A 220 -13.93 -4.37 3.21
CA HIS A 220 -14.91 -5.44 3.40
C HIS A 220 -16.22 -5.23 2.66
N ILE A 221 -16.15 -4.78 1.42
CA ILE A 221 -17.34 -4.53 0.63
C ILE A 221 -17.92 -5.84 0.08
N TYR A 222 -19.25 -5.97 0.15
CA TYR A 222 -19.96 -7.13 -0.35
C TYR A 222 -20.19 -6.89 -1.84
N LEU A 223 -19.32 -7.47 -2.67
CA LEU A 223 -19.39 -7.26 -4.12
C LEU A 223 -20.70 -7.64 -4.81
N GLU A 224 -21.33 -8.72 -4.36
CA GLU A 224 -22.59 -9.16 -4.94
C GLU A 224 -23.66 -8.10 -4.73
N GLY A 225 -23.45 -7.25 -3.74
CA GLY A 225 -24.39 -6.19 -3.44
C GLY A 225 -23.93 -4.84 -3.97
N THR A 226 -23.19 -4.85 -5.08
CA THR A 226 -22.70 -3.62 -5.69
C THR A 226 -22.80 -3.69 -7.21
N LEU A 227 -22.65 -2.53 -7.83
CA LEU A 227 -22.64 -2.43 -9.28
C LEU A 227 -21.44 -1.54 -9.62
N LEU A 228 -20.88 -1.71 -10.81
CA LEU A 228 -19.74 -0.91 -11.24
C LEU A 228 -20.16 -0.02 -12.41
N LYS A 229 -19.81 1.26 -12.34
CA LYS A 229 -20.13 2.20 -13.42
C LYS A 229 -18.82 2.78 -13.96
N PRO A 230 -18.19 2.07 -14.89
CA PRO A 230 -16.93 2.56 -15.46
C PRO A 230 -17.14 3.17 -16.83
N ASN A 231 -16.09 3.80 -17.35
CA ASN A 231 -16.13 4.37 -18.68
C ASN A 231 -15.91 3.17 -19.59
N MET A 232 -16.29 3.29 -20.85
CA MET A 232 -16.01 2.22 -21.80
C MET A 232 -14.56 2.54 -22.11
N VAL A 233 -13.81 1.61 -22.67
CA VAL A 233 -12.42 1.88 -23.01
C VAL A 233 -12.42 2.44 -24.44
N THR A 234 -12.03 3.71 -24.57
CA THR A 234 -12.01 4.38 -25.87
C THR A 234 -10.80 5.30 -26.00
N PRO A 235 -10.47 5.72 -27.23
CA PRO A 235 -9.33 6.62 -27.38
C PRO A 235 -9.75 8.00 -26.90
N GLY A 236 -8.78 8.87 -26.61
CA GLY A 236 -9.12 10.20 -26.15
C GLY A 236 -9.87 10.96 -27.23
N HIS A 237 -10.63 11.97 -26.82
CA HIS A 237 -11.40 12.77 -27.77
C HIS A 237 -10.55 13.36 -28.90
N ALA A 238 -9.32 13.76 -28.57
CA ALA A 238 -8.45 14.37 -29.58
C ALA A 238 -7.51 13.39 -30.27
N CYS A 239 -7.74 12.10 -30.08
CA CYS A 239 -6.89 11.10 -30.70
C CYS A 239 -7.15 11.06 -32.20
N THR A 240 -6.09 11.09 -32.99
CA THR A 240 -6.23 11.08 -34.45
C THR A 240 -6.37 9.69 -35.06
N GLN A 241 -6.06 8.65 -34.28
CA GLN A 241 -6.20 7.28 -34.80
C GLN A 241 -7.65 6.85 -34.65
N LYS A 242 -8.17 6.17 -35.67
CA LYS A 242 -9.56 5.72 -35.66
C LYS A 242 -9.71 4.24 -35.32
N TYR A 243 -10.76 3.92 -34.56
CA TYR A 243 -11.01 2.54 -34.17
C TYR A 243 -12.45 2.15 -34.48
N SER A 244 -12.70 0.85 -34.63
CA SER A 244 -14.03 0.35 -34.90
C SER A 244 -14.72 0.02 -33.58
N HIS A 245 -16.04 -0.13 -33.63
CA HIS A 245 -16.79 -0.44 -32.41
C HIS A 245 -16.37 -1.79 -31.85
N GLU A 246 -15.94 -2.70 -32.73
CA GLU A 246 -15.50 -4.01 -32.31
C GLU A 246 -14.22 -3.91 -31.49
N GLU A 247 -13.37 -2.95 -31.85
CA GLU A 247 -12.10 -2.75 -31.13
C GLU A 247 -12.37 -2.12 -29.76
N ILE A 248 -13.30 -1.18 -29.73
CA ILE A 248 -13.67 -0.51 -28.48
C ILE A 248 -14.22 -1.58 -27.54
N ALA A 249 -15.08 -2.45 -28.08
CA ALA A 249 -15.68 -3.53 -27.31
C ALA A 249 -14.65 -4.49 -26.76
N MET A 250 -13.72 -4.90 -27.61
CA MET A 250 -12.68 -5.84 -27.21
C MET A 250 -11.79 -5.24 -26.11
N ALA A 251 -11.42 -3.98 -26.26
CA ALA A 251 -10.58 -3.32 -25.26
C ALA A 251 -11.35 -3.18 -23.95
N THR A 252 -12.62 -2.84 -24.06
CA THR A 252 -13.48 -2.68 -22.89
C THR A 252 -13.69 -3.97 -22.13
N VAL A 253 -14.09 -5.01 -22.84
CA VAL A 253 -14.34 -6.32 -22.22
C VAL A 253 -13.05 -6.94 -21.68
N THR A 254 -11.95 -6.74 -22.38
CA THR A 254 -10.66 -7.26 -21.92
C THR A 254 -10.27 -6.60 -20.61
N ALA A 255 -10.40 -5.28 -20.55
CA ALA A 255 -10.05 -4.55 -19.34
C ALA A 255 -10.86 -5.06 -18.15
N LEU A 256 -12.17 -5.18 -18.32
CA LEU A 256 -13.05 -5.66 -17.26
C LEU A 256 -12.72 -7.10 -16.84
N ARG A 257 -12.45 -7.95 -17.82
CA ARG A 257 -12.12 -9.34 -17.52
C ARG A 257 -10.84 -9.50 -16.69
N ARG A 258 -9.93 -8.55 -16.81
CA ARG A 258 -8.67 -8.60 -16.08
C ARG A 258 -8.70 -7.95 -14.69
N THR A 259 -9.84 -7.38 -14.31
CA THR A 259 -9.91 -6.67 -13.04
C THR A 259 -11.18 -6.83 -12.20
N VAL A 260 -12.32 -7.02 -12.86
CA VAL A 260 -13.59 -7.14 -12.15
C VAL A 260 -13.97 -8.56 -11.74
N PRO A 261 -14.00 -8.85 -10.43
CA PRO A 261 -14.35 -10.19 -9.95
C PRO A 261 -15.75 -10.60 -10.41
N PRO A 262 -15.93 -11.89 -10.72
CA PRO A 262 -17.20 -12.46 -11.18
C PRO A 262 -18.34 -12.15 -10.20
N ALA A 263 -18.00 -12.02 -8.93
CA ALA A 263 -18.99 -11.74 -7.89
C ALA A 263 -19.74 -10.43 -8.13
N VAL A 264 -19.13 -9.48 -8.84
CA VAL A 264 -19.79 -8.21 -9.11
C VAL A 264 -21.05 -8.49 -9.94
N THR A 265 -22.19 -8.07 -9.41
CA THR A 265 -23.47 -8.31 -10.07
C THR A 265 -23.65 -7.71 -11.46
N GLY A 266 -23.16 -6.50 -11.68
CA GLY A 266 -23.33 -5.93 -12.99
C GLY A 266 -22.49 -4.69 -13.26
N VAL A 267 -22.29 -4.41 -14.55
CA VAL A 267 -21.53 -3.25 -14.99
C VAL A 267 -22.49 -2.34 -15.75
N THR A 268 -22.66 -1.11 -15.26
CA THR A 268 -23.55 -0.14 -15.89
C THR A 268 -22.71 1.02 -16.44
N PHE A 269 -22.33 0.90 -17.71
CA PHE A 269 -21.49 1.89 -18.38
C PHE A 269 -21.99 3.31 -18.45
N LEU A 270 -21.07 4.26 -18.26
CA LEU A 270 -21.40 5.67 -18.39
C LEU A 270 -21.06 5.92 -19.85
N SER A 271 -21.73 6.87 -20.49
CA SER A 271 -21.49 7.13 -21.89
C SER A 271 -20.49 8.24 -22.17
N GLY A 272 -20.13 8.99 -21.13
CA GLY A 272 -19.17 10.08 -21.29
C GLY A 272 -19.56 11.10 -22.35
N GLY A 273 -18.70 11.31 -23.34
CA GLY A 273 -19.00 12.27 -24.38
C GLY A 273 -19.62 11.67 -25.62
N GLN A 274 -20.03 10.40 -25.56
CA GLN A 274 -20.61 9.73 -26.71
C GLN A 274 -22.03 10.23 -27.01
N SER A 275 -22.41 10.19 -28.29
CA SER A 275 -23.75 10.61 -28.69
C SER A 275 -24.69 9.46 -28.36
N GLU A 276 -25.99 9.69 -28.47
CA GLU A 276 -26.98 8.66 -28.18
C GLU A 276 -26.77 7.39 -28.99
N GLU A 277 -26.61 7.56 -30.31
CA GLU A 277 -26.42 6.42 -31.19
C GLU A 277 -25.10 5.71 -30.91
N GLU A 278 -24.04 6.48 -30.74
CA GLU A 278 -22.71 5.93 -30.47
C GLU A 278 -22.72 5.08 -29.21
N ALA A 279 -23.32 5.60 -28.14
CA ALA A 279 -23.40 4.88 -26.89
C ALA A 279 -24.14 3.55 -27.04
N SER A 280 -25.19 3.54 -27.85
CA SER A 280 -25.96 2.31 -28.05
C SER A 280 -25.17 1.30 -28.89
N ILE A 281 -24.57 1.79 -29.97
CA ILE A 281 -23.79 0.93 -30.85
C ILE A 281 -22.63 0.28 -30.09
N ASN A 282 -21.95 1.06 -29.25
CA ASN A 282 -20.83 0.51 -28.49
C ASN A 282 -21.26 -0.48 -27.42
N LEU A 283 -22.39 -0.23 -26.77
CA LEU A 283 -22.87 -1.15 -25.74
C LEU A 283 -23.26 -2.47 -26.38
N ASN A 284 -23.78 -2.39 -27.61
CA ASN A 284 -24.19 -3.56 -28.37
C ASN A 284 -22.97 -4.40 -28.73
N ALA A 285 -21.94 -3.75 -29.26
CA ALA A 285 -20.70 -4.44 -29.64
C ALA A 285 -20.07 -5.12 -28.42
N ILE A 286 -20.17 -4.47 -27.26
CA ILE A 286 -19.62 -5.02 -26.03
C ILE A 286 -20.30 -6.34 -25.67
N ASN A 287 -21.62 -6.37 -25.84
CA ASN A 287 -22.39 -7.57 -25.53
C ASN A 287 -22.22 -8.67 -26.58
N LYS A 288 -21.74 -8.30 -27.77
CA LYS A 288 -21.54 -9.29 -28.82
C LYS A 288 -20.10 -9.79 -28.81
N CYS A 289 -19.24 -9.12 -28.04
CA CYS A 289 -17.84 -9.51 -27.95
C CYS A 289 -17.81 -10.98 -27.53
N PRO A 290 -17.07 -11.82 -28.28
CA PRO A 290 -16.91 -13.27 -28.05
C PRO A 290 -16.50 -13.72 -26.66
N LEU A 291 -15.60 -12.96 -26.04
CA LEU A 291 -15.09 -13.31 -24.71
C LEU A 291 -16.19 -13.56 -23.69
N LEU A 292 -15.88 -14.37 -22.68
CA LEU A 292 -16.84 -14.70 -21.64
C LEU A 292 -16.97 -13.53 -20.65
N LYS A 293 -18.19 -13.10 -20.40
CA LYS A 293 -18.46 -12.01 -19.46
C LYS A 293 -19.35 -12.51 -18.33
N PRO A 294 -18.80 -12.62 -17.11
CA PRO A 294 -19.53 -13.09 -15.93
C PRO A 294 -20.44 -12.09 -15.25
N TRP A 295 -20.61 -10.91 -15.85
CA TRP A 295 -21.48 -9.91 -15.26
C TRP A 295 -22.36 -9.27 -16.32
N ALA A 296 -23.49 -8.74 -15.90
CA ALA A 296 -24.39 -8.08 -16.83
C ALA A 296 -23.66 -6.86 -17.36
N LEU A 297 -23.78 -6.62 -18.65
CA LEU A 297 -23.14 -5.46 -19.26
C LEU A 297 -24.25 -4.59 -19.82
N THR A 298 -24.58 -3.53 -19.10
CA THR A 298 -25.67 -2.65 -19.53
C THR A 298 -25.35 -1.16 -19.43
N PHE A 299 -26.38 -0.32 -19.41
CA PHE A 299 -26.19 1.12 -19.38
C PHE A 299 -26.70 1.83 -18.13
N SER A 300 -26.19 3.05 -17.97
CA SER A 300 -26.56 3.97 -16.90
C SER A 300 -26.27 5.29 -17.56
N TYR A 301 -27.14 5.63 -18.51
CA TYR A 301 -27.00 6.84 -19.30
C TYR A 301 -27.83 8.04 -18.89
N GLY A 302 -27.26 9.23 -19.08
N GLY A 302 -27.25 9.22 -19.11
CA GLY A 302 -27.96 10.46 -18.73
CA GLY A 302 -27.95 10.46 -18.83
C GLY A 302 -28.19 11.26 -19.99
C GLY A 302 -28.19 11.05 -20.21
N ARG A 303 -27.10 11.63 -20.65
N ARG A 303 -27.22 11.84 -20.67
CA ARG A 303 -27.15 12.39 -21.89
CA ARG A 303 -27.27 12.48 -21.98
C ARG A 303 -27.53 11.49 -23.06
C ARG A 303 -27.70 11.50 -23.07
N ALA A 304 -27.08 10.25 -23.00
N ALA A 304 -27.07 10.33 -23.08
CA ALA A 304 -27.35 9.27 -24.07
CA ALA A 304 -27.35 9.29 -24.08
C ALA A 304 -28.79 8.79 -24.08
C ALA A 304 -28.80 8.81 -24.09
N LEU A 305 -29.58 9.21 -23.09
CA LEU A 305 -30.99 8.82 -23.01
C LEU A 305 -31.91 10.02 -23.11
N GLN A 306 -31.38 11.20 -22.76
CA GLN A 306 -32.17 12.44 -22.74
C GLN A 306 -31.91 13.47 -23.84
N ALA A 307 -30.73 13.41 -24.47
CA ALA A 307 -30.36 14.38 -25.49
C ALA A 307 -31.50 14.85 -26.40
N SER A 308 -32.01 13.94 -27.22
CA SER A 308 -33.09 14.27 -28.15
C SER A 308 -34.39 14.68 -27.45
N ALA A 309 -34.70 14.01 -26.35
CA ALA A 309 -35.91 14.31 -25.59
C ALA A 309 -35.91 15.75 -25.09
N LEU A 310 -34.78 16.18 -24.54
CA LEU A 310 -34.64 17.53 -24.01
C LEU A 310 -34.84 18.56 -25.11
N LYS A 311 -34.23 18.32 -26.26
CA LYS A 311 -34.32 19.23 -27.39
C LYS A 311 -35.73 19.24 -27.98
N ALA A 312 -36.37 18.07 -28.04
CA ALA A 312 -37.73 17.97 -28.57
C ALA A 312 -38.70 18.73 -27.66
N TRP A 313 -38.43 18.71 -26.36
CA TRP A 313 -39.27 19.39 -25.38
C TRP A 313 -39.17 20.90 -25.53
N GLY A 314 -37.95 21.42 -25.53
CA GLY A 314 -37.76 22.84 -25.68
C GLY A 314 -38.45 23.69 -24.63
N GLY A 315 -38.79 23.07 -23.50
CA GLY A 315 -39.45 23.80 -22.44
C GLY A 315 -40.93 24.02 -22.69
N LYS A 316 -41.43 23.50 -23.80
CA LYS A 316 -42.84 23.66 -24.17
C LYS A 316 -43.67 22.43 -23.82
N LYS A 317 -44.63 22.62 -22.91
CA LYS A 317 -45.50 21.53 -22.48
C LYS A 317 -46.23 20.90 -23.66
N GLU A 318 -46.36 21.65 -24.75
CA GLU A 318 -47.05 21.16 -25.95
C GLU A 318 -46.25 20.04 -26.61
N ASN A 319 -44.95 20.00 -26.35
CA ASN A 319 -44.06 19.01 -26.94
C ASN A 319 -43.88 17.76 -26.07
N LEU A 320 -44.71 17.60 -25.05
CA LEU A 320 -44.60 16.46 -24.15
C LEU A 320 -44.45 15.12 -24.85
N LYS A 321 -45.44 14.75 -25.66
CA LYS A 321 -45.40 13.48 -26.38
C LYS A 321 -44.22 13.35 -27.33
N ALA A 322 -43.91 14.43 -28.05
CA ALA A 322 -42.79 14.39 -28.99
C ALA A 322 -41.49 14.14 -28.21
N ALA A 323 -41.33 14.84 -27.09
CA ALA A 323 -40.16 14.70 -26.26
C ALA A 323 -40.03 13.29 -25.68
N GLN A 324 -41.11 12.78 -25.10
CA GLN A 324 -41.10 11.44 -24.50
C GLN A 324 -40.78 10.37 -25.53
N GLU A 325 -41.26 10.57 -26.75
CA GLU A 325 -41.04 9.62 -27.84
C GLU A 325 -39.55 9.43 -28.11
N GLU A 326 -38.79 10.53 -28.03
CA GLU A 326 -37.35 10.46 -28.26
C GLU A 326 -36.69 9.63 -27.17
N TYR A 327 -37.10 9.87 -25.92
CA TYR A 327 -36.57 9.14 -24.78
C TYR A 327 -36.91 7.66 -24.91
N VAL A 328 -38.15 7.35 -25.25
CA VAL A 328 -38.57 5.96 -25.39
C VAL A 328 -37.75 5.23 -26.45
N LYS A 329 -37.47 5.91 -27.56
CA LYS A 329 -36.67 5.28 -28.63
C LYS A 329 -35.26 4.93 -28.16
N ARG A 330 -34.65 5.80 -27.36
CA ARG A 330 -33.31 5.53 -26.86
C ARG A 330 -33.37 4.42 -25.80
N ALA A 331 -34.44 4.42 -25.01
CA ALA A 331 -34.61 3.40 -23.98
C ALA A 331 -34.72 2.04 -24.65
N LEU A 332 -35.48 1.98 -25.74
CA LEU A 332 -35.66 0.74 -26.48
C LEU A 332 -34.35 0.35 -27.17
N ALA A 333 -33.67 1.32 -27.76
CA ALA A 333 -32.42 1.04 -28.45
C ALA A 333 -31.40 0.42 -27.51
N ASN A 334 -31.26 1.00 -26.32
CA ASN A 334 -30.30 0.50 -25.36
C ASN A 334 -30.71 -0.81 -24.70
N SER A 335 -32.02 -1.06 -24.59
CA SER A 335 -32.47 -2.32 -24.02
C SER A 335 -32.01 -3.43 -24.97
N LEU A 336 -32.16 -3.20 -26.27
CA LEU A 336 -31.72 -4.19 -27.25
C LEU A 336 -30.20 -4.28 -27.20
N ALA A 337 -29.56 -3.12 -27.05
CA ALA A 337 -28.10 -3.06 -27.01
C ALA A 337 -27.51 -3.89 -25.88
N CYS A 338 -28.04 -3.76 -24.66
CA CYS A 338 -27.49 -4.51 -23.55
C CYS A 338 -27.75 -6.01 -23.68
N GLN A 339 -28.33 -6.40 -24.80
CA GLN A 339 -28.62 -7.81 -25.11
C GLN A 339 -27.91 -8.18 -26.40
N GLY A 340 -27.24 -7.21 -27.01
CA GLY A 340 -26.52 -7.44 -28.25
C GLY A 340 -27.44 -7.71 -29.43
N LYS A 341 -28.60 -7.06 -29.43
CA LYS A 341 -29.56 -7.24 -30.51
C LYS A 341 -29.97 -5.91 -31.15
N TYR A 342 -29.12 -4.89 -31.04
CA TYR A 342 -29.41 -3.59 -31.60
C TYR A 342 -28.81 -3.37 -32.98
N THR A 343 -29.62 -2.83 -33.88
CA THR A 343 -29.19 -2.53 -35.24
C THR A 343 -29.81 -1.18 -35.64
N PRO A 344 -28.98 -0.13 -35.72
CA PRO A 344 -29.40 1.23 -36.07
C PRO A 344 -30.31 1.31 -37.29
N SER A 345 -31.03 2.42 -37.39
CA SER A 345 -31.96 2.66 -38.50
C SER A 345 -32.96 1.51 -38.64
N ASN A 360 -7.30 -11.48 -30.19
CA ASN A 360 -7.45 -10.67 -28.97
C ASN A 360 -6.23 -10.62 -28.07
N HIS A 361 -5.07 -10.98 -28.61
CA HIS A 361 -3.80 -10.98 -27.88
C HIS A 361 -3.12 -9.64 -28.07
N ALA A 362 -3.73 -8.86 -28.95
CA ALA A 362 -3.26 -7.55 -29.29
C ALA A 362 -3.75 -6.54 -28.25
N TYR A 363 -4.46 -7.03 -27.26
CA TYR A 363 -5.01 -6.21 -26.18
C TYR A 363 -4.35 -6.56 -24.84
N PRO B 1 8.20 9.97 -9.69
CA PRO B 1 6.98 10.80 -9.59
C PRO B 1 7.24 12.23 -10.08
N HIS B 2 6.18 13.00 -10.26
CA HIS B 2 6.31 14.38 -10.74
C HIS B 2 5.81 15.40 -9.73
N SER B 3 6.57 16.50 -9.59
CA SER B 3 6.22 17.55 -8.65
C SER B 3 5.31 18.65 -9.20
N HIS B 4 4.32 19.00 -8.39
CA HIS B 4 3.35 20.05 -8.71
C HIS B 4 3.13 20.74 -7.37
N PRO B 5 4.09 21.56 -6.94
CA PRO B 5 4.06 22.29 -5.68
C PRO B 5 2.68 22.58 -5.10
N ALA B 6 2.42 22.01 -3.93
CA ALA B 6 1.15 22.21 -3.26
C ALA B 6 1.19 23.59 -2.61
N LEU B 7 2.39 24.04 -2.24
CA LEU B 7 2.57 25.32 -1.58
C LEU B 7 3.72 26.15 -2.16
N THR B 8 3.60 27.48 -2.07
CA THR B 8 4.63 28.38 -2.54
C THR B 8 5.57 28.64 -1.37
N PRO B 9 6.75 29.21 -1.62
CA PRO B 9 7.66 29.47 -0.50
C PRO B 9 7.01 30.36 0.56
N GLU B 10 6.17 31.29 0.11
CA GLU B 10 5.49 32.20 1.03
C GLU B 10 4.48 31.48 1.92
N GLN B 11 3.73 30.54 1.34
CA GLN B 11 2.75 29.78 2.12
C GLN B 11 3.46 28.88 3.11
N LYS B 12 4.61 28.33 2.70
CA LYS B 12 5.38 27.47 3.58
C LYS B 12 5.89 28.28 4.77
N LYS B 13 6.40 29.48 4.51
CA LYS B 13 6.91 30.31 5.58
C LYS B 13 5.83 30.59 6.62
N GLU B 14 4.66 31.00 6.15
CA GLU B 14 3.55 31.30 7.03
C GLU B 14 3.21 30.12 7.95
N LEU B 15 3.09 28.94 7.37
CA LEU B 15 2.77 27.74 8.13
C LEU B 15 3.85 27.37 9.13
N SER B 16 5.11 27.43 8.69
CA SER B 16 6.22 27.10 9.57
C SER B 16 6.33 28.11 10.73
N ASP B 17 6.16 29.40 10.43
CA ASP B 17 6.23 30.40 11.48
C ASP B 17 5.15 30.16 12.54
N ILE B 18 3.94 29.82 12.09
CA ILE B 18 2.85 29.56 13.02
C ILE B 18 3.16 28.34 13.90
N ALA B 19 3.55 27.24 13.26
CA ALA B 19 3.85 26.03 14.01
C ALA B 19 4.93 26.26 15.07
N HIS B 20 5.95 27.03 14.73
CA HIS B 20 7.03 27.31 15.67
C HIS B 20 6.58 28.19 16.84
N ARG B 21 5.68 29.13 16.58
CA ARG B 21 5.19 30.02 17.64
C ARG B 21 4.41 29.24 18.68
N ILE B 22 3.63 28.28 18.23
CA ILE B 22 2.82 27.47 19.14
C ILE B 22 3.66 26.62 20.08
N VAL B 23 4.76 26.08 19.58
CA VAL B 23 5.62 25.25 20.40
C VAL B 23 6.93 25.89 20.81
N ALA B 24 6.95 27.22 20.84
CA ALA B 24 8.16 27.95 21.24
C ALA B 24 8.60 27.40 22.60
N PRO B 25 9.91 27.45 22.88
CA PRO B 25 10.45 26.95 24.15
C PRO B 25 9.62 27.31 25.38
N GLY B 26 9.19 26.30 26.11
CA GLY B 26 8.41 26.52 27.31
C GLY B 26 6.92 26.70 27.11
N LYS B 27 6.47 26.66 25.86
CA LYS B 27 5.04 26.84 25.57
C LYS B 27 4.33 25.56 25.19
N GLY B 28 3.04 25.51 25.51
CA GLY B 28 2.22 24.36 25.19
C GLY B 28 0.84 24.84 24.76
N ILE B 29 -0.04 23.89 24.50
CA ILE B 29 -1.39 24.21 24.06
C ILE B 29 -2.47 23.88 25.09
N LEU B 30 -3.42 24.80 25.24
CA LEU B 30 -4.55 24.58 26.13
C LEU B 30 -5.67 24.07 25.24
N ALA B 31 -6.10 22.83 25.47
CA ALA B 31 -7.17 22.24 24.68
C ALA B 31 -8.50 22.53 25.37
N ALA B 32 -9.21 23.54 24.89
CA ALA B 32 -10.50 23.91 25.47
C ALA B 32 -11.59 23.80 24.42
N ASP B 33 -11.45 22.82 23.53
CA ASP B 33 -12.39 22.60 22.44
C ASP B 33 -13.45 21.55 22.71
N GLU B 34 -13.90 21.43 23.96
CA GLU B 34 -14.92 20.45 24.29
C GLU B 34 -16.23 20.87 23.62
N SER B 35 -16.84 19.95 22.89
CA SER B 35 -18.10 20.23 22.21
C SER B 35 -19.21 20.26 23.26
N THR B 36 -20.34 20.88 22.91
CA THR B 36 -21.46 20.96 23.84
C THR B 36 -21.85 19.58 24.35
N GLY B 37 -21.54 18.56 23.55
CA GLY B 37 -21.87 17.19 23.94
C GLY B 37 -20.89 16.57 24.91
N SER B 38 -19.67 17.10 24.93
CA SER B 38 -18.61 16.60 25.82
C SER B 38 -18.52 17.45 27.09
N ILE B 39 -18.77 18.75 26.94
CA ILE B 39 -18.70 19.69 28.04
C ILE B 39 -19.87 19.43 29.01
N ALA B 40 -20.91 18.75 28.52
CA ALA B 40 -22.08 18.44 29.32
C ALA B 40 -21.75 17.73 30.63
N LYS B 41 -21.00 16.63 30.56
CA LYS B 41 -20.62 15.90 31.75
C LYS B 41 -19.79 16.77 32.69
N ARG B 42 -18.91 17.58 32.11
CA ARG B 42 -18.06 18.48 32.90
C ARG B 42 -18.91 19.34 33.84
N LEU B 43 -19.86 20.06 33.26
CA LEU B 43 -20.74 20.93 34.03
C LEU B 43 -21.62 20.14 34.99
N GLN B 44 -22.05 18.96 34.55
CA GLN B 44 -22.89 18.10 35.36
C GLN B 44 -22.17 17.65 36.62
N SER B 45 -20.86 17.47 36.53
CA SER B 45 -20.05 17.04 37.66
C SER B 45 -19.97 18.09 38.75
N ILE B 46 -20.20 19.35 38.38
CA ILE B 46 -20.17 20.45 39.34
C ILE B 46 -21.55 21.05 39.51
N GLY B 47 -22.57 20.27 39.20
CA GLY B 47 -23.95 20.71 39.33
C GLY B 47 -24.22 22.06 38.69
N THR B 48 -23.82 22.20 37.44
CA THR B 48 -24.02 23.45 36.72
C THR B 48 -24.80 23.20 35.43
N GLU B 49 -25.81 24.04 35.18
CA GLU B 49 -26.63 23.91 33.98
C GLU B 49 -25.76 24.11 32.75
N ASN B 50 -25.92 23.24 31.76
CA ASN B 50 -25.14 23.34 30.54
C ASN B 50 -25.77 24.33 29.55
N THR B 51 -25.68 25.63 29.88
CA THR B 51 -26.24 26.68 29.03
C THR B 51 -25.11 27.38 28.28
N GLU B 52 -25.47 28.20 27.30
CA GLU B 52 -24.46 28.93 26.54
C GLU B 52 -23.70 29.91 27.42
N GLU B 53 -24.41 30.59 28.31
CA GLU B 53 -23.79 31.57 29.20
C GLU B 53 -22.80 30.93 30.17
N ASN B 54 -23.12 29.74 30.67
CA ASN B 54 -22.21 29.05 31.59
C ASN B 54 -20.96 28.55 30.87
N ARG B 55 -21.13 28.12 29.63
CA ARG B 55 -20.00 27.65 28.84
C ARG B 55 -19.12 28.86 28.49
N ARG B 56 -19.77 29.95 28.10
CA ARG B 56 -19.04 31.17 27.76
C ARG B 56 -18.24 31.64 28.98
N PHE B 57 -18.88 31.59 30.14
CA PHE B 57 -18.23 32.02 31.37
C PHE B 57 -17.01 31.19 31.71
N TYR B 58 -17.18 29.87 31.67
CA TYR B 58 -16.08 28.96 31.97
C TYR B 58 -14.91 29.21 31.03
N ARG B 59 -15.21 29.34 29.74
CA ARG B 59 -14.15 29.59 28.76
C ARG B 59 -13.46 30.92 29.05
N GLN B 60 -14.24 31.95 29.37
CA GLN B 60 -13.67 33.25 29.70
C GLN B 60 -12.73 33.10 30.88
N LEU B 61 -13.17 32.34 31.89
CA LEU B 61 -12.39 32.10 33.10
C LEU B 61 -10.99 31.61 32.76
N LEU B 62 -10.91 30.62 31.87
CA LEU B 62 -9.63 30.06 31.46
C LEU B 62 -8.83 31.03 30.58
N LEU B 63 -9.49 31.58 29.56
CA LEU B 63 -8.84 32.48 28.62
C LEU B 63 -8.38 33.84 29.17
N THR B 64 -8.95 34.28 30.29
CA THR B 64 -8.57 35.57 30.85
C THR B 64 -7.74 35.48 32.15
N ALA B 65 -7.05 34.37 32.36
CA ALA B 65 -6.23 34.22 33.56
C ALA B 65 -5.12 35.27 33.47
N ASP B 66 -4.49 35.59 34.60
CA ASP B 66 -3.43 36.60 34.63
C ASP B 66 -2.26 36.28 33.69
N ASP B 67 -1.43 37.29 33.44
CA ASP B 67 -0.29 37.16 32.54
C ASP B 67 0.76 36.11 32.88
N ARG B 68 0.59 35.40 33.98
CA ARG B 68 1.55 34.37 34.36
C ARG B 68 1.46 33.18 33.40
N VAL B 69 0.29 33.00 32.79
CA VAL B 69 0.08 31.89 31.85
C VAL B 69 0.59 32.22 30.45
N ASN B 70 0.82 33.50 30.17
CA ASN B 70 1.28 33.94 28.87
C ASN B 70 2.49 33.18 28.34
N PRO B 71 3.58 33.12 29.13
CA PRO B 71 4.79 32.41 28.68
C PRO B 71 4.56 30.90 28.58
N CYS B 72 3.51 30.43 29.22
CA CYS B 72 3.19 29.01 29.24
C CYS B 72 2.30 28.55 28.10
N ILE B 73 1.46 29.45 27.57
CA ILE B 73 0.53 29.09 26.52
C ILE B 73 0.86 29.61 25.13
N GLY B 74 1.22 28.69 24.24
CA GLY B 74 1.55 29.07 22.88
C GLY B 74 0.32 29.02 22.00
N GLY B 75 -0.65 28.20 22.37
CA GLY B 75 -1.86 28.08 21.58
C GLY B 75 -3.06 27.65 22.39
N VAL B 76 -4.24 27.97 21.90
CA VAL B 76 -5.47 27.57 22.56
C VAL B 76 -6.42 27.02 21.52
N ILE B 77 -6.91 25.80 21.75
CA ILE B 77 -7.84 25.18 20.82
C ILE B 77 -9.25 25.48 21.27
N LEU B 78 -10.05 26.01 20.35
CA LEU B 78 -11.43 26.36 20.66
C LEU B 78 -12.41 25.56 19.82
N PHE B 79 -13.64 25.47 20.33
CA PHE B 79 -14.73 24.80 19.65
C PHE B 79 -15.42 25.92 18.86
N HIS B 80 -16.05 25.58 17.74
CA HIS B 80 -16.74 26.57 16.91
C HIS B 80 -17.49 27.64 17.70
N GLU B 81 -18.37 27.20 18.59
CA GLU B 81 -19.17 28.11 19.41
C GLU B 81 -18.35 29.20 20.08
N THR B 82 -17.29 28.79 20.77
CA THR B 82 -16.42 29.69 21.49
C THR B 82 -15.64 30.67 20.61
N LEU B 83 -15.29 30.24 19.40
CA LEU B 83 -14.55 31.10 18.50
C LEU B 83 -15.34 32.35 18.19
N TYR B 84 -16.68 32.27 18.36
CA TYR B 84 -17.53 33.41 18.05
C TYR B 84 -18.16 34.04 19.31
N GLN B 85 -17.66 33.71 20.50
CA GLN B 85 -18.18 34.31 21.71
C GLN B 85 -17.26 35.44 22.16
N LYS B 86 -17.74 36.25 23.11
CA LYS B 86 -16.95 37.38 23.60
C LYS B 86 -16.87 37.41 25.11
N ALA B 87 -15.81 38.01 25.63
CA ALA B 87 -15.62 38.13 27.08
C ALA B 87 -16.54 39.25 27.57
N ASP B 88 -16.60 39.43 28.89
CA ASP B 88 -17.46 40.47 29.48
C ASP B 88 -17.14 41.87 28.97
N ASP B 89 -15.89 42.09 28.56
CA ASP B 89 -15.47 43.40 28.06
C ASP B 89 -15.81 43.60 26.58
N GLY B 90 -16.52 42.64 26.00
CA GLY B 90 -16.91 42.75 24.61
C GLY B 90 -15.88 42.24 23.61
N ARG B 91 -14.68 41.90 24.07
CA ARG B 91 -13.66 41.40 23.16
C ARG B 91 -13.90 39.97 22.72
N PRO B 92 -13.76 39.69 21.42
CA PRO B 92 -13.98 38.32 20.92
C PRO B 92 -12.91 37.44 21.57
N PHE B 93 -13.24 36.19 21.88
CA PHE B 93 -12.25 35.32 22.51
C PHE B 93 -10.96 35.17 21.70
N PRO B 94 -11.05 35.20 20.36
CA PRO B 94 -9.81 35.07 19.57
C PRO B 94 -8.86 36.25 19.84
N GLN B 95 -9.44 37.42 20.10
CA GLN B 95 -8.65 38.62 20.37
C GLN B 95 -8.03 38.52 21.76
N VAL B 96 -8.78 37.98 22.72
CA VAL B 96 -8.28 37.82 24.08
C VAL B 96 -7.07 36.89 24.10
N ILE B 97 -7.16 35.79 23.35
CA ILE B 97 -6.07 34.82 23.28
C ILE B 97 -4.83 35.43 22.62
N LYS B 98 -5.03 36.11 21.50
CA LYS B 98 -3.92 36.73 20.78
C LYS B 98 -3.22 37.82 21.59
N SER B 99 -4.01 38.65 22.28
CA SER B 99 -3.44 39.73 23.08
C SER B 99 -2.55 39.18 24.18
N LYS B 100 -2.73 37.91 24.52
CA LYS B 100 -1.91 37.30 25.56
C LYS B 100 -0.74 36.51 24.96
N GLY B 101 -0.51 36.69 23.66
CA GLY B 101 0.59 36.03 22.99
C GLY B 101 0.32 34.61 22.49
N GLY B 102 -0.94 34.20 22.52
CA GLY B 102 -1.27 32.86 22.07
C GLY B 102 -1.84 32.80 20.67
N VAL B 103 -1.71 31.63 20.04
CA VAL B 103 -2.23 31.41 18.71
C VAL B 103 -3.60 30.74 18.88
N VAL B 104 -4.55 31.12 18.03
CA VAL B 104 -5.90 30.56 18.11
C VAL B 104 -6.08 29.31 17.24
N GLY B 105 -6.57 28.23 17.86
CA GLY B 105 -6.79 26.99 17.14
C GLY B 105 -8.27 26.66 17.08
N ILE B 106 -8.66 25.87 16.08
CA ILE B 106 -10.06 25.51 15.92
C ILE B 106 -10.26 24.03 15.58
N LYS B 107 -11.12 23.35 16.32
CA LYS B 107 -11.41 21.95 16.05
C LYS B 107 -12.24 21.93 14.77
N VAL B 108 -11.87 21.09 13.81
CA VAL B 108 -12.64 21.04 12.57
C VAL B 108 -13.22 19.68 12.23
N ASP B 109 -12.88 18.64 12.99
CA ASP B 109 -13.43 17.31 12.69
C ASP B 109 -14.90 17.27 13.12
N LYS B 110 -15.63 16.28 12.61
CA LYS B 110 -17.03 16.14 12.95
C LYS B 110 -17.29 14.84 13.70
N GLY B 111 -16.31 14.43 14.50
CA GLY B 111 -16.46 13.21 15.29
C GLY B 111 -16.17 11.91 14.58
N VAL B 112 -16.10 10.83 15.37
CA VAL B 112 -15.81 9.51 14.83
C VAL B 112 -17.05 8.80 14.31
N VAL B 113 -16.84 7.88 13.37
CA VAL B 113 -17.92 7.08 12.78
C VAL B 113 -17.41 5.64 12.73
N PRO B 114 -18.32 4.67 12.94
CA PRO B 114 -17.92 3.26 12.92
C PRO B 114 -17.46 2.71 11.57
N LEU B 115 -16.42 1.89 11.59
CA LEU B 115 -15.91 1.25 10.38
C LEU B 115 -16.57 -0.13 10.31
N ALA B 116 -17.42 -0.34 9.32
CA ALA B 116 -18.09 -1.63 9.17
C ALA B 116 -17.08 -2.75 8.91
N GLY B 117 -17.36 -3.93 9.47
CA GLY B 117 -16.46 -5.05 9.28
C GLY B 117 -15.29 -5.10 10.25
N THR B 118 -15.30 -4.21 11.24
CA THR B 118 -14.24 -4.20 12.24
C THR B 118 -14.82 -4.43 13.62
N ASN B 119 -13.96 -4.71 14.59
CA ASN B 119 -14.41 -4.95 15.96
C ASN B 119 -14.50 -3.63 16.72
N GLY B 120 -15.55 -2.85 16.41
CA GLY B 120 -15.76 -1.58 17.08
C GLY B 120 -14.78 -0.47 16.75
N GLU B 121 -14.11 -0.56 15.61
CA GLU B 121 -13.16 0.49 15.22
C GLU B 121 -13.85 1.63 14.50
N THR B 122 -13.18 2.78 14.47
CA THR B 122 -13.76 3.97 13.83
C THR B 122 -12.76 4.73 12.98
N THR B 123 -13.29 5.68 12.23
CA THR B 123 -12.48 6.60 11.45
C THR B 123 -13.14 7.93 11.83
N THR B 124 -12.69 9.03 11.24
CA THR B 124 -13.25 10.33 11.59
C THR B 124 -13.76 11.05 10.35
N GLN B 125 -14.89 11.73 10.49
CA GLN B 125 -15.46 12.49 9.38
C GLN B 125 -15.26 13.97 9.59
N GLY B 126 -15.57 14.76 8.55
CA GLY B 126 -15.42 16.21 8.64
C GLY B 126 -14.75 16.88 7.46
N LEU B 127 -14.43 16.12 6.41
CA LEU B 127 -13.77 16.69 5.24
C LEU B 127 -14.68 17.48 4.32
N ASP B 128 -15.98 17.22 4.36
CA ASP B 128 -16.90 17.93 3.46
C ASP B 128 -16.97 19.42 3.71
N GLY B 129 -16.65 20.19 2.68
CA GLY B 129 -16.67 21.64 2.80
C GLY B 129 -15.63 22.16 3.77
N LEU B 130 -14.64 21.33 4.10
CA LEU B 130 -13.61 21.73 5.04
C LEU B 130 -12.79 22.91 4.55
N SER B 131 -12.54 22.96 3.25
CA SER B 131 -11.75 24.05 2.69
C SER B 131 -12.43 25.41 2.93
N GLU B 132 -13.72 25.49 2.64
CA GLU B 132 -14.45 26.74 2.84
C GLU B 132 -14.48 27.11 4.33
N ARG B 133 -14.65 26.11 5.19
CA ARG B 133 -14.69 26.37 6.62
C ARG B 133 -13.34 26.91 7.10
N CYS B 134 -12.25 26.32 6.63
CA CYS B 134 -10.92 26.78 7.01
C CYS B 134 -10.68 28.21 6.57
N ALA B 135 -11.10 28.53 5.35
CA ALA B 135 -10.92 29.87 4.82
C ALA B 135 -11.66 30.88 5.71
N GLN B 136 -12.80 30.49 6.24
CA GLN B 136 -13.57 31.38 7.11
C GLN B 136 -12.92 31.47 8.48
N TYR B 137 -12.51 30.33 9.04
CA TYR B 137 -11.88 30.35 10.35
C TYR B 137 -10.60 31.20 10.33
N LYS B 138 -9.87 31.11 9.23
CA LYS B 138 -8.64 31.87 9.07
C LYS B 138 -8.99 33.36 9.18
N LYS B 139 -10.00 33.77 8.43
CA LYS B 139 -10.44 35.17 8.45
C LYS B 139 -10.93 35.56 9.84
N ASP B 140 -11.46 34.60 10.57
CA ASP B 140 -11.96 34.90 11.90
C ASP B 140 -10.93 34.73 13.03
N GLY B 141 -9.66 34.71 12.67
CA GLY B 141 -8.62 34.61 13.69
C GLY B 141 -7.90 33.33 14.00
N ALA B 142 -8.32 32.20 13.42
CA ALA B 142 -7.66 30.93 13.70
C ALA B 142 -6.44 30.72 12.81
N ASP B 143 -5.38 30.15 13.37
CA ASP B 143 -4.16 29.88 12.62
C ASP B 143 -3.77 28.41 12.60
N PHE B 144 -4.44 27.60 13.40
CA PHE B 144 -4.20 26.16 13.39
C PHE B 144 -5.49 25.40 13.67
N ALA B 145 -5.50 24.11 13.34
CA ALA B 145 -6.69 23.31 13.53
C ALA B 145 -6.43 22.02 14.29
N LYS B 146 -7.52 21.39 14.71
CA LYS B 146 -7.48 20.15 15.44
C LYS B 146 -8.40 19.12 14.80
N TRP B 147 -7.92 17.89 14.68
CA TRP B 147 -8.68 16.79 14.10
C TRP B 147 -8.22 15.55 14.84
N ARG B 148 -9.15 14.88 15.49
CA ARG B 148 -8.82 13.70 16.27
C ARG B 148 -9.30 12.37 15.71
N CYS B 149 -8.34 11.46 15.52
CA CYS B 149 -8.63 10.11 15.05
C CYS B 149 -8.42 9.22 16.26
N VAL B 150 -9.20 8.16 16.38
CA VAL B 150 -9.10 7.27 17.53
C VAL B 150 -8.83 5.82 17.13
N LEU B 151 -7.85 5.22 17.79
CA LEU B 151 -7.47 3.83 17.55
C LEU B 151 -7.45 3.13 18.91
N LYS B 152 -7.73 1.83 18.91
CA LYS B 152 -7.76 1.08 20.15
C LYS B 152 -6.92 -0.18 20.10
N ILE B 153 -6.18 -0.44 21.19
CA ILE B 153 -5.36 -1.64 21.26
C ILE B 153 -6.20 -2.77 21.83
N GLY B 154 -6.30 -3.86 21.07
CA GLY B 154 -7.07 -5.01 21.48
C GLY B 154 -6.50 -6.25 20.83
N GLU B 155 -7.21 -7.37 20.93
CA GLU B 155 -6.75 -8.62 20.34
C GLU B 155 -6.58 -8.51 18.83
N HIS B 156 -7.54 -7.87 18.18
CA HIS B 156 -7.52 -7.73 16.72
C HIS B 156 -7.45 -6.28 16.26
N THR B 157 -7.17 -5.37 17.19
CA THR B 157 -7.10 -3.94 16.88
C THR B 157 -5.80 -3.32 17.36
N PRO B 158 -5.33 -2.26 16.69
CA PRO B 158 -5.94 -1.64 15.51
C PRO B 158 -5.70 -2.51 14.27
N SER B 159 -6.73 -2.67 13.44
CA SER B 159 -6.60 -3.49 12.25
C SER B 159 -5.91 -2.73 11.12
N ALA B 160 -5.50 -3.47 10.09
CA ALA B 160 -4.83 -2.85 8.94
C ALA B 160 -5.74 -1.78 8.35
N LEU B 161 -7.05 -2.06 8.27
CA LEU B 161 -7.99 -1.10 7.72
C LEU B 161 -8.07 0.17 8.55
N ALA B 162 -8.23 0.01 9.86
CA ALA B 162 -8.33 1.16 10.75
C ALA B 162 -7.09 2.05 10.67
N ILE B 163 -5.91 1.45 10.65
CA ILE B 163 -4.68 2.22 10.58
C ILE B 163 -4.56 2.98 9.26
N MET B 164 -4.77 2.28 8.15
CA MET B 164 -4.68 2.88 6.83
C MET B 164 -5.72 3.97 6.60
N GLU B 165 -6.97 3.72 6.98
CA GLU B 165 -8.05 4.68 6.79
C GLU B 165 -7.88 5.95 7.64
N ASN B 166 -7.54 5.79 8.91
CA ASN B 166 -7.34 6.95 9.77
C ASN B 166 -6.14 7.77 9.33
N ALA B 167 -5.07 7.08 8.91
CA ALA B 167 -3.88 7.77 8.46
C ALA B 167 -4.21 8.59 7.21
N ASN B 168 -5.02 8.01 6.33
CA ASN B 168 -5.40 8.67 5.09
C ASN B 168 -6.29 9.89 5.32
N VAL B 169 -7.25 9.79 6.25
CA VAL B 169 -8.14 10.92 6.49
C VAL B 169 -7.37 12.06 7.15
N LEU B 170 -6.37 11.73 7.97
CA LEU B 170 -5.56 12.75 8.62
C LEU B 170 -4.77 13.50 7.55
N ALA B 171 -4.32 12.76 6.55
CA ALA B 171 -3.56 13.35 5.46
C ALA B 171 -4.43 14.31 4.65
N ARG B 172 -5.66 13.89 4.37
CA ARG B 172 -6.60 14.74 3.62
C ARG B 172 -6.86 16.02 4.39
N TYR B 173 -7.17 15.89 5.67
CA TYR B 173 -7.43 17.03 6.54
C TYR B 173 -6.23 17.97 6.56
N ALA B 174 -5.02 17.39 6.68
CA ALA B 174 -3.80 18.19 6.73
C ALA B 174 -3.60 18.99 5.44
N SER B 175 -3.85 18.34 4.31
CA SER B 175 -3.69 18.95 2.99
C SER B 175 -4.61 20.14 2.80
N ILE B 176 -5.88 19.96 3.16
CA ILE B 176 -6.86 21.01 3.01
C ILE B 176 -6.53 22.19 3.93
N CYS B 177 -6.11 21.90 5.16
CA CYS B 177 -5.75 22.95 6.10
C CYS B 177 -4.62 23.82 5.56
N GLN B 178 -3.54 23.17 5.13
CA GLN B 178 -2.39 23.90 4.61
C GLN B 178 -2.70 24.74 3.38
N GLN B 179 -3.70 24.33 2.60
CA GLN B 179 -4.08 25.10 1.42
C GLN B 179 -4.73 26.43 1.84
N ASN B 180 -5.13 26.51 3.10
CA ASN B 180 -5.79 27.70 3.62
C ASN B 180 -5.03 28.45 4.69
N GLY B 181 -3.72 28.21 4.77
CA GLY B 181 -2.89 28.89 5.76
C GLY B 181 -3.16 28.49 7.19
N ILE B 182 -3.69 27.29 7.38
CA ILE B 182 -3.99 26.80 8.72
C ILE B 182 -3.04 25.65 9.03
N VAL B 183 -2.36 25.71 10.18
CA VAL B 183 -1.46 24.64 10.59
C VAL B 183 -2.27 23.48 11.15
N PRO B 184 -2.18 22.31 10.53
CA PRO B 184 -2.92 21.14 11.00
C PRO B 184 -2.17 20.39 12.09
N ILE B 185 -2.86 20.08 13.19
CA ILE B 185 -2.24 19.29 14.24
C ILE B 185 -2.78 17.88 13.97
N VAL B 186 -1.89 16.98 13.59
CA VAL B 186 -2.25 15.61 13.29
C VAL B 186 -2.38 14.84 14.59
N GLU B 187 -3.60 14.40 14.91
CA GLU B 187 -3.83 13.68 16.15
C GLU B 187 -4.32 12.24 15.99
N PRO B 188 -3.39 11.28 15.96
CA PRO B 188 -3.74 9.87 15.81
C PRO B 188 -3.65 9.27 17.22
N GLU B 189 -4.71 9.43 18.02
CA GLU B 189 -4.71 8.92 19.38
C GLU B 189 -4.96 7.43 19.55
N ILE B 190 -4.01 6.77 20.20
CA ILE B 190 -4.16 5.36 20.51
C ILE B 190 -4.60 5.36 21.97
N LEU B 191 -5.84 4.94 22.23
CA LEU B 191 -6.39 4.91 23.58
C LEU B 191 -5.59 4.02 24.54
N PRO B 192 -5.60 4.36 25.83
CA PRO B 192 -4.86 3.58 26.85
C PRO B 192 -5.71 2.41 27.36
N ASP B 193 -6.95 2.33 26.89
CA ASP B 193 -7.87 1.27 27.29
C ASP B 193 -7.26 -0.11 27.12
N GLY B 194 -7.42 -0.96 28.14
CA GLY B 194 -6.89 -2.32 28.06
C GLY B 194 -5.85 -2.66 29.10
N ASP B 195 -5.43 -3.91 29.09
CA ASP B 195 -4.42 -4.39 30.04
C ASP B 195 -3.11 -4.74 29.36
N HIS B 196 -2.88 -4.17 28.18
CA HIS B 196 -1.63 -4.42 27.44
C HIS B 196 -0.49 -3.76 28.20
N ASP B 197 0.73 -4.25 28.02
CA ASP B 197 1.87 -3.66 28.71
C ASP B 197 2.51 -2.53 27.90
N LEU B 198 3.55 -1.93 28.46
CA LEU B 198 4.24 -0.82 27.82
C LEU B 198 4.78 -1.17 26.44
N LYS B 199 5.43 -2.32 26.33
CA LYS B 199 6.02 -2.79 25.08
C LYS B 199 4.96 -2.89 23.97
N ARG B 200 3.76 -3.32 24.31
CA ARG B 200 2.68 -3.42 23.34
C ARG B 200 2.29 -2.03 22.83
N CYS B 201 2.14 -1.09 23.76
CA CYS B 201 1.77 0.27 23.35
C CYS B 201 2.85 0.87 22.46
N GLN B 202 4.11 0.62 22.79
CA GLN B 202 5.20 1.16 21.99
C GLN B 202 5.18 0.59 20.58
N TYR B 203 4.96 -0.72 20.47
CA TYR B 203 4.90 -1.39 19.18
C TYR B 203 3.80 -0.81 18.30
N VAL B 204 2.58 -0.74 18.84
CA VAL B 204 1.45 -0.21 18.11
C VAL B 204 1.66 1.26 17.73
N THR B 205 2.17 2.04 18.67
CA THR B 205 2.42 3.47 18.43
C THR B 205 3.41 3.64 17.28
N GLU B 206 4.43 2.80 17.26
CA GLU B 206 5.43 2.85 16.21
C GLU B 206 4.82 2.52 14.84
N LYS B 207 3.97 1.50 14.78
CA LYS B 207 3.33 1.11 13.52
C LYS B 207 2.35 2.17 13.03
N VAL B 208 1.59 2.75 13.96
CA VAL B 208 0.62 3.78 13.60
C VAL B 208 1.30 5.04 13.06
N LEU B 209 2.36 5.48 13.72
CA LEU B 209 3.06 6.68 13.27
C LEU B 209 3.79 6.50 11.94
N ALA B 210 4.29 5.29 11.69
CA ALA B 210 4.95 5.00 10.41
C ALA B 210 3.90 5.14 9.31
N ALA B 211 2.69 4.66 9.59
CA ALA B 211 1.60 4.73 8.63
C ALA B 211 1.15 6.17 8.45
N VAL B 212 1.09 6.92 9.55
CA VAL B 212 0.68 8.32 9.48
C VAL B 212 1.63 9.14 8.61
N TYR B 213 2.95 8.98 8.83
CA TYR B 213 3.91 9.79 8.07
C TYR B 213 4.00 9.34 6.61
N LYS B 214 3.76 8.07 6.29
CA LYS B 214 3.81 7.63 4.91
C LYS B 214 2.61 8.26 4.20
N ALA B 215 1.48 8.36 4.90
CA ALA B 215 0.27 8.97 4.33
C ALA B 215 0.50 10.46 4.11
N LEU B 216 1.11 11.12 5.10
CA LEU B 216 1.38 12.55 4.98
C LEU B 216 2.27 12.79 3.76
N SER B 217 3.21 11.87 3.52
CA SER B 217 4.11 11.99 2.39
C SER B 217 3.35 11.78 1.08
N ASP B 218 2.50 10.75 1.03
CA ASP B 218 1.71 10.45 -0.15
C ASP B 218 0.82 11.64 -0.56
N HIS B 219 0.32 12.37 0.43
CA HIS B 219 -0.56 13.51 0.16
C HIS B 219 0.19 14.84 0.05
N HIS B 220 1.51 14.77 -0.04
CA HIS B 220 2.36 15.95 -0.19
C HIS B 220 2.25 16.96 0.94
N ILE B 221 2.19 16.48 2.17
CA ILE B 221 2.08 17.36 3.33
C ILE B 221 3.42 17.99 3.69
N TYR B 222 3.39 19.29 3.99
CA TYR B 222 4.58 20.05 4.38
C TYR B 222 4.74 19.88 5.90
N LEU B 223 5.63 18.97 6.31
CA LEU B 223 5.83 18.66 7.72
C LEU B 223 6.25 19.80 8.63
N GLU B 224 7.05 20.72 8.12
CA GLU B 224 7.50 21.86 8.92
C GLU B 224 6.29 22.72 9.30
N GLY B 225 5.21 22.60 8.51
CA GLY B 225 4.00 23.34 8.78
C GLY B 225 2.93 22.50 9.47
N THR B 226 3.37 21.52 10.26
CA THR B 226 2.45 20.65 10.99
C THR B 226 2.99 20.41 12.38
N LEU B 227 2.13 19.84 13.23
CA LEU B 227 2.49 19.47 14.59
C LEU B 227 1.89 18.09 14.79
N LEU B 228 2.43 17.32 15.72
CA LEU B 228 1.91 15.98 15.99
C LEU B 228 1.37 15.93 17.40
N LYS B 229 0.18 15.36 17.56
CA LYS B 229 -0.44 15.21 18.88
C LYS B 229 -0.71 13.73 19.11
N PRO B 230 0.30 13.00 19.58
CA PRO B 230 0.14 11.57 19.85
C PRO B 230 -0.05 11.30 21.33
N ASN B 231 -0.34 10.04 21.64
CA ASN B 231 -0.50 9.60 23.01
C ASN B 231 0.93 9.36 23.46
N MET B 232 1.20 9.44 24.76
CA MET B 232 2.53 9.11 25.22
C MET B 232 2.53 7.60 25.19
N VAL B 233 3.69 6.97 25.26
CA VAL B 233 3.73 5.52 25.27
C VAL B 233 3.65 5.09 26.73
N THR B 234 2.53 4.46 27.09
CA THR B 234 2.32 4.01 28.45
C THR B 234 1.62 2.67 28.44
N PRO B 235 1.66 1.96 29.57
CA PRO B 235 1.00 0.66 29.62
C PRO B 235 -0.51 0.86 29.58
N GLY B 236 -1.25 -0.22 29.37
CA GLY B 236 -2.69 -0.10 29.32
C GLY B 236 -3.19 0.42 30.66
N HIS B 237 -4.34 1.08 30.64
CA HIS B 237 -4.94 1.63 31.84
C HIS B 237 -5.15 0.57 32.91
N ALA B 238 -5.36 -0.68 32.48
CA ALA B 238 -5.56 -1.78 33.43
C ALA B 238 -4.44 -2.81 33.46
N CYS B 239 -3.24 -2.40 33.02
CA CYS B 239 -2.10 -3.31 33.01
C CYS B 239 -1.64 -3.63 34.44
N THR B 240 -1.46 -4.90 34.74
CA THR B 240 -1.03 -5.32 36.06
C THR B 240 0.43 -4.95 36.32
N GLN B 241 1.25 -5.02 35.28
CA GLN B 241 2.67 -4.68 35.42
C GLN B 241 2.77 -3.17 35.60
N LYS B 242 3.70 -2.75 36.46
CA LYS B 242 3.88 -1.32 36.72
C LYS B 242 5.22 -0.82 36.17
N TYR B 243 5.26 0.44 35.77
CA TYR B 243 6.47 1.03 35.22
C TYR B 243 6.77 2.38 35.86
N SER B 244 8.01 2.83 35.69
CA SER B 244 8.42 4.12 36.25
C SER B 244 8.27 5.19 35.17
N HIS B 245 8.25 6.45 35.59
CA HIS B 245 8.12 7.56 34.67
C HIS B 245 9.25 7.55 33.65
N GLU B 246 10.42 7.10 34.08
CA GLU B 246 11.59 7.05 33.21
C GLU B 246 11.36 6.02 32.10
N GLU B 247 10.73 4.92 32.44
CA GLU B 247 10.44 3.87 31.47
C GLU B 247 9.43 4.37 30.45
N ILE B 248 8.43 5.11 30.93
CA ILE B 248 7.41 5.66 30.04
C ILE B 248 8.09 6.67 29.11
N ALA B 249 8.97 7.48 29.66
CA ALA B 249 9.66 8.49 28.87
C ALA B 249 10.56 7.86 27.80
N MET B 250 11.29 6.81 28.18
CA MET B 250 12.18 6.12 27.25
C MET B 250 11.38 5.45 26.12
N ALA B 251 10.29 4.80 26.49
CA ALA B 251 9.44 4.12 25.51
C ALA B 251 8.83 5.14 24.54
N THR B 252 8.41 6.29 25.08
CA THR B 252 7.81 7.35 24.29
C THR B 252 8.81 8.01 23.34
N VAL B 253 9.95 8.42 23.87
CA VAL B 253 10.97 9.05 23.05
C VAL B 253 11.50 8.11 21.97
N THR B 254 11.68 6.85 22.32
CA THR B 254 12.18 5.87 21.36
C THR B 254 11.19 5.70 20.21
N ALA B 255 9.91 5.53 20.54
CA ALA B 255 8.87 5.37 19.53
C ALA B 255 8.90 6.53 18.54
N LEU B 256 8.98 7.75 19.07
CA LEU B 256 9.00 8.94 18.24
C LEU B 256 10.26 9.01 17.38
N ARG B 257 11.40 8.70 17.96
CA ARG B 257 12.68 8.74 17.24
C ARG B 257 12.70 7.76 16.07
N ARG B 258 11.92 6.68 16.18
CA ARG B 258 11.89 5.68 15.13
C ARG B 258 10.85 5.94 14.04
N THR B 259 10.01 6.97 14.21
CA THR B 259 8.97 7.22 13.24
C THR B 259 8.71 8.66 12.79
N VAL B 260 9.05 9.64 13.65
CA VAL B 260 8.78 11.03 13.33
C VAL B 260 9.96 11.78 12.71
N PRO B 261 9.82 12.17 11.43
CA PRO B 261 10.90 12.89 10.74
C PRO B 261 11.28 14.17 11.48
N PRO B 262 12.58 14.48 11.56
CA PRO B 262 13.05 15.70 12.24
C PRO B 262 12.38 16.97 11.74
N ALA B 263 11.87 16.93 10.50
CA ALA B 263 11.21 18.08 9.91
C ALA B 263 9.94 18.50 10.64
N VAL B 264 9.33 17.57 11.38
CA VAL B 264 8.12 17.90 12.13
C VAL B 264 8.52 18.93 13.17
N THR B 265 7.85 20.08 13.17
CA THR B 265 8.18 21.15 14.08
C THR B 265 8.02 20.86 15.56
N GLY B 266 6.96 20.15 15.93
CA GLY B 266 6.78 19.85 17.33
C GLY B 266 5.76 18.76 17.65
N VAL B 267 5.89 18.21 18.85
CA VAL B 267 4.98 17.17 19.32
C VAL B 267 4.26 17.69 20.56
N THR B 268 2.93 17.78 20.48
CA THR B 268 2.11 18.27 21.58
C THR B 268 1.29 17.09 22.10
N PHE B 269 1.80 16.47 23.17
CA PHE B 269 1.18 15.30 23.79
C PHE B 269 -0.20 15.50 24.38
N LEU B 270 -1.03 14.46 24.26
CA LEU B 270 -2.36 14.44 24.84
C LEU B 270 -2.10 13.66 26.13
N SER B 271 -2.82 13.99 27.20
CA SER B 271 -2.61 13.32 28.48
C SER B 271 -3.50 12.11 28.71
N GLY B 272 -4.46 11.89 27.83
CA GLY B 272 -5.36 10.74 27.98
C GLY B 272 -6.09 10.73 29.31
N GLY B 273 -5.91 9.66 30.07
CA GLY B 273 -6.57 9.55 31.35
C GLY B 273 -5.66 9.83 32.54
N GLN B 274 -4.52 10.44 32.28
CA GLN B 274 -3.56 10.75 33.34
C GLN B 274 -4.08 11.90 34.20
N SER B 275 -3.61 11.96 35.44
CA SER B 275 -4.02 13.03 36.34
C SER B 275 -3.22 14.26 35.95
N GLU B 276 -3.54 15.40 36.54
CA GLU B 276 -2.83 16.64 36.23
C GLU B 276 -1.34 16.53 36.57
N GLU B 277 -1.08 15.94 37.74
CA GLU B 277 0.30 15.78 38.21
C GLU B 277 1.05 14.78 37.36
N GLU B 278 0.44 13.62 37.13
CA GLU B 278 1.06 12.56 36.33
C GLU B 278 1.40 13.06 34.93
N ALA B 279 0.52 13.84 34.34
CA ALA B 279 0.75 14.37 32.98
C ALA B 279 1.99 15.26 32.96
N SER B 280 2.16 16.06 34.01
CA SER B 280 3.32 16.96 34.09
C SER B 280 4.62 16.19 34.35
N ILE B 281 4.55 15.22 35.25
CA ILE B 281 5.74 14.43 35.57
C ILE B 281 6.24 13.62 34.37
N ASN B 282 5.32 13.04 33.60
CA ASN B 282 5.73 12.25 32.44
C ASN B 282 6.32 13.13 31.34
N LEU B 283 5.73 14.30 31.11
CA LEU B 283 6.24 15.22 30.10
C LEU B 283 7.63 15.72 30.50
N ASN B 284 7.85 15.84 31.81
CA ASN B 284 9.13 16.29 32.31
C ASN B 284 10.16 15.17 32.07
N ALA B 285 9.77 13.94 32.39
CA ALA B 285 10.66 12.79 32.21
C ALA B 285 10.99 12.62 30.72
N ILE B 286 10.02 12.91 29.86
CA ILE B 286 10.21 12.80 28.43
C ILE B 286 11.26 13.79 27.97
N ASN B 287 11.19 15.00 28.49
CA ASN B 287 12.16 16.04 28.12
C ASN B 287 13.52 15.82 28.77
N LYS B 288 13.59 14.95 29.77
CA LYS B 288 14.87 14.68 30.43
C LYS B 288 15.49 13.40 29.90
N CYS B 289 14.78 12.71 29.01
CA CYS B 289 15.27 11.48 28.42
C CYS B 289 16.60 11.73 27.72
N PRO B 290 17.64 10.94 28.07
CA PRO B 290 18.99 11.04 27.51
C PRO B 290 19.17 10.64 26.05
N LEU B 291 18.16 10.90 25.23
CA LEU B 291 18.23 10.59 23.81
C LEU B 291 18.03 11.90 23.04
N LEU B 292 18.54 11.96 21.83
CA LEU B 292 18.41 13.17 21.02
C LEU B 292 16.97 13.32 20.55
N LYS B 293 16.39 14.50 20.78
CA LYS B 293 15.01 14.80 20.36
C LYS B 293 15.03 16.04 19.47
N PRO B 294 14.92 15.84 18.14
CA PRO B 294 14.93 16.92 17.15
C PRO B 294 13.67 17.76 17.02
N TRP B 295 12.71 17.56 17.91
CA TRP B 295 11.48 18.35 17.85
C TRP B 295 11.09 18.77 19.26
N ALA B 296 10.33 19.87 19.34
CA ALA B 296 9.87 20.33 20.64
C ALA B 296 8.92 19.25 21.15
N LEU B 297 8.99 18.97 22.44
CA LEU B 297 8.16 17.97 23.08
C LEU B 297 7.40 18.70 24.17
N THR B 298 6.18 19.10 23.85
CA THR B 298 5.37 19.86 24.78
C THR B 298 4.00 19.25 25.03
N PHE B 299 3.07 20.06 25.52
CA PHE B 299 1.72 19.60 25.84
C PHE B 299 0.58 20.24 25.05
N SER B 300 -0.54 19.52 25.03
CA SER B 300 -1.79 19.96 24.42
C SER B 300 -2.77 19.25 25.33
N TYR B 301 -3.02 19.86 26.49
CA TYR B 301 -3.88 19.26 27.48
C TYR B 301 -5.25 19.88 27.66
N GLY B 302 -6.20 19.05 28.03
N GLY B 302 -6.20 19.05 28.04
CA GLY B 302 -7.55 19.52 28.26
CA GLY B 302 -7.55 19.50 28.30
C GLY B 302 -7.85 19.31 29.74
C GLY B 302 -7.73 19.35 29.80
N ARG B 303 -8.08 18.06 30.09
N ARG B 303 -8.24 18.20 30.22
CA ARG B 303 -8.37 17.67 31.47
CA ARG B 303 -8.46 17.92 31.64
C ARG B 303 -7.18 17.96 32.39
C ARG B 303 -7.18 18.20 32.46
N ALA B 304 -5.97 17.72 31.89
N ALA B 304 -6.04 17.74 31.95
CA ALA B 304 -4.75 17.92 32.66
CA ALA B 304 -4.77 17.92 32.64
C ALA B 304 -4.43 19.39 32.94
C ALA B 304 -4.43 19.39 32.93
N LEU B 305 -5.21 20.31 32.36
CA LEU B 305 -4.99 21.72 32.59
C LEU B 305 -6.21 22.39 33.23
N GLN B 306 -7.35 21.71 33.15
CA GLN B 306 -8.61 22.26 33.67
C GLN B 306 -9.25 21.53 34.86
N ALA B 307 -8.89 20.27 35.07
CA ALA B 307 -9.46 19.47 36.14
C ALA B 307 -9.71 20.25 37.43
N SER B 308 -8.65 20.79 38.03
CA SER B 308 -8.77 21.53 39.27
C SER B 308 -9.48 22.86 39.13
N ALA B 309 -9.18 23.60 38.06
CA ALA B 309 -9.81 24.89 37.82
C ALA B 309 -11.33 24.74 37.79
N LEU B 310 -11.80 23.71 37.08
CA LEU B 310 -13.23 23.43 36.96
C LEU B 310 -13.86 23.14 38.32
N LYS B 311 -13.15 22.35 39.13
CA LYS B 311 -13.62 21.99 40.46
C LYS B 311 -13.67 23.18 41.42
N ALA B 312 -12.63 24.01 41.38
CA ALA B 312 -12.55 25.19 42.23
C ALA B 312 -13.64 26.18 41.88
N TRP B 313 -13.96 26.27 40.58
CA TRP B 313 -15.00 27.17 40.11
C TRP B 313 -16.32 26.73 40.71
N GLY B 314 -16.69 25.47 40.45
CA GLY B 314 -17.93 24.93 40.98
C GLY B 314 -19.17 25.65 40.50
N GLY B 315 -19.06 26.36 39.39
CA GLY B 315 -20.20 27.07 38.83
C GLY B 315 -20.55 28.37 39.54
N LYS B 316 -19.77 28.74 40.53
CA LYS B 316 -20.02 29.97 41.28
C LYS B 316 -19.11 31.11 40.81
N LYS B 317 -19.72 32.23 40.44
CA LYS B 317 -18.99 33.38 39.94
C LYS B 317 -17.99 33.96 40.95
N GLU B 318 -18.22 33.70 42.23
CA GLU B 318 -17.32 34.20 43.27
C GLU B 318 -16.07 33.34 43.45
N ASN B 319 -15.94 32.29 42.64
CA ASN B 319 -14.77 31.42 42.73
C ASN B 319 -13.88 31.59 41.51
N LEU B 320 -14.08 32.69 40.78
CA LEU B 320 -13.30 32.98 39.58
C LEU B 320 -11.80 32.94 39.84
N LYS B 321 -11.35 33.73 40.81
CA LYS B 321 -9.95 33.80 41.16
C LYS B 321 -9.38 32.45 41.58
N ALA B 322 -10.09 31.78 42.48
CA ALA B 322 -9.66 30.47 42.97
C ALA B 322 -9.49 29.48 41.81
N ALA B 323 -10.47 29.46 40.91
CA ALA B 323 -10.44 28.56 39.76
C ALA B 323 -9.28 28.89 38.82
N GLN B 324 -9.17 30.15 38.42
CA GLN B 324 -8.09 30.56 37.52
C GLN B 324 -6.74 30.23 38.12
N GLU B 325 -6.64 30.34 39.45
CA GLU B 325 -5.40 30.06 40.16
C GLU B 325 -4.96 28.61 39.92
N GLU B 326 -5.91 27.68 39.96
CA GLU B 326 -5.60 26.28 39.74
C GLU B 326 -5.12 26.07 38.31
N TYR B 327 -5.74 26.80 37.37
CA TYR B 327 -5.37 26.71 35.97
C TYR B 327 -3.93 27.19 35.80
N VAL B 328 -3.64 28.35 36.38
CA VAL B 328 -2.31 28.94 36.32
C VAL B 328 -1.28 27.98 36.90
N LYS B 329 -1.65 27.31 38.00
CA LYS B 329 -0.75 26.35 38.65
C LYS B 329 -0.31 25.24 37.70
N ARG B 330 -1.28 24.67 36.97
CA ARG B 330 -0.96 23.59 36.03
C ARG B 330 -0.23 24.11 34.81
N ALA B 331 -0.59 25.31 34.36
CA ALA B 331 0.07 25.90 33.20
C ALA B 331 1.57 26.03 33.49
N LEU B 332 1.88 26.58 34.67
CA LEU B 332 3.26 26.77 35.10
C LEU B 332 3.99 25.45 35.27
N ALA B 333 3.31 24.46 35.82
CA ALA B 333 3.90 23.15 36.04
C ALA B 333 4.29 22.48 34.72
N ASN B 334 3.46 22.67 33.69
CA ASN B 334 3.72 22.06 32.40
C ASN B 334 4.70 22.87 31.53
N SER B 335 4.72 24.19 31.73
CA SER B 335 5.64 25.02 30.97
C SER B 335 7.07 24.63 31.37
N LEU B 336 7.25 24.31 32.64
CA LEU B 336 8.56 23.90 33.14
C LEU B 336 8.83 22.47 32.71
N ALA B 337 7.78 21.66 32.72
CA ALA B 337 7.89 20.25 32.34
C ALA B 337 8.32 20.07 30.89
N CYS B 338 7.80 20.92 29.99
CA CYS B 338 8.17 20.80 28.58
C CYS B 338 9.59 21.32 28.34
N GLN B 339 10.31 21.54 29.44
CA GLN B 339 11.69 22.01 29.38
C GLN B 339 12.55 21.11 30.25
N GLY B 340 11.91 20.19 30.97
CA GLY B 340 12.64 19.30 31.85
C GLY B 340 13.09 20.01 33.12
N LYS B 341 12.30 21.00 33.54
CA LYS B 341 12.63 21.77 34.73
C LYS B 341 11.52 21.73 35.78
N TYR B 342 10.76 20.63 35.81
CA TYR B 342 9.68 20.49 36.77
C TYR B 342 9.95 19.48 37.86
N THR B 343 9.51 19.82 39.08
CA THR B 343 9.66 18.96 40.24
C THR B 343 8.41 19.10 41.12
N PRO B 344 7.59 18.04 41.21
CA PRO B 344 6.37 18.05 42.01
C PRO B 344 6.56 18.66 43.41
N SER B 345 5.59 19.47 43.83
CA SER B 345 5.59 20.14 45.12
C SER B 345 6.59 21.31 45.16
N SER B 359 19.25 0.21 30.14
CA SER B 359 19.63 0.02 28.75
C SER B 359 18.43 0.34 27.88
N ASN B 360 18.63 1.19 26.88
CA ASN B 360 17.55 1.57 25.98
C ASN B 360 17.41 0.56 24.84
N HIS B 361 18.27 -0.46 24.84
CA HIS B 361 18.22 -1.49 23.82
C HIS B 361 17.13 -2.49 24.18
N ALA B 362 16.53 -2.28 25.34
CA ALA B 362 15.45 -3.14 25.82
C ALA B 362 14.12 -2.61 25.30
N TYR B 363 14.19 -1.49 24.60
CA TYR B 363 13.02 -0.85 24.02
C TYR B 363 13.03 -1.01 22.51
N PRO C 1 -1.39 -6.68 14.54
CA PRO C 1 -0.85 -5.56 15.35
C PRO C 1 -0.16 -6.08 16.60
N HIS C 2 0.42 -7.27 16.49
CA HIS C 2 1.11 -7.89 17.62
C HIS C 2 2.61 -8.01 17.42
N SER C 3 3.35 -7.84 18.50
CA SER C 3 4.81 -7.91 18.47
C SER C 3 5.40 -9.28 18.75
N HIS C 4 6.28 -9.71 17.87
CA HIS C 4 6.98 -10.98 17.98
C HIS C 4 8.44 -10.59 17.73
N PRO C 5 9.08 -9.97 18.73
CA PRO C 5 10.47 -9.50 18.71
C PRO C 5 11.39 -10.18 17.71
N ALA C 6 11.83 -9.43 16.72
CA ALA C 6 12.74 -9.97 15.71
C ALA C 6 14.12 -10.07 16.34
N LEU C 7 14.40 -9.18 17.29
CA LEU C 7 15.70 -9.12 17.95
C LEU C 7 15.63 -9.02 19.47
N THR C 8 16.60 -9.61 20.15
CA THR C 8 16.67 -9.55 21.61
C THR C 8 17.45 -8.28 21.96
N PRO C 9 17.46 -7.88 23.24
CA PRO C 9 18.19 -6.68 23.65
C PRO C 9 19.69 -6.78 23.36
N GLU C 10 20.25 -7.98 23.46
CA GLU C 10 21.67 -8.19 23.19
C GLU C 10 21.98 -7.99 21.71
N GLN C 11 21.14 -8.57 20.85
CA GLN C 11 21.32 -8.44 19.41
C GLN C 11 21.23 -6.98 18.99
N LYS C 12 20.23 -6.27 19.54
CA LYS C 12 20.06 -4.85 19.22
C LYS C 12 21.31 -4.08 19.65
N LYS C 13 21.77 -4.35 20.87
CA LYS C 13 22.95 -3.66 21.39
C LYS C 13 24.15 -3.88 20.47
N GLU C 14 24.33 -5.11 20.02
CA GLU C 14 25.45 -5.42 19.13
C GLU C 14 25.35 -4.66 17.81
N LEU C 15 24.15 -4.63 17.24
CA LEU C 15 23.93 -3.94 15.97
C LEU C 15 24.11 -2.43 16.11
N SER C 16 23.60 -1.85 17.19
CA SER C 16 23.73 -0.42 17.40
C SER C 16 25.19 -0.01 17.61
N ASP C 17 25.92 -0.80 18.40
CA ASP C 17 27.32 -0.49 18.65
C ASP C 17 28.13 -0.52 17.36
N ILE C 18 27.87 -1.51 16.50
CA ILE C 18 28.58 -1.60 15.24
C ILE C 18 28.28 -0.37 14.38
N ALA C 19 27.01 -0.03 14.25
CA ALA C 19 26.59 1.12 13.44
C ALA C 19 27.26 2.41 13.88
N HIS C 20 27.29 2.66 15.19
CA HIS C 20 27.90 3.88 15.73
C HIS C 20 29.41 3.93 15.55
N ARG C 21 30.06 2.78 15.58
CA ARG C 21 31.51 2.75 15.41
C ARG C 21 31.89 3.12 13.99
N ILE C 22 31.09 2.65 13.03
CA ILE C 22 31.35 2.94 11.63
C ILE C 22 31.27 4.42 11.31
N VAL C 23 30.32 5.12 11.93
CA VAL C 23 30.15 6.54 11.67
C VAL C 23 30.56 7.48 12.80
N ALA C 24 31.39 6.98 13.72
CA ALA C 24 31.86 7.80 14.83
C ALA C 24 32.42 9.12 14.28
N PRO C 25 32.33 10.20 15.07
CA PRO C 25 32.83 11.52 14.66
C PRO C 25 34.15 11.49 13.88
N GLY C 26 34.13 12.06 12.68
CA GLY C 26 35.32 12.11 11.86
C GLY C 26 35.57 10.90 10.96
N LYS C 27 34.79 9.84 11.13
CA LYS C 27 34.99 8.64 10.32
C LYS C 27 33.99 8.43 9.19
N GLY C 28 34.48 7.80 8.13
CA GLY C 28 33.65 7.50 6.97
C GLY C 28 33.95 6.10 6.48
N ILE C 29 33.42 5.76 5.31
CA ILE C 29 33.60 4.44 4.74
C ILE C 29 34.33 4.41 3.41
N LEU C 30 35.28 3.49 3.29
CA LEU C 30 36.00 3.31 2.03
C LEU C 30 35.27 2.22 1.28
N ALA C 31 34.73 2.56 0.11
CA ALA C 31 34.02 1.59 -0.71
C ALA C 31 35.01 1.00 -1.72
N ALA C 32 35.56 -0.16 -1.41
CA ALA C 32 36.50 -0.81 -2.31
C ALA C 32 35.96 -2.18 -2.72
N ASP C 33 34.64 -2.26 -2.85
CA ASP C 33 33.96 -3.50 -3.20
C ASP C 33 33.69 -3.69 -4.69
N GLU C 34 34.54 -3.12 -5.54
CA GLU C 34 34.34 -3.29 -6.98
C GLU C 34 34.44 -4.77 -7.33
N SER C 35 33.55 -5.24 -8.20
CA SER C 35 33.54 -6.63 -8.62
C SER C 35 34.66 -6.88 -9.61
N THR C 36 34.94 -8.14 -9.89
CA THR C 36 35.99 -8.51 -10.83
C THR C 36 35.71 -7.89 -12.20
N GLY C 37 34.43 -7.73 -12.51
CA GLY C 37 34.05 -7.15 -13.80
C GLY C 37 34.10 -5.64 -13.79
N SER C 38 33.83 -5.05 -12.63
CA SER C 38 33.85 -3.60 -12.48
C SER C 38 35.27 -3.07 -12.33
N ILE C 39 36.09 -3.81 -11.59
CA ILE C 39 37.48 -3.41 -11.37
C ILE C 39 38.28 -3.55 -12.67
N ALA C 40 37.70 -4.27 -13.64
CA ALA C 40 38.36 -4.48 -14.92
C ALA C 40 38.62 -3.15 -15.63
N LYS C 41 37.61 -2.29 -15.66
CA LYS C 41 37.74 -0.99 -16.29
C LYS C 41 38.78 -0.13 -15.58
N ARG C 42 38.74 -0.16 -14.25
CA ARG C 42 39.69 0.61 -13.46
C ARG C 42 41.13 0.24 -13.79
N LEU C 43 41.39 -1.06 -13.88
CA LEU C 43 42.72 -1.56 -14.18
C LEU C 43 43.14 -1.25 -15.61
N GLN C 44 42.19 -1.33 -16.54
CA GLN C 44 42.50 -1.05 -17.93
C GLN C 44 42.72 0.44 -18.16
N SER C 45 42.29 1.27 -17.22
CA SER C 45 42.46 2.71 -17.33
C SER C 45 43.90 3.09 -17.00
N ILE C 46 44.65 2.14 -16.44
CA ILE C 46 46.04 2.38 -16.10
C ILE C 46 46.92 1.30 -16.73
N GLY C 47 46.37 0.66 -17.76
CA GLY C 47 47.10 -0.39 -18.47
C GLY C 47 47.67 -1.48 -17.59
N THR C 48 46.81 -2.09 -16.77
CA THR C 48 47.24 -3.15 -15.88
C THR C 48 46.39 -4.40 -16.10
N GLU C 49 47.03 -5.56 -16.13
CA GLU C 49 46.34 -6.82 -16.34
C GLU C 49 45.42 -7.12 -15.16
N ASN C 50 44.18 -7.48 -15.46
CA ASN C 50 43.20 -7.77 -14.42
C ASN C 50 43.35 -9.19 -13.88
N THR C 51 44.36 -9.38 -13.02
CA THR C 51 44.63 -10.67 -12.40
C THR C 51 44.32 -10.58 -10.91
N GLU C 52 44.13 -11.73 -10.27
CA GLU C 52 43.83 -11.73 -8.84
C GLU C 52 44.96 -11.08 -8.05
N GLU C 53 46.19 -11.26 -8.53
CA GLU C 53 47.34 -10.70 -7.85
C GLU C 53 47.38 -9.18 -7.92
N ASN C 54 47.01 -8.61 -9.06
CA ASN C 54 47.01 -7.16 -9.19
C ASN C 54 45.87 -6.57 -8.37
N ARG C 55 44.74 -7.29 -8.32
CA ARG C 55 43.60 -6.83 -7.54
C ARG C 55 43.99 -6.89 -6.06
N ARG C 56 44.70 -7.95 -5.68
CA ARG C 56 45.13 -8.10 -4.30
C ARG C 56 46.08 -6.96 -3.93
N PHE C 57 47.06 -6.71 -4.81
CA PHE C 57 48.03 -5.65 -4.57
C PHE C 57 47.36 -4.29 -4.42
N TYR C 58 46.40 -4.00 -5.30
CA TYR C 58 45.72 -2.70 -5.25
C TYR C 58 44.93 -2.54 -3.95
N ARG C 59 44.17 -3.56 -3.58
CA ARG C 59 43.39 -3.49 -2.35
C ARG C 59 44.33 -3.37 -1.16
N GLN C 60 45.44 -4.10 -1.21
CA GLN C 60 46.43 -4.05 -0.15
C GLN C 60 46.99 -2.63 -0.04
N LEU C 61 47.26 -2.03 -1.20
CA LEU C 61 47.81 -0.67 -1.26
C LEU C 61 46.95 0.31 -0.48
N LEU C 62 45.63 0.14 -0.57
CA LEU C 62 44.69 1.01 0.13
C LEU C 62 44.52 0.64 1.59
N LEU C 63 44.35 -0.66 1.86
CA LEU C 63 44.13 -1.14 3.22
C LEU C 63 45.30 -0.98 4.18
N THR C 64 46.52 -1.00 3.65
CA THR C 64 47.71 -0.88 4.48
C THR C 64 48.30 0.54 4.53
N ALA C 65 47.51 1.54 4.15
CA ALA C 65 47.98 2.94 4.18
C ALA C 65 48.39 3.25 5.62
N ASP C 66 49.29 4.22 5.80
CA ASP C 66 49.76 4.57 7.14
C ASP C 66 48.66 4.95 8.13
N ASP C 67 49.03 4.99 9.41
CA ASP C 67 48.11 5.28 10.50
C ASP C 67 47.37 6.62 10.48
N ARG C 68 47.64 7.47 9.49
CA ARG C 68 46.94 8.74 9.41
C ARG C 68 45.47 8.52 9.04
N VAL C 69 45.20 7.45 8.30
CA VAL C 69 43.83 7.15 7.88
C VAL C 69 42.99 6.54 8.99
N ASN C 70 43.64 5.98 10.00
CA ASN C 70 42.96 5.33 11.11
C ASN C 70 41.76 6.09 11.68
N PRO C 71 41.94 7.39 11.99
CA PRO C 71 40.80 8.14 12.53
C PRO C 71 39.82 8.59 11.46
N CYS C 72 40.19 8.38 10.20
CA CYS C 72 39.35 8.76 9.07
C CYS C 72 38.43 7.64 8.59
N ILE C 73 38.89 6.41 8.73
CA ILE C 73 38.14 5.26 8.26
C ILE C 73 37.47 4.44 9.35
N GLY C 74 36.14 4.52 9.40
CA GLY C 74 35.38 3.76 10.38
C GLY C 74 34.92 2.44 9.79
N GLY C 75 34.95 2.34 8.47
CA GLY C 75 34.54 1.12 7.82
C GLY C 75 35.09 0.95 6.41
N VAL C 76 35.24 -0.30 6.00
CA VAL C 76 35.75 -0.60 4.65
C VAL C 76 34.85 -1.68 4.06
N ILE C 77 34.29 -1.40 2.88
CA ILE C 77 33.43 -2.36 2.21
C ILE C 77 34.26 -3.18 1.22
N LEU C 78 34.19 -4.49 1.35
CA LEU C 78 34.96 -5.37 0.47
C LEU C 78 34.06 -6.24 -0.40
N PHE C 79 34.64 -6.72 -1.49
CA PHE C 79 33.97 -7.64 -2.41
C PHE C 79 34.34 -9.01 -1.86
N HIS C 80 33.52 -10.02 -2.14
CA HIS C 80 33.76 -11.37 -1.64
C HIS C 80 35.23 -11.81 -1.73
N GLU C 81 35.79 -11.76 -2.94
CA GLU C 81 37.17 -12.17 -3.16
C GLU C 81 38.15 -11.57 -2.17
N THR C 82 38.11 -10.25 -2.03
CA THR C 82 39.02 -9.53 -1.13
C THR C 82 38.92 -9.94 0.33
N LEU C 83 37.72 -10.26 0.78
CA LEU C 83 37.49 -10.65 2.17
C LEU C 83 38.36 -11.86 2.53
N TYR C 84 38.67 -12.69 1.54
CA TYR C 84 39.46 -13.87 1.79
C TYR C 84 40.91 -13.80 1.30
N GLN C 85 41.37 -12.59 0.98
CA GLN C 85 42.74 -12.41 0.55
C GLN C 85 43.58 -11.97 1.74
N LYS C 86 44.90 -12.08 1.62
CA LYS C 86 45.80 -11.70 2.70
C LYS C 86 46.87 -10.74 2.23
N ALA C 87 47.37 -9.92 3.16
CA ALA C 87 48.43 -8.98 2.84
C ALA C 87 49.72 -9.76 2.66
N ASP C 88 50.80 -9.10 2.30
CA ASP C 88 52.08 -9.78 2.10
C ASP C 88 52.57 -10.50 3.35
N ASP C 89 52.28 -9.94 4.52
CA ASP C 89 52.71 -10.53 5.79
C ASP C 89 51.90 -11.76 6.18
N GLY C 90 50.86 -12.08 5.40
CA GLY C 90 50.05 -13.25 5.71
C GLY C 90 48.78 -12.93 6.50
N ARG C 91 48.64 -11.68 6.93
CA ARG C 91 47.45 -11.30 7.68
C ARG C 91 46.23 -11.14 6.78
N PRO C 92 45.09 -11.74 7.17
CA PRO C 92 43.88 -11.62 6.36
C PRO C 92 43.52 -10.13 6.28
N PHE C 93 43.03 -9.66 5.13
CA PHE C 93 42.68 -8.25 5.01
C PHE C 93 41.72 -7.77 6.09
N PRO C 94 40.72 -8.59 6.46
CA PRO C 94 39.82 -8.11 7.52
C PRO C 94 40.57 -7.82 8.82
N GLN C 95 41.64 -8.58 9.09
CA GLN C 95 42.42 -8.38 10.30
C GLN C 95 43.18 -7.06 10.18
N VAL C 96 43.68 -6.78 8.98
CA VAL C 96 44.40 -5.55 8.70
C VAL C 96 43.48 -4.36 8.97
N ILE C 97 42.27 -4.42 8.44
CA ILE C 97 41.28 -3.35 8.62
C ILE C 97 40.99 -3.11 10.09
N LYS C 98 40.70 -4.18 10.81
CA LYS C 98 40.38 -4.08 12.23
C LYS C 98 41.53 -3.56 13.08
N SER C 99 42.76 -3.96 12.76
CA SER C 99 43.92 -3.50 13.51
C SER C 99 44.12 -2.00 13.35
N LYS C 100 43.52 -1.43 12.31
CA LYS C 100 43.62 0.00 12.07
C LYS C 100 42.40 0.74 12.60
N GLY C 101 41.55 0.00 13.32
CA GLY C 101 40.35 0.60 13.90
C GLY C 101 39.12 0.60 13.02
N GLY C 102 39.19 -0.06 11.87
CA GLY C 102 38.04 -0.07 10.98
C GLY C 102 37.14 -1.29 11.11
N VAL C 103 35.89 -1.13 10.70
CA VAL C 103 34.92 -2.22 10.74
C VAL C 103 34.87 -2.78 9.31
N VAL C 104 34.82 -4.10 9.19
CA VAL C 104 34.79 -4.75 7.89
C VAL C 104 33.38 -4.94 7.34
N GLY C 105 33.20 -4.56 6.08
CA GLY C 105 31.90 -4.69 5.42
C GLY C 105 31.99 -5.59 4.21
N ILE C 106 30.85 -6.13 3.78
CA ILE C 106 30.82 -7.04 2.63
C ILE C 106 29.62 -6.77 1.71
N LYS C 107 29.88 -6.70 0.40
CA LYS C 107 28.81 -6.50 -0.56
C LYS C 107 28.10 -7.85 -0.68
N VAL C 108 26.79 -7.88 -0.50
CA VAL C 108 26.06 -9.14 -0.59
C VAL C 108 25.00 -9.22 -1.70
N ASP C 109 24.72 -8.12 -2.39
CA ASP C 109 23.73 -8.18 -3.46
C ASP C 109 24.34 -8.89 -4.68
N LYS C 110 23.50 -9.31 -5.61
CA LYS C 110 23.96 -9.99 -6.81
C LYS C 110 23.59 -9.21 -8.06
N GLY C 111 23.65 -7.89 -7.95
CA GLY C 111 23.36 -7.02 -9.09
C GLY C 111 21.91 -6.74 -9.38
N VAL C 112 21.69 -5.82 -10.33
CA VAL C 112 20.36 -5.43 -10.73
C VAL C 112 19.80 -6.33 -11.83
N VAL C 113 18.48 -6.35 -11.94
CA VAL C 113 17.79 -7.14 -12.95
C VAL C 113 16.65 -6.27 -13.44
N PRO C 114 16.31 -6.36 -14.73
CA PRO C 114 15.22 -5.57 -15.30
C PRO C 114 13.82 -5.91 -14.79
N LEU C 115 13.02 -4.87 -14.57
CA LEU C 115 11.64 -5.03 -14.13
C LEU C 115 10.79 -4.96 -15.39
N ALA C 116 10.17 -6.08 -15.75
CA ALA C 116 9.33 -6.12 -16.94
C ALA C 116 8.20 -5.12 -16.83
N GLY C 117 7.79 -4.56 -17.96
CA GLY C 117 6.69 -3.61 -17.95
C GLY C 117 7.07 -2.21 -17.53
N THR C 118 8.37 -1.93 -17.41
CA THR C 118 8.82 -0.59 -17.02
C THR C 118 9.71 -0.02 -18.10
N ASN C 119 10.01 1.28 -18.00
CA ASN C 119 10.86 1.93 -18.98
C ASN C 119 12.32 1.83 -18.56
N GLY C 120 12.86 0.62 -18.71
CA GLY C 120 14.26 0.38 -18.37
C GLY C 120 14.58 0.42 -16.89
N GLU C 121 13.58 0.15 -16.03
CA GLU C 121 13.82 0.18 -14.60
C GLU C 121 14.26 -1.18 -14.08
N THR C 122 14.90 -1.19 -12.91
CA THR C 122 15.40 -2.42 -12.34
C THR C 122 15.10 -2.58 -10.86
N THR C 123 15.37 -3.78 -10.36
CA THR C 123 15.27 -4.09 -8.95
C THR C 123 16.60 -4.83 -8.73
N THR C 124 16.85 -5.28 -7.51
CA THR C 124 18.11 -5.96 -7.23
C THR C 124 17.89 -7.35 -6.67
N GLN C 125 18.73 -8.29 -7.06
CA GLN C 125 18.60 -9.66 -6.58
C GLN C 125 19.72 -10.03 -5.61
N GLY C 126 19.56 -11.16 -4.92
CA GLY C 126 20.57 -11.59 -3.97
C GLY C 126 20.06 -12.12 -2.64
N LEU C 127 18.74 -12.26 -2.50
CA LEU C 127 18.16 -12.73 -1.25
C LEU C 127 18.31 -14.24 -1.04
N ASP C 128 18.43 -14.99 -2.13
CA ASP C 128 18.55 -16.44 -2.01
C ASP C 128 19.80 -16.87 -1.24
N GLY C 129 19.58 -17.66 -0.19
CA GLY C 129 20.68 -18.13 0.63
C GLY C 129 21.42 -17.02 1.37
N LEU C 130 20.85 -15.82 1.37
CA LEU C 130 21.50 -14.68 2.04
C LEU C 130 21.79 -14.92 3.52
N SER C 131 20.86 -15.56 4.23
CA SER C 131 21.07 -15.79 5.66
C SER C 131 22.32 -16.63 5.94
N GLU C 132 22.51 -17.70 5.17
CA GLU C 132 23.68 -18.56 5.35
C GLU C 132 24.95 -17.80 5.00
N ARG C 133 24.86 -16.98 3.95
CA ARG C 133 26.02 -16.20 3.52
C ARG C 133 26.40 -15.18 4.60
N CYS C 134 25.40 -14.53 5.19
CA CYS C 134 25.65 -13.55 6.23
C CYS C 134 26.27 -14.20 7.45
N ALA C 135 25.75 -15.37 7.82
CA ALA C 135 26.29 -16.09 8.96
C ALA C 135 27.76 -16.42 8.72
N GLN C 136 28.09 -16.80 7.49
CA GLN C 136 29.48 -17.14 7.15
C GLN C 136 30.37 -15.90 7.14
N TYR C 137 29.85 -14.80 6.60
CA TYR C 137 30.62 -13.57 6.54
C TYR C 137 30.90 -13.03 7.94
N LYS C 138 29.90 -13.10 8.80
CA LYS C 138 30.02 -12.64 10.18
C LYS C 138 31.17 -13.38 10.85
N LYS C 139 31.18 -14.70 10.68
CA LYS C 139 32.21 -15.54 11.28
C LYS C 139 33.58 -15.22 10.69
N ASP C 140 33.61 -14.82 9.42
CA ASP C 140 34.88 -14.50 8.77
C ASP C 140 35.33 -13.05 8.91
N GLY C 141 34.74 -12.31 9.86
CA GLY C 141 35.16 -10.95 10.09
C GLY C 141 34.32 -9.74 9.69
N ALA C 142 33.25 -9.94 8.93
CA ALA C 142 32.43 -8.80 8.51
C ALA C 142 31.37 -8.45 9.56
N ASP C 143 31.11 -7.15 9.74
CA ASP C 143 30.12 -6.68 10.69
C ASP C 143 29.00 -5.85 10.06
N PHE C 144 29.18 -5.45 8.81
CA PHE C 144 28.12 -4.72 8.10
C PHE C 144 28.09 -5.19 6.65
N ALA C 145 26.98 -4.90 5.97
CA ALA C 145 26.83 -5.33 4.58
C ALA C 145 26.44 -4.20 3.64
N LYS C 146 26.55 -4.46 2.35
CA LYS C 146 26.23 -3.50 1.31
C LYS C 146 25.30 -4.13 0.28
N TRP C 147 24.23 -3.42 -0.05
CA TRP C 147 23.25 -3.86 -1.04
C TRP C 147 22.81 -2.60 -1.77
N ARG C 148 22.99 -2.59 -3.08
CA ARG C 148 22.64 -1.41 -3.87
C ARG C 148 21.44 -1.54 -4.79
N CYS C 149 20.49 -0.62 -4.62
CA CYS C 149 19.31 -0.57 -5.47
C CYS C 149 19.48 0.70 -6.30
N VAL C 150 19.05 0.66 -7.56
CA VAL C 150 19.20 1.81 -8.44
C VAL C 150 17.90 2.28 -9.07
N LEU C 151 17.63 3.58 -8.95
CA LEU C 151 16.43 4.20 -9.52
C LEU C 151 16.87 5.33 -10.43
N LYS C 152 16.08 5.60 -11.46
CA LYS C 152 16.43 6.66 -12.40
C LYS C 152 15.31 7.68 -12.58
N ILE C 153 15.69 8.95 -12.69
CA ILE C 153 14.71 10.02 -12.88
C ILE C 153 14.54 10.25 -14.38
N GLY C 154 13.30 10.14 -14.84
CA GLY C 154 13.00 10.33 -16.25
C GLY C 154 11.57 10.80 -16.39
N GLU C 155 11.05 10.80 -17.62
CA GLU C 155 9.68 11.25 -17.84
C GLU C 155 8.65 10.38 -17.12
N HIS C 156 8.92 9.08 -17.01
CA HIS C 156 7.99 8.18 -16.33
C HIS C 156 8.65 7.35 -15.23
N THR C 157 9.81 7.78 -14.75
CA THR C 157 10.51 7.05 -13.70
C THR C 157 11.02 7.99 -12.62
N PRO C 158 11.19 7.49 -11.39
CA PRO C 158 10.91 6.11 -10.96
C PRO C 158 9.41 5.85 -10.89
N SER C 159 8.97 4.69 -11.35
CA SER C 159 7.56 4.35 -11.32
C SER C 159 7.16 3.85 -9.94
N ALA C 160 5.85 3.79 -9.70
CA ALA C 160 5.34 3.30 -8.43
C ALA C 160 5.86 1.88 -8.21
N LEU C 161 5.87 1.07 -9.27
CA LEU C 161 6.36 -0.30 -9.15
C LEU C 161 7.83 -0.35 -8.73
N ALA C 162 8.67 0.40 -9.43
CA ALA C 162 10.11 0.42 -9.14
C ALA C 162 10.38 0.88 -7.71
N ILE C 163 9.69 1.92 -7.28
CA ILE C 163 9.86 2.45 -5.93
C ILE C 163 9.46 1.42 -4.88
N MET C 164 8.28 0.84 -5.06
CA MET C 164 7.74 -0.16 -4.13
C MET C 164 8.59 -1.43 -4.08
N GLU C 165 8.96 -1.95 -5.24
CA GLU C 165 9.76 -3.18 -5.31
C GLU C 165 11.15 -3.02 -4.71
N ASN C 166 11.85 -1.95 -5.07
CA ASN C 166 13.18 -1.71 -4.54
C ASN C 166 13.16 -1.50 -3.03
N ALA C 167 12.16 -0.78 -2.55
CA ALA C 167 12.03 -0.53 -1.11
C ALA C 167 11.78 -1.84 -0.37
N ASN C 168 10.96 -2.71 -0.96
CA ASN C 168 10.63 -3.99 -0.34
C ASN C 168 11.84 -4.92 -0.29
N VAL C 169 12.61 -4.98 -1.37
CA VAL C 169 13.78 -5.87 -1.38
C VAL C 169 14.85 -5.37 -0.41
N LEU C 170 14.97 -4.07 -0.25
CA LEU C 170 15.94 -3.50 0.69
C LEU C 170 15.55 -3.89 2.12
N ALA C 171 14.24 -3.93 2.37
CA ALA C 171 13.73 -4.30 3.69
C ALA C 171 14.00 -5.78 4.00
N ARG C 172 13.82 -6.64 3.01
CA ARG C 172 14.06 -8.06 3.20
C ARG C 172 15.56 -8.29 3.49
N TYR C 173 16.40 -7.57 2.76
CA TYR C 173 17.85 -7.66 2.90
C TYR C 173 18.29 -7.20 4.29
N ALA C 174 17.72 -6.11 4.78
CA ALA C 174 18.07 -5.59 6.09
C ALA C 174 17.63 -6.56 7.18
N SER C 175 16.44 -7.14 7.00
CA SER C 175 15.90 -8.08 7.98
C SER C 175 16.81 -9.29 8.14
N ILE C 176 17.24 -9.87 7.02
CA ILE C 176 18.11 -11.04 7.05
C ILE C 176 19.48 -10.73 7.66
N CYS C 177 20.03 -9.56 7.34
CA CYS C 177 21.32 -9.15 7.87
C CYS C 177 21.25 -9.05 9.41
N GLN C 178 20.25 -8.35 9.93
CA GLN C 178 20.13 -8.17 11.37
C GLN C 178 19.94 -9.47 12.15
N GLN C 179 19.32 -10.46 11.52
CA GLN C 179 19.13 -11.76 12.17
C GLN C 179 20.48 -12.45 12.34
N ASN C 180 21.48 -11.99 11.58
CA ASN C 180 22.80 -12.60 11.64
C ASN C 180 23.88 -11.69 12.24
N GLY C 181 23.46 -10.63 12.91
CA GLY C 181 24.41 -9.72 13.54
C GLY C 181 25.14 -8.78 12.59
N ILE C 182 24.63 -8.64 11.38
CA ILE C 182 25.23 -7.77 10.37
C ILE C 182 24.44 -6.48 10.22
N VAL C 183 25.13 -5.35 10.34
CA VAL C 183 24.48 -4.04 10.18
C VAL C 183 24.29 -3.80 8.70
N PRO C 184 23.03 -3.68 8.27
CA PRO C 184 22.78 -3.44 6.84
C PRO C 184 22.82 -1.97 6.48
N ILE C 185 23.49 -1.66 5.38
CA ILE C 185 23.53 -0.29 4.89
C ILE C 185 22.51 -0.27 3.77
N VAL C 186 21.42 0.46 3.98
CA VAL C 186 20.34 0.59 3.02
C VAL C 186 20.75 1.61 1.96
N GLU C 187 20.89 1.14 0.72
CA GLU C 187 21.33 2.03 -0.36
C GLU C 187 20.38 2.15 -1.53
N PRO C 188 19.50 3.17 -1.50
CA PRO C 188 18.53 3.41 -2.57
C PRO C 188 19.07 4.55 -3.45
N GLU C 189 20.04 4.23 -4.31
CA GLU C 189 20.64 5.24 -5.16
C GLU C 189 19.79 5.74 -6.31
N ILE C 190 19.55 7.05 -6.32
CA ILE C 190 18.82 7.67 -7.40
C ILE C 190 19.90 8.27 -8.31
N LEU C 191 20.00 7.75 -9.54
CA LEU C 191 21.00 8.21 -10.50
C LEU C 191 20.87 9.69 -10.87
N PRO C 192 22.01 10.36 -11.13
CA PRO C 192 22.01 11.77 -11.50
C PRO C 192 21.76 12.02 -12.99
N ASP C 193 21.62 10.95 -13.76
CA ASP C 193 21.40 11.04 -15.20
C ASP C 193 20.18 11.87 -15.58
N GLY C 194 20.32 12.71 -16.59
CA GLY C 194 19.19 13.53 -17.02
C GLY C 194 19.42 15.02 -16.91
N ASP C 195 18.45 15.80 -17.37
CA ASP C 195 18.55 17.25 -17.33
C ASP C 195 17.63 17.89 -16.30
N HIS C 196 17.11 17.09 -15.38
CA HIS C 196 16.22 17.61 -14.34
C HIS C 196 16.99 18.56 -13.42
N ASP C 197 16.27 19.45 -12.76
CA ASP C 197 16.90 20.41 -11.86
C ASP C 197 16.97 19.90 -10.42
N LEU C 198 17.44 20.77 -9.53
CA LEU C 198 17.58 20.45 -8.11
C LEU C 198 16.28 20.07 -7.41
N LYS C 199 15.22 20.84 -7.64
CA LYS C 199 13.92 20.58 -7.02
C LYS C 199 13.36 19.20 -7.39
N ARG C 200 13.55 18.80 -8.64
CA ARG C 200 13.06 17.50 -9.10
C ARG C 200 13.75 16.38 -8.33
N CYS C 201 15.08 16.46 -8.22
CA CYS C 201 15.83 15.44 -7.51
C CYS C 201 15.39 15.36 -6.05
N GLN C 202 15.21 16.52 -5.41
CA GLN C 202 14.79 16.56 -4.02
C GLN C 202 13.42 15.91 -3.85
N TYR C 203 12.51 16.21 -4.76
CA TYR C 203 11.16 15.65 -4.71
C TYR C 203 11.21 14.14 -4.81
N VAL C 204 11.91 13.63 -5.82
CA VAL C 204 12.03 12.19 -6.00
C VAL C 204 12.74 11.53 -4.82
N THR C 205 13.80 12.17 -4.31
CA THR C 205 14.54 11.62 -3.18
C THR C 205 13.63 11.50 -1.96
N GLU C 206 12.81 12.53 -1.72
CA GLU C 206 11.91 12.52 -0.58
C GLU C 206 10.86 11.41 -0.72
N LYS C 207 10.35 11.20 -1.94
CA LYS C 207 9.35 10.16 -2.16
C LYS C 207 9.97 8.78 -2.01
N VAL C 208 11.18 8.63 -2.53
CA VAL C 208 11.88 7.34 -2.45
C VAL C 208 12.20 7.00 -0.99
N LEU C 209 12.75 7.95 -0.25
CA LEU C 209 13.08 7.67 1.15
C LEU C 209 11.85 7.40 2.00
N ALA C 210 10.73 8.06 1.70
CA ALA C 210 9.51 7.83 2.47
C ALA C 210 9.07 6.37 2.28
N ALA C 211 9.18 5.89 1.05
CA ALA C 211 8.80 4.51 0.74
C ALA C 211 9.77 3.54 1.41
N VAL C 212 11.05 3.89 1.38
CA VAL C 212 12.07 3.04 1.99
C VAL C 212 11.82 2.83 3.48
N TYR C 213 11.59 3.94 4.23
CA TYR C 213 11.38 3.79 5.69
C TYR C 213 10.05 3.14 6.03
N LYS C 214 9.03 3.26 5.21
CA LYS C 214 7.75 2.59 5.47
C LYS C 214 7.96 1.08 5.31
N ALA C 215 8.72 0.69 4.29
CA ALA C 215 9.02 -0.73 4.06
C ALA C 215 9.85 -1.29 5.23
N LEU C 216 10.84 -0.53 5.68
CA LEU C 216 11.67 -0.99 6.80
C LEU C 216 10.78 -1.18 8.04
N SER C 217 9.78 -0.32 8.20
CA SER C 217 8.86 -0.43 9.31
C SER C 217 8.00 -1.67 9.16
N ASP C 218 7.47 -1.90 7.96
CA ASP C 218 6.63 -3.07 7.70
C ASP C 218 7.37 -4.37 7.94
N HIS C 219 8.68 -4.38 7.70
CA HIS C 219 9.52 -5.56 7.87
C HIS C 219 10.21 -5.63 9.24
N HIS C 220 9.75 -4.78 10.17
CA HIS C 220 10.26 -4.74 11.54
C HIS C 220 11.77 -4.53 11.66
N ILE C 221 12.31 -3.64 10.83
CA ILE C 221 13.74 -3.35 10.86
C ILE C 221 14.12 -2.44 12.03
N TYR C 222 15.21 -2.80 12.71
CA TYR C 222 15.74 -2.04 13.85
C TYR C 222 16.61 -0.92 13.28
N LEU C 223 16.04 0.28 13.20
CA LEU C 223 16.71 1.44 12.62
C LEU C 223 18.04 1.84 13.26
N GLU C 224 18.15 1.72 14.58
CA GLU C 224 19.38 2.08 15.27
C GLU C 224 20.52 1.20 14.81
N GLY C 225 20.17 0.03 14.27
CA GLY C 225 21.17 -0.89 13.80
C GLY C 225 21.27 -0.91 12.28
N THR C 226 21.06 0.24 11.66
CA THR C 226 21.15 0.37 10.20
C THR C 226 21.80 1.69 9.85
N LEU C 227 22.21 1.81 8.59
CA LEU C 227 22.80 3.03 8.08
C LEU C 227 22.14 3.29 6.74
N LEU C 228 22.15 4.54 6.28
CA LEU C 228 21.54 4.90 5.00
C LEU C 228 22.60 5.44 4.05
N LYS C 229 22.61 4.91 2.83
CA LYS C 229 23.56 5.37 1.82
C LYS C 229 22.76 5.94 0.65
N PRO C 230 22.37 7.21 0.76
CA PRO C 230 21.61 7.85 -0.31
C PRO C 230 22.51 8.71 -1.15
N ASN C 231 21.96 9.18 -2.27
CA ASN C 231 22.67 10.07 -3.15
C ASN C 231 22.46 11.43 -2.51
N MET C 232 23.36 12.37 -2.80
CA MET C 232 23.17 13.72 -2.30
C MET C 232 22.13 14.25 -3.28
N VAL C 233 21.42 15.30 -2.90
CA VAL C 233 20.42 15.86 -3.80
C VAL C 233 21.12 16.89 -4.68
N THR C 234 21.19 16.60 -5.99
CA THR C 234 21.86 17.49 -6.92
C THR C 234 21.04 17.53 -8.21
N PRO C 235 21.32 18.53 -9.08
CA PRO C 235 20.57 18.58 -10.33
C PRO C 235 21.07 17.45 -11.21
N GLY C 236 20.39 17.18 -12.32
CA GLY C 236 20.84 16.13 -13.20
C GLY C 236 22.14 16.55 -13.86
N HIS C 237 22.87 15.59 -14.42
CA HIS C 237 24.15 15.91 -15.07
C HIS C 237 23.99 16.83 -16.27
N ALA C 238 22.87 16.70 -16.97
CA ALA C 238 22.61 17.51 -18.14
C ALA C 238 21.77 18.74 -17.84
N CYS C 239 21.65 19.10 -16.57
CA CYS C 239 20.88 20.27 -16.18
C CYS C 239 21.63 21.54 -16.55
N THR C 240 20.94 22.49 -17.15
CA THR C 240 21.55 23.74 -17.57
C THR C 240 21.73 24.74 -16.42
N GLN C 241 20.80 24.72 -15.48
CA GLN C 241 20.86 25.62 -14.33
C GLN C 241 22.00 25.24 -13.38
N LYS C 242 22.72 26.25 -12.89
CA LYS C 242 23.83 26.03 -11.98
C LYS C 242 23.42 26.26 -10.53
N TYR C 243 24.03 25.50 -9.62
CA TYR C 243 23.73 25.59 -8.20
C TYR C 243 25.00 25.66 -7.36
N SER C 244 24.91 26.31 -6.20
CA SER C 244 26.06 26.42 -5.30
C SER C 244 26.07 25.21 -4.38
N HIS C 245 27.16 25.04 -3.65
CA HIS C 245 27.28 23.92 -2.73
C HIS C 245 26.33 24.12 -1.57
N GLU C 246 26.06 25.37 -1.25
CA GLU C 246 25.13 25.68 -0.16
C GLU C 246 23.72 25.21 -0.53
N GLU C 247 23.37 25.36 -1.81
CA GLU C 247 22.04 24.94 -2.27
C GLU C 247 21.95 23.41 -2.30
N ILE C 248 23.02 22.76 -2.72
CA ILE C 248 23.04 21.30 -2.76
C ILE C 248 22.88 20.77 -1.34
N ALA C 249 23.57 21.41 -0.40
CA ALA C 249 23.53 21.01 1.00
C ALA C 249 22.14 21.19 1.62
N MET C 250 21.52 22.34 1.36
CA MET C 250 20.20 22.63 1.91
C MET C 250 19.14 21.67 1.36
N ALA C 251 19.21 21.38 0.07
CA ALA C 251 18.27 20.48 -0.58
C ALA C 251 18.46 19.05 -0.07
N THR C 252 19.71 18.68 0.17
CA THR C 252 20.03 17.35 0.66
C THR C 252 19.59 17.16 2.11
N VAL C 253 19.94 18.12 2.96
CA VAL C 253 19.58 18.05 4.38
C VAL C 253 18.07 18.17 4.57
N THR C 254 17.43 18.99 3.75
CA THR C 254 15.98 19.16 3.84
C THR C 254 15.28 17.85 3.50
N ALA C 255 15.70 17.21 2.41
CA ALA C 255 15.12 15.94 2.00
C ALA C 255 15.26 14.91 3.12
N LEU C 256 16.45 14.82 3.69
CA LEU C 256 16.70 13.87 4.78
C LEU C 256 15.88 14.18 6.03
N ARG C 257 15.84 15.45 6.43
CA ARG C 257 15.07 15.84 7.62
C ARG C 257 13.59 15.50 7.48
N ARG C 258 13.09 15.46 6.24
CA ARG C 258 11.68 15.18 6.00
C ARG C 258 11.32 13.70 5.89
N THR C 259 12.32 12.83 5.86
CA THR C 259 12.04 11.40 5.69
C THR C 259 12.79 10.42 6.56
N VAL C 260 14.00 10.77 6.98
CA VAL C 260 14.82 9.86 7.78
C VAL C 260 14.62 9.99 9.29
N PRO C 261 14.04 8.96 9.92
CA PRO C 261 13.80 9.01 11.37
C PRO C 261 15.13 9.22 12.11
N PRO C 262 15.10 10.03 13.19
CA PRO C 262 16.32 10.30 13.96
C PRO C 262 16.95 9.04 14.54
N ALA C 263 16.18 7.96 14.62
CA ALA C 263 16.70 6.70 15.15
C ALA C 263 17.79 6.14 14.26
N VAL C 264 17.77 6.50 12.97
CA VAL C 264 18.79 6.01 12.06
C VAL C 264 20.12 6.55 12.57
N THR C 265 21.06 5.63 12.79
CA THR C 265 22.37 5.99 13.32
C THR C 265 23.24 6.87 12.43
N GLY C 266 23.18 6.66 11.12
CA GLY C 266 23.99 7.50 10.25
C GLY C 266 23.69 7.43 8.76
N VAL C 267 24.13 8.47 8.06
CA VAL C 267 23.95 8.59 6.62
C VAL C 267 25.34 8.65 5.99
N THR C 268 25.64 7.69 5.11
CA THR C 268 26.94 7.62 4.44
C THR C 268 26.72 7.83 2.96
N PHE C 269 26.87 9.07 2.52
CA PHE C 269 26.64 9.45 1.13
C PHE C 269 27.49 8.80 0.06
N LEU C 270 26.87 8.56 -1.08
CA LEU C 270 27.57 8.02 -2.23
C LEU C 270 27.88 9.30 -3.01
N SER C 271 28.98 9.31 -3.77
CA SER C 271 29.34 10.52 -4.50
C SER C 271 28.88 10.54 -5.96
N GLY C 272 28.46 9.40 -6.47
CA GLY C 272 28.00 9.34 -7.84
C GLY C 272 29.07 9.74 -8.85
N GLY C 273 28.79 10.77 -9.64
CA GLY C 273 29.74 11.21 -10.64
C GLY C 273 30.61 12.39 -10.23
N GLN C 274 30.50 12.81 -8.98
CA GLN C 274 31.28 13.93 -8.48
C GLN C 274 32.77 13.64 -8.45
N SER C 275 33.58 14.68 -8.59
CA SER C 275 35.03 14.52 -8.55
C SER C 275 35.40 14.37 -7.08
N GLU C 276 36.63 13.96 -6.80
CA GLU C 276 37.09 13.79 -5.43
C GLU C 276 36.88 15.05 -4.61
N GLU C 277 37.35 16.17 -5.13
CA GLU C 277 37.24 17.44 -4.44
C GLU C 277 35.79 17.92 -4.31
N GLU C 278 34.98 17.65 -5.34
CA GLU C 278 33.58 18.04 -5.33
C GLU C 278 32.83 17.28 -4.22
N ALA C 279 33.12 15.99 -4.10
CA ALA C 279 32.49 15.16 -3.08
C ALA C 279 32.83 15.61 -1.67
N SER C 280 34.04 16.13 -1.49
CA SER C 280 34.48 16.61 -0.17
C SER C 280 33.83 17.95 0.18
N ILE C 281 33.78 18.84 -0.81
CA ILE C 281 33.19 20.15 -0.62
C ILE C 281 31.69 20.03 -0.30
N ASN C 282 30.98 19.22 -1.07
CA ASN C 282 29.55 19.03 -0.83
C ASN C 282 29.28 18.39 0.52
N LEU C 283 30.05 17.35 0.86
CA LEU C 283 29.87 16.69 2.15
C LEU C 283 30.12 17.68 3.28
N ASN C 284 31.08 18.57 3.08
CA ASN C 284 31.40 19.59 4.08
C ASN C 284 30.26 20.60 4.20
N ALA C 285 29.75 21.04 3.06
CA ALA C 285 28.64 22.00 3.04
C ALA C 285 27.43 21.39 3.75
N ILE C 286 27.19 20.12 3.48
CA ILE C 286 26.07 19.40 4.10
C ILE C 286 26.22 19.46 5.61
N ASN C 287 27.44 19.23 6.10
CA ASN C 287 27.68 19.26 7.53
C ASN C 287 27.65 20.68 8.09
N LYS C 288 27.74 21.67 7.21
CA LYS C 288 27.71 23.07 7.62
C LYS C 288 26.29 23.64 7.57
N CYS C 289 25.39 22.95 6.88
CA CYS C 289 24.01 23.39 6.75
C CYS C 289 23.40 23.79 8.09
N PRO C 290 22.83 25.00 8.16
CA PRO C 290 22.19 25.56 9.36
C PRO C 290 20.84 24.95 9.76
N LEU C 291 20.74 23.63 9.70
CA LEU C 291 19.51 22.95 10.09
C LEU C 291 19.89 21.83 11.05
N LEU C 292 18.96 21.44 11.89
CA LEU C 292 19.22 20.38 12.85
C LEU C 292 19.34 19.05 12.11
N LYS C 293 20.41 18.32 12.39
CA LYS C 293 20.69 17.02 11.75
C LYS C 293 20.92 15.99 12.84
N PRO C 294 19.89 15.18 13.14
CA PRO C 294 19.91 14.14 14.17
C PRO C 294 20.68 12.84 13.86
N TRP C 295 21.39 12.81 12.75
CA TRP C 295 22.17 11.62 12.43
C TRP C 295 23.52 12.04 11.89
N ALA C 296 24.50 11.15 12.00
CA ALA C 296 25.83 11.43 11.48
C ALA C 296 25.72 11.53 9.97
N LEU C 297 26.38 12.53 9.38
CA LEU C 297 26.37 12.72 7.93
C LEU C 297 27.80 12.58 7.45
N THR C 298 28.15 11.41 6.95
CA THR C 298 29.51 11.17 6.50
C THR C 298 29.60 10.61 5.08
N PHE C 299 30.72 9.97 4.78
CA PHE C 299 30.93 9.43 3.45
C PHE C 299 31.09 7.92 3.33
N SER C 300 30.84 7.43 2.12
CA SER C 300 31.01 6.03 1.77
C SER C 300 31.41 6.18 0.31
N TYR C 301 32.66 6.56 0.09
CA TYR C 301 33.17 6.81 -1.24
C TYR C 301 34.08 5.75 -1.84
N GLY C 302 33.96 5.56 -3.15
N GLY C 302 33.96 5.59 -3.15
CA GLY C 302 34.79 4.59 -3.84
CA GLY C 302 34.79 4.66 -3.88
C GLY C 302 35.68 5.33 -4.81
C GLY C 302 35.73 5.54 -4.69
N ARG C 303 35.05 5.97 -5.80
N ARG C 303 35.34 5.83 -5.93
CA ARG C 303 35.77 6.74 -6.80
CA ARG C 303 36.14 6.69 -6.80
C ARG C 303 36.36 8.02 -6.19
C ARG C 303 36.61 7.96 -6.09
N ALA C 304 35.62 8.62 -5.27
N ALA C 304 35.71 8.59 -5.35
CA ALA C 304 36.06 9.85 -4.62
CA ALA C 304 36.03 9.82 -4.63
C ALA C 304 37.18 9.65 -3.61
C ALA C 304 37.16 9.65 -3.61
N LEU C 305 37.58 8.41 -3.38
CA LEU C 305 38.67 8.12 -2.44
C LEU C 305 39.85 7.45 -3.13
N GLN C 306 39.58 6.80 -4.26
CA GLN C 306 40.62 6.07 -4.98
C GLN C 306 41.10 6.66 -6.31
N ALA C 307 40.25 7.44 -6.96
CA ALA C 307 40.57 8.06 -8.24
C ALA C 307 42.06 8.36 -8.45
N SER C 308 42.59 9.30 -7.68
CA SER C 308 43.98 9.70 -7.81
C SER C 308 44.97 8.60 -7.42
N ALA C 309 44.63 7.83 -6.41
CA ALA C 309 45.50 6.74 -5.96
C ALA C 309 45.71 5.73 -7.08
N LEU C 310 44.61 5.35 -7.74
CA LEU C 310 44.65 4.41 -8.84
C LEU C 310 45.57 4.94 -9.94
N LYS C 311 45.39 6.22 -10.28
CA LYS C 311 46.19 6.87 -11.31
C LYS C 311 47.67 6.94 -10.93
N ALA C 312 47.94 7.33 -9.68
CA ALA C 312 49.31 7.45 -9.20
C ALA C 312 50.03 6.10 -9.19
N TRP C 313 49.28 5.03 -8.93
CA TRP C 313 49.85 3.69 -8.90
C TRP C 313 50.25 3.25 -10.30
N GLY C 314 49.34 3.45 -11.26
CA GLY C 314 49.62 3.08 -12.63
C GLY C 314 49.97 1.61 -12.82
N GLY C 315 49.83 0.82 -11.77
CA GLY C 315 50.14 -0.60 -11.86
C GLY C 315 51.62 -0.87 -11.70
N LYS C 316 52.36 0.13 -11.23
CA LYS C 316 53.79 0.01 -11.03
C LYS C 316 54.08 -0.03 -9.52
N LYS C 317 54.82 -1.05 -9.10
CA LYS C 317 55.15 -1.21 -7.69
C LYS C 317 55.94 -0.05 -7.11
N GLU C 318 56.70 0.64 -7.97
CA GLU C 318 57.52 1.77 -7.52
C GLU C 318 56.70 2.97 -7.08
N ASN C 319 55.45 3.03 -7.50
CA ASN C 319 54.59 4.16 -7.14
C ASN C 319 53.68 3.86 -5.97
N LEU C 320 54.03 2.83 -5.21
CA LEU C 320 53.26 2.43 -4.04
C LEU C 320 53.04 3.60 -3.07
N LYS C 321 54.12 4.19 -2.59
CA LYS C 321 54.02 5.31 -1.65
C LYS C 321 53.28 6.51 -2.20
N ALA C 322 53.50 6.83 -3.47
CA ALA C 322 52.84 7.97 -4.09
C ALA C 322 51.34 7.70 -4.24
N ALA C 323 51.00 6.44 -4.52
CA ALA C 323 49.59 6.06 -4.68
C ALA C 323 48.89 6.16 -3.33
N GLN C 324 49.51 5.60 -2.30
CA GLN C 324 48.94 5.63 -0.96
C GLN C 324 48.82 7.06 -0.44
N GLU C 325 49.73 7.92 -0.89
CA GLU C 325 49.73 9.31 -0.48
C GLU C 325 48.48 10.03 -1.00
N GLU C 326 48.03 9.67 -2.20
CA GLU C 326 46.85 10.27 -2.78
C GLU C 326 45.60 9.86 -2.02
N TYR C 327 45.52 8.58 -1.69
CA TYR C 327 44.39 8.04 -0.94
C TYR C 327 44.31 8.66 0.45
N VAL C 328 45.45 8.75 1.13
CA VAL C 328 45.50 9.32 2.47
C VAL C 328 45.02 10.77 2.47
N LYS C 329 45.40 11.52 1.44
CA LYS C 329 44.98 12.91 1.34
C LYS C 329 43.46 13.03 1.25
N ARG C 330 42.82 12.17 0.45
CA ARG C 330 41.36 12.23 0.33
C ARG C 330 40.68 11.71 1.60
N ALA C 331 41.33 10.81 2.31
CA ALA C 331 40.76 10.27 3.54
C ALA C 331 40.72 11.35 4.61
N LEU C 332 41.79 12.14 4.68
CA LEU C 332 41.89 13.23 5.65
C LEU C 332 40.90 14.33 5.32
N ALA C 333 40.82 14.67 4.04
CA ALA C 333 39.93 15.72 3.57
C ALA C 333 38.48 15.39 3.93
N ASN C 334 38.06 14.17 3.63
CA ASN C 334 36.69 13.76 3.92
C ASN C 334 36.45 13.58 5.42
N SER C 335 37.48 13.24 6.17
CA SER C 335 37.34 13.09 7.61
C SER C 335 36.95 14.45 8.17
N LEU C 336 37.59 15.50 7.65
CA LEU C 336 37.30 16.86 8.09
C LEU C 336 35.92 17.30 7.60
N ALA C 337 35.58 16.93 6.37
CA ALA C 337 34.31 17.29 5.77
C ALA C 337 33.10 16.73 6.50
N CYS C 338 33.20 15.49 6.97
CA CYS C 338 32.09 14.87 7.68
C CYS C 338 31.97 15.43 9.09
N GLN C 339 32.73 16.50 9.35
CA GLN C 339 32.72 17.18 10.63
C GLN C 339 32.45 18.66 10.35
N GLY C 340 32.45 19.01 9.05
CA GLY C 340 32.23 20.38 8.66
C GLY C 340 33.45 21.24 8.92
N LYS C 341 34.60 20.60 9.05
CA LYS C 341 35.84 21.30 9.34
C LYS C 341 36.80 21.28 8.17
N TYR C 342 36.28 20.97 6.98
CA TYR C 342 37.10 20.90 5.78
C TYR C 342 37.31 22.26 5.15
N THR C 343 38.50 22.46 4.60
CA THR C 343 38.86 23.68 3.91
C THR C 343 39.95 23.31 2.92
N PRO C 344 39.97 23.99 1.76
CA PRO C 344 40.99 23.65 0.78
C PRO C 344 42.40 23.72 1.38
N SER C 345 42.57 24.43 2.50
CA SER C 345 43.89 24.58 3.15
C SER C 345 44.33 23.33 3.90
N GLY C 346 43.40 22.40 4.07
CA GLY C 346 43.64 21.16 4.77
C GLY C 346 43.50 21.31 6.28
N SER C 359 16.73 30.60 1.55
CA SER C 359 15.64 30.39 2.49
C SER C 359 15.18 28.93 2.49
N ASN C 360 15.07 28.35 3.69
CA ASN C 360 14.65 26.97 3.83
C ASN C 360 13.26 26.72 3.24
N HIS C 361 12.42 27.76 3.24
CA HIS C 361 11.07 27.66 2.73
C HIS C 361 11.06 27.52 1.21
N ALA C 362 12.20 27.80 0.58
CA ALA C 362 12.32 27.71 -0.86
C ALA C 362 12.58 26.25 -1.28
N TYR C 363 12.80 25.39 -0.28
CA TYR C 363 13.06 23.98 -0.53
C TYR C 363 11.87 23.11 -0.13
N PRO D 1 -0.57 6.34 -14.80
CA PRO D 1 0.60 5.49 -15.11
C PRO D 1 0.79 5.34 -16.61
N HIS D 2 2.02 5.04 -17.02
CA HIS D 2 2.34 4.87 -18.44
C HIS D 2 2.66 3.42 -18.80
N SER D 3 2.16 3.00 -19.96
CA SER D 3 2.37 1.65 -20.43
C SER D 3 3.68 1.43 -21.17
N HIS D 4 4.36 0.34 -20.80
CA HIS D 4 5.62 -0.06 -21.41
C HIS D 4 5.49 -1.56 -21.53
N PRO D 5 4.72 -2.02 -22.54
CA PRO D 5 4.44 -3.43 -22.83
C PRO D 5 5.49 -4.42 -22.32
N ALA D 6 5.08 -5.22 -21.35
CA ALA D 6 5.97 -6.23 -20.80
C ALA D 6 6.07 -7.36 -21.82
N LEU D 7 4.99 -7.57 -22.56
CA LEU D 7 4.93 -8.65 -23.56
C LEU D 7 4.39 -8.21 -24.91
N THR D 8 4.84 -8.89 -25.96
CA THR D 8 4.39 -8.62 -27.31
C THR D 8 3.17 -9.51 -27.55
N PRO D 9 2.36 -9.21 -28.57
CA PRO D 9 1.18 -10.04 -28.86
C PRO D 9 1.57 -11.50 -29.07
N GLU D 10 2.71 -11.73 -29.71
CA GLU D 10 3.19 -13.08 -29.97
C GLU D 10 3.47 -13.80 -28.65
N GLN D 11 4.16 -13.11 -27.74
CA GLN D 11 4.49 -13.68 -26.44
C GLN D 11 3.23 -14.00 -25.63
N LYS D 12 2.23 -13.13 -25.72
CA LYS D 12 0.97 -13.34 -25.01
C LYS D 12 0.26 -14.56 -25.55
N LYS D 13 0.26 -14.72 -26.87
CA LYS D 13 -0.41 -15.84 -27.51
C LYS D 13 0.18 -17.16 -27.04
N GLU D 14 1.51 -17.23 -26.99
CA GLU D 14 2.19 -18.44 -26.56
C GLU D 14 1.83 -18.81 -25.13
N LEU D 15 1.84 -17.82 -24.23
CA LEU D 15 1.51 -18.07 -22.83
C LEU D 15 0.06 -18.50 -22.67
N SER D 16 -0.84 -17.81 -23.37
CA SER D 16 -2.25 -18.14 -23.30
C SER D 16 -2.51 -19.56 -23.81
N ASP D 17 -1.93 -19.89 -24.96
CA ASP D 17 -2.11 -21.22 -25.54
C ASP D 17 -1.61 -22.30 -24.59
N ILE D 18 -0.46 -22.08 -23.97
CA ILE D 18 0.09 -23.05 -23.03
C ILE D 18 -0.85 -23.23 -21.84
N ALA D 19 -1.26 -22.12 -21.23
CA ALA D 19 -2.16 -22.18 -20.08
C ALA D 19 -3.47 -22.91 -20.40
N HIS D 20 -4.05 -22.63 -21.56
CA HIS D 20 -5.30 -23.28 -21.94
C HIS D 20 -5.13 -24.78 -22.18
N ARG D 21 -3.98 -25.18 -22.71
CA ARG D 21 -3.73 -26.60 -22.98
C ARG D 21 -3.60 -27.40 -21.69
N ILE D 22 -3.00 -26.79 -20.68
CA ILE D 22 -2.82 -27.47 -19.40
C ILE D 22 -4.14 -27.79 -18.71
N VAL D 23 -5.09 -26.86 -18.79
CA VAL D 23 -6.38 -27.04 -18.14
C VAL D 23 -7.52 -27.28 -19.13
N ALA D 24 -7.21 -27.88 -20.28
CA ALA D 24 -8.22 -28.17 -21.28
C ALA D 24 -9.29 -29.03 -20.62
N PRO D 25 -10.54 -28.98 -21.12
CA PRO D 25 -11.64 -29.76 -20.55
C PRO D 25 -11.25 -31.20 -20.19
N GLY D 26 -11.57 -31.59 -18.97
CA GLY D 26 -11.27 -32.92 -18.48
C GLY D 26 -9.83 -33.13 -18.03
N LYS D 27 -8.96 -32.15 -18.25
CA LYS D 27 -7.55 -32.30 -17.86
C LYS D 27 -7.12 -31.62 -16.57
N GLY D 28 -6.09 -32.19 -15.94
CA GLY D 28 -5.54 -31.66 -14.72
C GLY D 28 -4.03 -31.82 -14.69
N ILE D 29 -3.42 -31.59 -13.53
CA ILE D 29 -1.98 -31.68 -13.39
C ILE D 29 -1.49 -32.69 -12.35
N LEU D 30 -0.45 -33.42 -12.71
CA LEU D 30 0.15 -34.39 -11.82
C LEU D 30 1.35 -33.69 -11.18
N ALA D 31 1.35 -33.58 -9.87
CA ALA D 31 2.45 -32.93 -9.16
C ALA D 31 3.41 -34.01 -8.66
N ALA D 32 4.48 -34.23 -9.43
CA ALA D 32 5.48 -35.22 -9.07
C ALA D 32 6.82 -34.55 -8.86
N ASP D 33 6.78 -33.33 -8.34
CA ASP D 33 7.99 -32.54 -8.11
C ASP D 33 8.45 -32.58 -6.66
N GLU D 34 8.18 -33.69 -5.97
CA GLU D 34 8.61 -33.82 -4.58
C GLU D 34 10.11 -33.59 -4.51
N SER D 35 10.53 -32.72 -3.60
CA SER D 35 11.96 -32.43 -3.42
C SER D 35 12.64 -33.70 -2.93
N THR D 36 13.93 -33.83 -3.23
CA THR D 36 14.69 -35.00 -2.81
C THR D 36 14.61 -35.19 -1.30
N GLY D 37 14.29 -34.11 -0.59
CA GLY D 37 14.18 -34.16 0.85
C GLY D 37 12.79 -34.62 1.28
N SER D 38 11.80 -34.37 0.43
CA SER D 38 10.43 -34.76 0.70
C SER D 38 10.13 -36.18 0.22
N ILE D 39 10.70 -36.53 -0.93
CA ILE D 39 10.51 -37.84 -1.51
C ILE D 39 11.11 -38.91 -0.60
N ALA D 40 12.16 -38.54 0.12
CA ALA D 40 12.84 -39.46 1.04
C ALA D 40 11.85 -40.13 1.99
N LYS D 41 11.02 -39.32 2.63
CA LYS D 41 10.03 -39.83 3.56
C LYS D 41 8.99 -40.70 2.86
N ARG D 42 8.75 -40.41 1.58
CA ARG D 42 7.82 -41.19 0.79
C ARG D 42 8.39 -42.59 0.57
N LEU D 43 9.63 -42.64 0.09
CA LEU D 43 10.31 -43.92 -0.15
C LEU D 43 10.49 -44.67 1.15
N GLN D 44 10.61 -43.92 2.24
CA GLN D 44 10.79 -44.50 3.56
C GLN D 44 9.53 -45.25 4.00
N SER D 45 8.37 -44.68 3.70
CA SER D 45 7.09 -45.30 4.07
C SER D 45 6.92 -46.68 3.45
N ILE D 46 7.68 -46.97 2.40
CA ILE D 46 7.60 -48.27 1.74
C ILE D 46 8.93 -49.01 1.81
N GLY D 47 9.71 -48.72 2.85
CA GLY D 47 11.00 -49.37 3.03
C GLY D 47 11.87 -49.41 1.80
N THR D 48 11.74 -48.39 0.95
CA THR D 48 12.53 -48.33 -0.28
C THR D 48 13.70 -47.37 -0.09
N GLU D 49 14.89 -47.83 -0.49
CA GLU D 49 16.08 -47.00 -0.38
C GLU D 49 15.93 -45.77 -1.25
N ASN D 50 16.30 -44.62 -0.70
CA ASN D 50 16.20 -43.35 -1.42
C ASN D 50 17.41 -43.10 -2.32
N THR D 51 17.43 -43.74 -3.47
CA THR D 51 18.52 -43.60 -4.42
C THR D 51 18.03 -42.87 -5.67
N GLU D 52 18.97 -42.43 -6.51
CA GLU D 52 18.59 -41.72 -7.72
C GLU D 52 17.86 -42.68 -8.65
N GLU D 53 18.28 -43.95 -8.64
CA GLU D 53 17.66 -44.96 -9.48
C GLU D 53 16.22 -45.23 -9.07
N ASN D 54 15.99 -45.40 -7.78
CA ASN D 54 14.63 -45.66 -7.30
C ASN D 54 13.72 -44.48 -7.61
N ARG D 55 14.23 -43.26 -7.41
CA ARG D 55 13.44 -42.06 -7.70
C ARG D 55 13.12 -42.05 -9.20
N ARG D 56 14.14 -42.30 -10.01
CA ARG D 56 13.98 -42.33 -11.46
C ARG D 56 12.89 -43.34 -11.80
N PHE D 57 13.03 -44.55 -11.26
CA PHE D 57 12.08 -45.62 -11.52
C PHE D 57 10.66 -45.23 -11.15
N TYR D 58 10.48 -44.68 -9.96
CA TYR D 58 9.15 -44.29 -9.51
C TYR D 58 8.51 -43.26 -10.44
N ARG D 59 9.29 -42.25 -10.82
CA ARG D 59 8.78 -41.22 -11.72
C ARG D 59 8.43 -41.86 -13.07
N GLN D 60 9.28 -42.77 -13.53
CA GLN D 60 9.02 -43.47 -14.79
C GLN D 60 7.68 -44.21 -14.70
N LEU D 61 7.45 -44.86 -13.56
CA LEU D 61 6.23 -45.62 -13.34
C LEU D 61 4.97 -44.77 -13.52
N LEU D 62 5.01 -43.52 -13.05
CA LEU D 62 3.88 -42.62 -13.17
C LEU D 62 3.77 -42.01 -14.56
N LEU D 63 4.92 -41.60 -15.10
CA LEU D 63 4.96 -40.97 -16.41
C LEU D 63 4.70 -41.92 -17.59
N THR D 64 4.86 -43.22 -17.36
CA THR D 64 4.64 -44.18 -18.44
C THR D 64 3.37 -45.03 -18.32
N ALA D 65 2.38 -44.53 -17.58
CA ALA D 65 1.13 -45.26 -17.44
C ALA D 65 0.47 -45.37 -18.81
N ASP D 66 -0.49 -46.28 -18.94
CA ASP D 66 -1.17 -46.48 -20.22
C ASP D 66 -1.90 -45.24 -20.73
N ASP D 67 -2.16 -45.22 -22.03
CA ASP D 67 -2.83 -44.11 -22.69
C ASP D 67 -4.13 -43.61 -22.07
N ARG D 68 -4.70 -44.39 -21.15
CA ARG D 68 -5.95 -43.98 -20.51
C ARG D 68 -5.80 -42.69 -19.70
N VAL D 69 -4.57 -42.34 -19.34
CA VAL D 69 -4.34 -41.12 -18.55
C VAL D 69 -4.12 -39.89 -19.42
N ASN D 70 -3.79 -40.11 -20.70
CA ASN D 70 -3.52 -39.01 -21.61
C ASN D 70 -4.60 -37.92 -21.60
N PRO D 71 -5.89 -38.31 -21.68
CA PRO D 71 -6.97 -37.32 -21.67
C PRO D 71 -7.15 -36.67 -20.30
N CYS D 72 -6.62 -37.31 -19.25
CA CYS D 72 -6.73 -36.82 -17.89
C CYS D 72 -5.64 -35.84 -17.47
N ILE D 73 -4.44 -36.04 -18.01
CA ILE D 73 -3.30 -35.21 -17.66
C ILE D 73 -2.94 -34.12 -18.67
N GLY D 74 -3.07 -32.88 -18.23
CA GLY D 74 -2.75 -31.75 -19.09
C GLY D 74 -1.32 -31.29 -18.84
N GLY D 75 -0.85 -31.51 -17.61
CA GLY D 75 0.50 -31.10 -17.28
C GLY D 75 1.11 -31.93 -16.16
N VAL D 76 2.43 -31.97 -16.14
CA VAL D 76 3.15 -32.71 -15.12
C VAL D 76 4.26 -31.83 -14.57
N ILE D 77 4.25 -31.62 -13.25
CA ILE D 77 5.28 -30.81 -12.62
C ILE D 77 6.44 -31.71 -12.21
N LEU D 78 7.65 -31.33 -12.62
CA LEU D 78 8.82 -32.11 -12.27
C LEU D 78 9.82 -31.31 -11.45
N PHE D 79 10.66 -32.04 -10.71
CA PHE D 79 11.72 -31.45 -9.91
C PHE D 79 12.91 -31.39 -10.87
N HIS D 80 13.84 -30.48 -10.63
CA HIS D 80 15.02 -30.34 -11.50
C HIS D 80 15.65 -31.67 -11.92
N GLU D 81 15.96 -32.52 -10.95
CA GLU D 81 16.59 -33.81 -11.24
C GLU D 81 15.81 -34.64 -12.28
N THR D 82 14.51 -34.77 -12.06
CA THR D 82 13.66 -35.54 -12.95
C THR D 82 13.58 -34.97 -14.36
N LEU D 83 13.71 -33.65 -14.48
CA LEU D 83 13.62 -33.02 -15.78
C LEU D 83 14.73 -33.49 -16.69
N TYR D 84 15.84 -33.92 -16.10
CA TYR D 84 16.99 -34.38 -16.87
C TYR D 84 17.24 -35.88 -16.79
N GLN D 85 16.22 -36.64 -16.37
CA GLN D 85 16.35 -38.10 -16.29
C GLN D 85 15.70 -38.71 -17.52
N LYS D 86 16.01 -39.97 -17.79
CA LYS D 86 15.45 -40.66 -18.95
C LYS D 86 14.75 -41.95 -18.55
N ALA D 87 13.82 -42.39 -19.38
CA ALA D 87 13.09 -43.63 -19.15
C ALA D 87 14.02 -44.77 -19.57
N ASP D 88 13.59 -46.01 -19.32
CA ASP D 88 14.40 -47.17 -19.67
C ASP D 88 14.69 -47.27 -21.17
N ASP D 89 13.89 -46.60 -21.98
CA ASP D 89 14.08 -46.63 -23.43
C ASP D 89 14.95 -45.47 -23.92
N GLY D 90 15.60 -44.78 -22.99
CA GLY D 90 16.46 -43.67 -23.36
C GLY D 90 15.76 -42.34 -23.57
N ARG D 91 14.43 -42.34 -23.61
CA ARG D 91 13.70 -41.07 -23.82
C ARG D 91 13.70 -40.17 -22.60
N PRO D 92 14.12 -38.91 -22.77
CA PRO D 92 14.13 -37.97 -21.65
C PRO D 92 12.69 -37.86 -21.14
N PHE D 93 12.49 -37.82 -19.83
CA PHE D 93 11.13 -37.72 -19.30
C PHE D 93 10.28 -36.61 -19.92
N PRO D 94 10.88 -35.45 -20.21
CA PRO D 94 10.07 -34.39 -20.82
C PRO D 94 9.45 -34.86 -22.14
N GLN D 95 10.24 -35.62 -22.89
CA GLN D 95 9.76 -36.15 -24.17
C GLN D 95 8.65 -37.16 -23.93
N VAL D 96 8.79 -37.97 -22.89
CA VAL D 96 7.76 -38.96 -22.57
C VAL D 96 6.44 -38.25 -22.29
N ILE D 97 6.50 -37.24 -21.43
CA ILE D 97 5.31 -36.47 -21.07
C ILE D 97 4.66 -35.85 -22.30
N LYS D 98 5.47 -35.21 -23.15
CA LYS D 98 4.96 -34.56 -24.34
C LYS D 98 4.30 -35.55 -25.30
N SER D 99 4.91 -36.72 -25.47
CA SER D 99 4.38 -37.72 -26.38
C SER D 99 2.98 -38.17 -25.96
N LYS D 100 2.65 -37.99 -24.69
CA LYS D 100 1.34 -38.38 -24.17
C LYS D 100 0.38 -37.19 -24.14
N GLY D 101 0.76 -36.10 -24.79
CA GLY D 101 -0.09 -34.92 -24.83
C GLY D 101 -0.08 -34.05 -23.59
N GLY D 102 0.98 -34.17 -22.80
CA GLY D 102 1.07 -33.39 -21.58
C GLY D 102 2.08 -32.27 -21.71
N VAL D 103 1.89 -31.22 -20.92
CA VAL D 103 2.79 -30.08 -20.92
C VAL D 103 3.74 -30.28 -19.75
N VAL D 104 5.03 -29.96 -19.95
CA VAL D 104 6.02 -30.14 -18.91
C VAL D 104 6.20 -28.90 -18.02
N GLY D 105 6.12 -29.10 -16.71
CA GLY D 105 6.28 -28.02 -15.76
C GLY D 105 7.51 -28.25 -14.89
N ILE D 106 8.05 -27.18 -14.32
CA ILE D 106 9.24 -27.29 -13.49
C ILE D 106 9.13 -26.45 -12.22
N LYS D 107 9.51 -27.03 -11.08
CA LYS D 107 9.49 -26.31 -9.81
C LYS D 107 10.70 -25.39 -9.84
N VAL D 108 10.51 -24.11 -9.59
CA VAL D 108 11.63 -23.19 -9.62
C VAL D 108 11.92 -22.45 -8.32
N ASP D 109 11.07 -22.59 -7.31
CA ASP D 109 11.31 -21.92 -6.03
C ASP D 109 12.39 -22.68 -5.27
N LYS D 110 13.04 -22.00 -4.33
CA LYS D 110 14.09 -22.62 -3.54
C LYS D 110 13.70 -22.78 -2.08
N GLY D 111 12.41 -23.00 -1.84
CA GLY D 111 11.93 -23.21 -0.49
C GLY D 111 11.55 -21.97 0.30
N VAL D 112 10.97 -22.21 1.47
CA VAL D 112 10.54 -21.12 2.34
C VAL D 112 11.67 -20.73 3.30
N VAL D 113 11.61 -19.49 3.75
CA VAL D 113 12.57 -18.95 4.71
C VAL D 113 11.76 -18.16 5.71
N PRO D 114 12.22 -18.10 6.98
CA PRO D 114 11.50 -17.37 8.02
C PRO D 114 11.49 -15.85 7.89
N LEU D 115 10.34 -15.26 8.20
CA LEU D 115 10.19 -13.80 8.18
C LEU D 115 10.40 -13.32 9.61
N ALA D 116 11.48 -12.59 9.84
CA ALA D 116 11.80 -12.08 11.18
C ALA D 116 10.69 -11.17 11.68
N GLY D 117 10.40 -11.27 12.99
CA GLY D 117 9.38 -10.42 13.58
C GLY D 117 7.96 -10.93 13.43
N THR D 118 7.80 -12.18 13.01
CA THR D 118 6.47 -12.77 12.85
C THR D 118 6.35 -14.01 13.72
N ASN D 119 5.13 -14.53 13.82
CA ASN D 119 4.89 -15.73 14.62
C ASN D 119 5.04 -16.97 13.75
N GLY D 120 6.30 -17.30 13.42
CA GLY D 120 6.58 -18.48 12.63
C GLY D 120 6.13 -18.45 11.18
N GLU D 121 6.02 -17.24 10.64
CA GLU D 121 5.58 -17.08 9.25
C GLU D 121 6.78 -17.08 8.33
N THR D 122 6.53 -17.37 7.05
CA THR D 122 7.60 -17.44 6.07
C THR D 122 7.28 -16.74 4.76
N THR D 123 8.29 -16.66 3.91
CA THR D 123 8.15 -16.13 2.56
C THR D 123 8.92 -17.18 1.77
N THR D 124 9.00 -17.04 0.47
CA THR D 124 9.70 -18.03 -0.34
C THR D 124 10.82 -17.42 -1.17
N GLN D 125 11.93 -18.13 -1.29
CA GLN D 125 13.06 -17.63 -2.07
C GLN D 125 13.21 -18.40 -3.38
N GLY D 126 14.01 -17.87 -4.29
CA GLY D 126 14.23 -18.51 -5.57
C GLY D 126 14.33 -17.58 -6.76
N LEU D 127 14.27 -16.26 -6.51
CA LEU D 127 14.34 -15.28 -7.60
C LEU D 127 15.71 -15.11 -8.23
N ASP D 128 16.77 -15.28 -7.44
CA ASP D 128 18.12 -15.09 -7.96
C ASP D 128 18.44 -15.95 -9.18
N GLY D 129 18.79 -15.28 -10.27
CA GLY D 129 19.12 -15.98 -11.51
C GLY D 129 17.96 -16.79 -12.07
N LEU D 130 16.74 -16.43 -11.68
CA LEU D 130 15.56 -17.15 -12.16
C LEU D 130 15.37 -16.99 -13.67
N SER D 131 15.63 -15.80 -14.19
CA SER D 131 15.47 -15.56 -15.62
C SER D 131 16.34 -16.51 -16.47
N GLU D 132 17.60 -16.67 -16.10
CA GLU D 132 18.50 -17.57 -16.84
C GLU D 132 18.05 -19.01 -16.69
N ARG D 133 17.62 -19.38 -15.48
CA ARG D 133 17.15 -20.73 -15.23
C ARG D 133 15.92 -21.03 -16.08
N CYS D 134 15.01 -20.06 -16.16
CA CYS D 134 13.78 -20.22 -16.94
C CYS D 134 14.10 -20.39 -18.42
N ALA D 135 14.99 -19.55 -18.94
CA ALA D 135 15.36 -19.63 -20.35
C ALA D 135 15.92 -21.02 -20.66
N GLN D 136 16.72 -21.56 -19.75
CA GLN D 136 17.31 -22.89 -19.94
C GLN D 136 16.24 -23.98 -19.82
N TYR D 137 15.35 -23.86 -18.84
CA TYR D 137 14.30 -24.86 -18.66
C TYR D 137 13.37 -24.87 -19.87
N LYS D 138 13.11 -23.69 -20.43
CA LYS D 138 12.27 -23.57 -21.62
C LYS D 138 12.90 -24.39 -22.75
N LYS D 139 14.19 -24.17 -22.97
CA LYS D 139 14.92 -24.89 -24.02
C LYS D 139 14.89 -26.39 -23.78
N ASP D 140 14.84 -26.81 -22.53
CA ASP D 140 14.83 -28.22 -22.20
C ASP D 140 13.46 -28.90 -22.14
N GLY D 141 12.44 -28.25 -22.69
CA GLY D 141 11.12 -28.86 -22.72
C GLY D 141 10.02 -28.34 -21.79
N ALA D 142 10.37 -27.49 -20.83
CA ALA D 142 9.38 -26.96 -19.89
C ALA D 142 8.61 -25.75 -20.43
N ASP D 143 7.30 -25.73 -20.20
CA ASP D 143 6.46 -24.62 -20.65
C ASP D 143 5.75 -23.89 -19.50
N PHE D 144 5.79 -24.43 -18.30
CA PHE D 144 5.20 -23.74 -17.15
C PHE D 144 6.05 -24.01 -15.91
N ALA D 145 5.84 -23.22 -14.88
CA ALA D 145 6.62 -23.36 -13.64
C ALA D 145 5.77 -23.42 -12.39
N LYS D 146 6.39 -23.85 -11.30
CA LYS D 146 5.73 -23.99 -10.01
C LYS D 146 6.52 -23.26 -8.92
N TRP D 147 5.81 -22.48 -8.12
CA TRP D 147 6.42 -21.72 -7.03
C TRP D 147 5.42 -21.71 -5.89
N ARG D 148 5.83 -22.21 -4.74
CA ARG D 148 4.94 -22.31 -3.59
C ARG D 148 5.21 -21.37 -2.43
N CYS D 149 4.18 -20.61 -2.05
CA CYS D 149 4.25 -19.70 -0.91
C CYS D 149 3.34 -20.33 0.13
N VAL D 150 3.67 -20.18 1.41
CA VAL D 150 2.86 -20.80 2.45
C VAL D 150 2.43 -19.86 3.56
N LEU D 151 1.12 -19.83 3.81
CA LEU D 151 0.53 -18.99 4.86
C LEU D 151 -0.21 -19.89 5.83
N LYS D 152 -0.32 -19.45 7.09
CA LYS D 152 -1.01 -20.25 8.10
C LYS D 152 -2.03 -19.43 8.87
N ILE D 153 -3.17 -20.05 9.17
CA ILE D 153 -4.23 -19.38 9.90
C ILE D 153 -4.04 -19.60 11.41
N GLY D 154 -3.97 -18.50 12.14
CA GLY D 154 -3.80 -18.56 13.58
C GLY D 154 -4.39 -17.32 14.21
N GLU D 155 -4.08 -17.08 15.48
CA GLU D 155 -4.59 -15.90 16.17
C GLU D 155 -4.06 -14.60 15.60
N HIS D 156 -2.79 -14.58 15.18
CA HIS D 156 -2.19 -13.38 14.63
C HIS D 156 -1.66 -13.56 13.22
N THR D 157 -2.05 -14.65 12.55
CA THR D 157 -1.61 -14.91 11.19
C THR D 157 -2.77 -15.32 10.29
N PRO D 158 -2.65 -15.07 8.98
CA PRO D 158 -1.51 -14.45 8.29
C PRO D 158 -1.41 -12.96 8.64
N SER D 159 -0.20 -12.48 8.87
CA SER D 159 -0.02 -11.06 9.22
C SER D 159 0.02 -10.20 7.96
N ALA D 160 -0.16 -8.89 8.15
CA ALA D 160 -0.13 -7.97 7.02
C ALA D 160 1.17 -8.16 6.25
N LEU D 161 2.28 -8.29 6.98
CA LEU D 161 3.58 -8.49 6.35
C LEU D 161 3.65 -9.77 5.53
N ALA D 162 3.28 -10.89 6.14
CA ALA D 162 3.32 -12.18 5.46
C ALA D 162 2.52 -12.17 4.16
N ILE D 163 1.31 -11.61 4.21
CA ILE D 163 0.46 -11.53 3.03
C ILE D 163 1.10 -10.66 1.95
N MET D 164 1.49 -9.44 2.32
CA MET D 164 2.11 -8.53 1.37
C MET D 164 3.39 -9.09 0.74
N GLU D 165 4.32 -9.55 1.57
CA GLU D 165 5.58 -10.09 1.07
C GLU D 165 5.40 -11.29 0.15
N ASN D 166 4.55 -12.23 0.54
CA ASN D 166 4.31 -13.42 -0.28
C ASN D 166 3.63 -13.11 -1.60
N ALA D 167 2.71 -12.15 -1.59
CA ALA D 167 2.01 -11.77 -2.82
C ALA D 167 3.01 -11.09 -3.77
N ASN D 168 3.90 -10.30 -3.19
CA ASN D 168 4.91 -9.57 -3.96
C ASN D 168 5.94 -10.50 -4.61
N VAL D 169 6.43 -11.48 -3.86
CA VAL D 169 7.41 -12.39 -4.43
C VAL D 169 6.77 -13.27 -5.50
N LEU D 170 5.51 -13.63 -5.30
CA LEU D 170 4.81 -14.43 -6.29
C LEU D 170 4.75 -13.64 -7.59
N ALA D 171 4.47 -12.35 -7.47
CA ALA D 171 4.38 -11.45 -8.61
C ALA D 171 5.72 -11.31 -9.34
N ARG D 172 6.82 -11.24 -8.59
CA ARG D 172 8.14 -11.15 -9.19
C ARG D 172 8.45 -12.43 -9.96
N TYR D 173 8.10 -13.56 -9.34
CA TYR D 173 8.30 -14.87 -9.95
C TYR D 173 7.50 -14.99 -11.25
N ALA D 174 6.24 -14.55 -11.24
CA ALA D 174 5.41 -14.62 -12.43
C ALA D 174 5.93 -13.72 -13.55
N SER D 175 6.43 -12.56 -13.18
CA SER D 175 6.95 -11.63 -14.17
C SER D 175 8.15 -12.20 -14.91
N ILE D 176 9.09 -12.76 -14.17
CA ILE D 176 10.29 -13.33 -14.78
C ILE D 176 9.95 -14.53 -15.67
N CYS D 177 9.02 -15.37 -15.21
CA CYS D 177 8.60 -16.54 -15.99
C CYS D 177 8.04 -16.13 -17.35
N GLN D 178 7.11 -15.17 -17.36
CA GLN D 178 6.48 -14.73 -18.59
C GLN D 178 7.45 -14.07 -19.56
N GLN D 179 8.55 -13.55 -19.05
CA GLN D 179 9.56 -12.93 -19.92
C GLN D 179 10.32 -14.03 -20.66
N ASN D 180 10.20 -15.26 -20.19
CA ASN D 180 10.90 -16.38 -20.80
C ASN D 180 9.97 -17.41 -21.44
N GLY D 181 8.73 -17.02 -21.71
CA GLY D 181 7.78 -17.92 -22.33
C GLY D 181 7.31 -19.07 -21.47
N ILE D 182 7.41 -18.89 -20.15
CA ILE D 182 6.99 -19.92 -19.20
C ILE D 182 5.77 -19.44 -18.43
N VAL D 183 4.72 -20.27 -18.43
CA VAL D 183 3.48 -19.95 -17.74
C VAL D 183 3.65 -20.18 -16.24
N PRO D 184 3.52 -19.10 -15.45
CA PRO D 184 3.68 -19.26 -14.00
C PRO D 184 2.38 -19.67 -13.33
N ILE D 185 2.48 -20.67 -12.47
CA ILE D 185 1.33 -21.12 -11.71
C ILE D 185 1.50 -20.44 -10.35
N VAL D 186 0.60 -19.52 -10.02
CA VAL D 186 0.66 -18.78 -8.76
C VAL D 186 0.08 -19.65 -7.66
N GLU D 187 0.91 -20.00 -6.68
CA GLU D 187 0.46 -20.87 -5.59
C GLU D 187 0.57 -20.28 -4.19
N PRO D 188 -0.48 -19.59 -3.73
CA PRO D 188 -0.49 -18.98 -2.40
C PRO D 188 -1.25 -19.96 -1.50
N GLU D 189 -0.55 -20.96 -0.97
CA GLU D 189 -1.24 -21.94 -0.13
C GLU D 189 -1.48 -21.53 1.32
N ILE D 190 -2.74 -21.63 1.73
CA ILE D 190 -3.12 -21.32 3.10
C ILE D 190 -3.29 -22.69 3.75
N LEU D 191 -2.44 -23.01 4.70
CA LEU D 191 -2.50 -24.31 5.38
C LEU D 191 -3.80 -24.56 6.13
N PRO D 192 -4.25 -25.83 6.19
CA PRO D 192 -5.48 -26.21 6.87
C PRO D 192 -5.29 -26.40 8.38
N ASP D 193 -4.03 -26.27 8.83
CA ASP D 193 -3.69 -26.43 10.24
C ASP D 193 -4.50 -25.50 11.14
N GLY D 194 -4.99 -26.04 12.26
CA GLY D 194 -5.75 -25.22 13.19
C GLY D 194 -7.17 -25.72 13.41
N ASP D 195 -7.89 -25.05 14.30
CA ASP D 195 -9.26 -25.43 14.62
C ASP D 195 -10.28 -24.42 14.12
N HIS D 196 -9.87 -23.55 13.21
CA HIS D 196 -10.78 -22.54 12.65
C HIS D 196 -11.88 -23.24 11.85
N ASP D 197 -12.99 -22.55 11.64
CA ASP D 197 -14.09 -23.13 10.87
C ASP D 197 -14.07 -22.73 9.41
N LEU D 198 -15.10 -23.14 8.69
CA LEU D 198 -15.20 -22.86 7.26
C LEU D 198 -15.21 -21.37 6.90
N LYS D 199 -16.02 -20.57 7.59
CA LYS D 199 -16.08 -19.16 7.28
C LYS D 199 -14.77 -18.43 7.55
N ARG D 200 -13.98 -18.91 8.50
CA ARG D 200 -12.71 -18.25 8.77
C ARG D 200 -11.73 -18.50 7.63
N CYS D 201 -11.73 -19.72 7.10
CA CYS D 201 -10.84 -20.05 5.99
C CYS D 201 -11.25 -19.27 4.75
N GLN D 202 -12.56 -19.13 4.55
CA GLN D 202 -13.05 -18.40 3.39
C GLN D 202 -12.65 -16.92 3.46
N TYR D 203 -12.72 -16.36 4.67
CA TYR D 203 -12.36 -14.95 4.89
C TYR D 203 -10.89 -14.72 4.55
N VAL D 204 -10.03 -15.53 5.13
CA VAL D 204 -8.59 -15.42 4.92
C VAL D 204 -8.22 -15.67 3.46
N THR D 205 -8.87 -16.66 2.83
CA THR D 205 -8.62 -16.97 1.45
C THR D 205 -8.95 -15.78 0.56
N GLU D 206 -10.06 -15.11 0.84
CA GLU D 206 -10.47 -13.94 0.06
C GLU D 206 -9.49 -12.78 0.23
N LYS D 207 -9.01 -12.58 1.46
CA LYS D 207 -8.05 -11.49 1.73
C LYS D 207 -6.73 -11.77 1.04
N VAL D 208 -6.30 -13.03 1.09
CA VAL D 208 -5.04 -13.44 0.46
C VAL D 208 -5.11 -13.31 -1.06
N LEU D 209 -6.19 -13.80 -1.66
CA LEU D 209 -6.34 -13.72 -3.10
C LEU D 209 -6.46 -12.28 -3.59
N ALA D 210 -7.10 -11.41 -2.81
CA ALA D 210 -7.25 -10.02 -3.20
C ALA D 210 -5.85 -9.39 -3.27
N ALA D 211 -5.02 -9.71 -2.27
CA ALA D 211 -3.66 -9.19 -2.22
C ALA D 211 -2.83 -9.75 -3.38
N VAL D 212 -2.99 -11.03 -3.65
CA VAL D 212 -2.26 -11.67 -4.73
C VAL D 212 -2.54 -11.03 -6.07
N TYR D 213 -3.84 -10.76 -6.34
CA TYR D 213 -4.21 -10.22 -7.66
C TYR D 213 -3.85 -8.72 -7.80
N LYS D 214 -3.83 -7.96 -6.69
CA LYS D 214 -3.41 -6.56 -6.72
C LYS D 214 -1.90 -6.52 -7.06
N ALA D 215 -1.14 -7.43 -6.45
CA ALA D 215 0.29 -7.52 -6.69
C ALA D 215 0.58 -7.89 -8.15
N LEU D 216 -0.15 -8.86 -8.69
CA LEU D 216 0.04 -9.26 -10.08
C LEU D 216 -0.25 -8.08 -11.00
N SER D 217 -1.20 -7.24 -10.61
CA SER D 217 -1.54 -6.07 -11.41
C SER D 217 -0.40 -5.06 -11.33
N ASP D 218 0.07 -4.80 -10.11
CA ASP D 218 1.17 -3.85 -9.91
C ASP D 218 2.41 -4.26 -10.69
N HIS D 219 2.61 -5.57 -10.84
CA HIS D 219 3.77 -6.10 -11.55
C HIS D 219 3.53 -6.37 -13.04
N HIS D 220 2.40 -5.89 -13.54
CA HIS D 220 2.04 -6.02 -14.96
C HIS D 220 1.99 -7.45 -15.46
N ILE D 221 1.45 -8.36 -14.65
CA ILE D 221 1.34 -9.76 -15.05
C ILE D 221 0.18 -10.01 -16.00
N TYR D 222 0.43 -10.81 -17.04
CA TYR D 222 -0.58 -11.17 -18.04
C TYR D 222 -1.37 -12.35 -17.47
N LEU D 223 -2.55 -12.06 -16.91
CA LEU D 223 -3.38 -13.09 -16.27
C LEU D 223 -3.82 -14.25 -17.17
N GLU D 224 -4.09 -13.96 -18.43
CA GLU D 224 -4.51 -15.01 -19.36
C GLU D 224 -3.38 -16.04 -19.50
N GLY D 225 -2.16 -15.60 -19.20
CA GLY D 225 -1.01 -16.47 -19.28
C GLY D 225 -0.55 -16.99 -17.94
N THR D 226 -1.49 -17.14 -17.01
CA THR D 226 -1.19 -17.64 -15.67
C THR D 226 -2.26 -18.62 -15.21
N LEU D 227 -1.93 -19.37 -14.18
CA LEU D 227 -2.87 -20.32 -13.57
C LEU D 227 -2.78 -20.07 -12.08
N LEU D 228 -3.83 -20.41 -11.35
CA LEU D 228 -3.86 -20.22 -9.91
C LEU D 228 -3.97 -21.58 -9.23
N LYS D 229 -3.12 -21.82 -8.23
CA LYS D 229 -3.16 -23.06 -7.48
C LYS D 229 -3.41 -22.73 -6.01
N PRO D 230 -4.69 -22.58 -5.65
CA PRO D 230 -5.04 -22.26 -4.28
C PRO D 230 -5.54 -23.47 -3.51
N ASN D 231 -5.69 -23.30 -2.21
CA ASN D 231 -6.22 -24.34 -1.35
C ASN D 231 -7.72 -24.27 -1.54
N MET D 232 -8.41 -25.38 -1.33
CA MET D 232 -9.86 -25.37 -1.42
C MET D 232 -10.26 -24.72 -0.10
N VAL D 233 -11.42 -24.10 -0.03
CA VAL D 233 -11.85 -23.48 1.21
C VAL D 233 -12.47 -24.56 2.08
N THR D 234 -11.82 -24.83 3.22
CA THR D 234 -12.29 -25.88 4.12
C THR D 234 -12.02 -25.48 5.56
N PRO D 235 -12.67 -26.15 6.52
CA PRO D 235 -12.43 -25.84 7.92
C PRO D 235 -11.04 -26.36 8.27
N GLY D 236 -10.50 -25.97 9.42
CA GLY D 236 -9.20 -26.44 9.82
C GLY D 236 -9.24 -27.92 10.19
N HIS D 237 -8.09 -28.59 10.10
CA HIS D 237 -8.04 -30.02 10.42
C HIS D 237 -8.55 -30.36 11.82
N ALA D 238 -8.43 -29.42 12.75
CA ALA D 238 -8.86 -29.66 14.12
C ALA D 238 -10.20 -29.03 14.46
N CYS D 239 -10.95 -28.64 13.43
CA CYS D 239 -12.25 -28.01 13.64
C CYS D 239 -13.28 -29.04 14.08
N THR D 240 -14.12 -28.66 15.04
CA THR D 240 -15.15 -29.56 15.55
C THR D 240 -16.33 -29.62 14.59
N GLN D 241 -16.84 -28.46 14.19
CA GLN D 241 -17.98 -28.38 13.29
C GLN D 241 -17.70 -29.10 11.97
N LYS D 242 -18.66 -29.94 11.57
CA LYS D 242 -18.54 -30.70 10.33
C LYS D 242 -19.30 -30.00 9.22
N TYR D 243 -18.83 -30.16 7.99
CA TYR D 243 -19.44 -29.54 6.83
C TYR D 243 -19.61 -30.55 5.70
N SER D 244 -20.60 -30.32 4.84
CA SER D 244 -20.84 -31.21 3.72
C SER D 244 -19.93 -30.80 2.56
N HIS D 245 -19.85 -31.64 1.55
CA HIS D 245 -19.02 -31.36 0.39
C HIS D 245 -19.59 -30.18 -0.37
N GLU D 246 -20.91 -30.06 -0.39
CA GLU D 246 -21.57 -28.95 -1.07
C GLU D 246 -21.23 -27.62 -0.41
N GLU D 247 -21.10 -27.61 0.92
CA GLU D 247 -20.75 -26.39 1.63
C GLU D 247 -19.31 -26.00 1.32
N ILE D 248 -18.43 -26.98 1.24
CA ILE D 248 -17.03 -26.72 0.93
C ILE D 248 -16.96 -26.14 -0.48
N ALA D 249 -17.70 -26.74 -1.41
CA ALA D 249 -17.72 -26.26 -2.79
C ALA D 249 -18.27 -24.84 -2.87
N MET D 250 -19.31 -24.56 -2.11
CA MET D 250 -19.93 -23.23 -2.11
C MET D 250 -18.99 -22.16 -1.57
N ALA D 251 -18.33 -22.46 -0.46
CA ALA D 251 -17.39 -21.51 0.16
C ALA D 251 -16.19 -21.30 -0.75
N THR D 252 -15.72 -22.38 -1.36
CA THR D 252 -14.57 -22.33 -2.27
C THR D 252 -14.88 -21.49 -3.51
N VAL D 253 -16.00 -21.78 -4.15
CA VAL D 253 -16.39 -21.06 -5.37
C VAL D 253 -16.72 -19.59 -5.09
N THR D 254 -17.29 -19.32 -3.91
CA THR D 254 -17.63 -17.95 -3.55
C THR D 254 -16.35 -17.12 -3.36
N ALA D 255 -15.38 -17.69 -2.65
CA ALA D 255 -14.12 -17.01 -2.42
C ALA D 255 -13.45 -16.65 -3.75
N LEU D 256 -13.42 -17.60 -4.67
CA LEU D 256 -12.80 -17.38 -5.99
C LEU D 256 -13.55 -16.35 -6.82
N ARG D 257 -14.89 -16.40 -6.79
CA ARG D 257 -15.71 -15.46 -7.55
C ARG D 257 -15.50 -14.02 -7.06
N ARG D 258 -15.21 -13.88 -5.77
CA ARG D 258 -15.01 -12.56 -5.18
C ARG D 258 -13.61 -12.00 -5.32
N THR D 259 -12.67 -12.79 -5.85
CA THR D 259 -11.29 -12.33 -5.95
C THR D 259 -10.55 -12.58 -7.27
N VAL D 260 -10.82 -13.72 -7.91
CA VAL D 260 -10.12 -14.07 -9.14
C VAL D 260 -10.75 -13.51 -10.42
N PRO D 261 -10.03 -12.63 -11.12
CA PRO D 261 -10.51 -12.03 -12.37
C PRO D 261 -10.79 -13.11 -13.40
N PRO D 262 -11.85 -12.95 -14.22
CA PRO D 262 -12.23 -13.90 -15.26
C PRO D 262 -11.10 -14.20 -16.24
N ALA D 263 -10.18 -13.24 -16.39
CA ALA D 263 -9.05 -13.39 -17.30
C ALA D 263 -8.14 -14.55 -16.92
N VAL D 264 -8.11 -14.91 -15.64
CA VAL D 264 -7.28 -16.03 -15.20
C VAL D 264 -7.77 -17.26 -15.95
N THR D 265 -6.87 -17.94 -16.65
CA THR D 265 -7.23 -19.10 -17.45
C THR D 265 -7.77 -20.31 -16.69
N GLY D 266 -7.21 -20.62 -15.52
CA GLY D 266 -7.70 -21.74 -14.77
C GLY D 266 -7.20 -21.85 -13.34
N VAL D 267 -7.93 -22.60 -12.53
CA VAL D 267 -7.57 -22.81 -11.13
C VAL D 267 -7.26 -24.28 -10.96
N THR D 268 -6.05 -24.59 -10.50
CA THR D 268 -5.62 -25.97 -10.30
C THR D 268 -5.45 -26.17 -8.79
N PHE D 269 -6.48 -26.74 -8.18
CA PHE D 269 -6.51 -26.97 -6.74
C PHE D 269 -5.49 -27.94 -6.16
N LEU D 270 -4.98 -27.59 -4.98
CA LEU D 270 -4.07 -28.43 -4.24
C LEU D 270 -5.02 -29.18 -3.31
N SER D 271 -4.68 -30.40 -2.95
CA SER D 271 -5.56 -31.20 -2.09
C SER D 271 -5.25 -31.10 -0.60
N GLY D 272 -4.14 -30.46 -0.26
CA GLY D 272 -3.78 -30.33 1.14
C GLY D 272 -3.61 -31.69 1.81
N GLY D 273 -4.37 -31.92 2.88
CA GLY D 273 -4.27 -33.18 3.58
C GLY D 273 -5.44 -34.13 3.30
N GLN D 274 -6.21 -33.83 2.26
CA GLN D 274 -7.35 -34.65 1.88
C GLN D 274 -6.94 -36.00 1.32
N SER D 275 -7.83 -36.99 1.45
CA SER D 275 -7.57 -38.33 0.94
C SER D 275 -7.79 -38.28 -0.55
N GLU D 276 -7.39 -39.34 -1.26
CA GLU D 276 -7.56 -39.37 -2.70
C GLU D 276 -9.03 -39.22 -3.08
N GLU D 277 -9.91 -39.90 -2.36
CA GLU D 277 -11.33 -39.84 -2.63
C GLU D 277 -11.89 -38.46 -2.28
N GLU D 278 -11.52 -37.98 -1.09
CA GLU D 278 -11.97 -36.69 -0.59
C GLU D 278 -11.64 -35.59 -1.60
N ALA D 279 -10.41 -35.62 -2.12
CA ALA D 279 -9.97 -34.64 -3.09
C ALA D 279 -10.81 -34.69 -4.37
N SER D 280 -11.16 -35.89 -4.81
CA SER D 280 -11.96 -36.05 -6.03
C SER D 280 -13.40 -35.63 -5.78
N ILE D 281 -13.95 -36.00 -4.62
CA ILE D 281 -15.32 -35.65 -4.29
C ILE D 281 -15.48 -34.12 -4.17
N ASN D 282 -14.56 -33.48 -3.46
CA ASN D 282 -14.66 -32.03 -3.32
C ASN D 282 -14.52 -31.32 -4.66
N LEU D 283 -13.58 -31.77 -5.48
CA LEU D 283 -13.39 -31.14 -6.79
C LEU D 283 -14.65 -31.30 -7.63
N ASN D 284 -15.27 -32.47 -7.54
CA ASN D 284 -16.49 -32.74 -8.29
C ASN D 284 -17.58 -31.75 -7.85
N ALA D 285 -17.77 -31.63 -6.53
CA ALA D 285 -18.76 -30.73 -5.97
C ALA D 285 -18.52 -29.28 -6.39
N ILE D 286 -17.25 -28.90 -6.43
CA ILE D 286 -16.88 -27.55 -6.84
C ILE D 286 -17.37 -27.28 -8.26
N ASN D 287 -17.16 -28.26 -9.13
CA ASN D 287 -17.60 -28.12 -10.52
C ASN D 287 -19.11 -28.18 -10.68
N LYS D 288 -19.80 -28.72 -9.68
CA LYS D 288 -21.26 -28.82 -9.75
C LYS D 288 -21.93 -27.65 -9.03
N CYS D 289 -21.13 -26.82 -8.34
CA CYS D 289 -21.67 -25.66 -7.63
C CYS D 289 -22.43 -24.76 -8.61
N PRO D 290 -23.69 -24.41 -8.26
CA PRO D 290 -24.60 -23.57 -9.06
C PRO D 290 -24.07 -22.23 -9.56
N LEU D 291 -23.16 -21.62 -8.81
CA LEU D 291 -22.60 -20.32 -9.17
C LEU D 291 -21.81 -20.33 -10.48
N LEU D 292 -21.76 -19.18 -11.15
CA LEU D 292 -21.05 -19.04 -12.42
C LEU D 292 -19.54 -19.03 -12.15
N LYS D 293 -18.81 -19.85 -12.90
CA LYS D 293 -17.36 -19.96 -12.74
C LYS D 293 -16.68 -19.70 -14.09
N PRO D 294 -16.14 -18.49 -14.27
CA PRO D 294 -15.48 -18.09 -15.53
C PRO D 294 -14.08 -18.65 -15.78
N TRP D 295 -13.65 -19.63 -14.97
CA TRP D 295 -12.34 -20.25 -15.16
C TRP D 295 -12.45 -21.75 -14.99
N ALA D 296 -11.52 -22.47 -15.60
CA ALA D 296 -11.50 -23.92 -15.48
C ALA D 296 -11.18 -24.24 -14.02
N LEU D 297 -11.88 -25.22 -13.46
CA LEU D 297 -11.66 -25.65 -12.09
C LEU D 297 -11.22 -27.10 -12.13
N THR D 298 -9.91 -27.32 -12.00
CA THR D 298 -9.35 -28.66 -12.06
C THR D 298 -8.38 -28.98 -10.93
N PHE D 299 -7.54 -29.98 -11.13
CA PHE D 299 -6.60 -30.40 -10.09
C PHE D 299 -5.11 -30.28 -10.42
N SER D 300 -4.33 -30.26 -9.35
CA SER D 300 -2.87 -30.22 -9.40
C SER D 300 -2.54 -31.02 -8.15
N TYR D 301 -2.71 -32.33 -8.25
CA TYR D 301 -2.49 -33.21 -7.13
C TYR D 301 -1.18 -33.98 -7.08
N GLY D 302 -0.67 -34.16 -5.87
N GLY D 302 -0.68 -34.17 -5.87
CA GLY D 302 0.57 -34.89 -5.68
CA GLY D 302 0.53 -34.94 -5.67
C GLY D 302 0.26 -36.16 -4.92
C GLY D 302 0.08 -36.23 -5.03
N ARG D 303 -0.14 -35.99 -3.66
N ARG D 303 0.04 -36.24 -3.71
CA ARG D 303 -0.49 -37.11 -2.80
CA ARG D 303 -0.39 -37.42 -2.95
C ARG D 303 -1.82 -37.73 -3.23
C ARG D 303 -1.77 -37.90 -3.40
N ALA D 304 -2.76 -36.88 -3.63
N ALA D 304 -2.69 -36.97 -3.63
CA ALA D 304 -4.08 -37.33 -4.05
CA ALA D 304 -4.05 -37.29 -4.06
C ALA D 304 -4.08 -38.16 -5.33
C ALA D 304 -4.08 -38.13 -5.33
N LEU D 305 -2.95 -38.21 -6.03
CA LEU D 305 -2.85 -38.98 -7.26
C LEU D 305 -1.86 -40.13 -7.12
N GLN D 306 -0.95 -40.00 -6.16
CA GLN D 306 0.10 -41.00 -5.95
C GLN D 306 -0.03 -41.92 -4.74
N ALA D 307 -0.84 -41.52 -3.76
CA ALA D 307 -1.02 -42.29 -2.54
C ALA D 307 -1.05 -43.80 -2.77
N SER D 308 -2.15 -44.31 -3.32
CA SER D 308 -2.32 -45.73 -3.57
C SER D 308 -1.23 -46.32 -4.47
N ALA D 309 -0.84 -45.57 -5.50
CA ALA D 309 0.19 -46.03 -6.42
C ALA D 309 1.47 -46.35 -5.67
N LEU D 310 1.93 -45.41 -4.85
CA LEU D 310 3.16 -45.58 -4.09
C LEU D 310 3.09 -46.84 -3.22
N LYS D 311 1.93 -47.07 -2.62
CA LYS D 311 1.71 -48.23 -1.75
C LYS D 311 1.70 -49.54 -2.53
N ALA D 312 1.07 -49.54 -3.70
CA ALA D 312 1.00 -50.73 -4.54
C ALA D 312 2.36 -51.13 -5.08
N TRP D 313 3.24 -50.15 -5.29
CA TRP D 313 4.57 -50.39 -5.80
C TRP D 313 5.45 -51.05 -4.73
N GLY D 314 5.53 -50.40 -3.58
CA GLY D 314 6.32 -50.94 -2.48
C GLY D 314 7.79 -51.15 -2.84
N GLY D 315 8.26 -50.44 -3.84
CA GLY D 315 9.65 -50.57 -4.25
C GLY D 315 9.92 -51.85 -5.04
N LYS D 316 8.88 -52.65 -5.25
CA LYS D 316 9.00 -53.89 -5.99
C LYS D 316 8.79 -53.64 -7.49
N LYS D 317 9.81 -53.94 -8.28
CA LYS D 317 9.73 -53.75 -9.73
C LYS D 317 8.60 -54.56 -10.36
N GLU D 318 8.29 -55.72 -9.78
CA GLU D 318 7.23 -56.58 -10.29
C GLU D 318 5.83 -56.01 -10.07
N ASN D 319 5.72 -55.01 -9.21
CA ASN D 319 4.43 -54.39 -8.91
C ASN D 319 4.19 -53.15 -9.75
N LEU D 320 4.87 -53.08 -10.89
CA LEU D 320 4.73 -51.94 -11.79
C LEU D 320 3.28 -51.76 -12.23
N LYS D 321 2.74 -52.76 -12.92
CA LYS D 321 1.37 -52.73 -13.41
C LYS D 321 0.37 -52.38 -12.31
N ALA D 322 0.50 -53.04 -11.17
CA ALA D 322 -0.40 -52.81 -10.04
C ALA D 322 -0.34 -51.34 -9.61
N ALA D 323 0.87 -50.83 -9.45
CA ALA D 323 1.07 -49.45 -9.04
C ALA D 323 0.46 -48.49 -10.05
N GLN D 324 0.85 -48.64 -11.32
CA GLN D 324 0.34 -47.78 -12.38
C GLN D 324 -1.18 -47.79 -12.43
N GLU D 325 -1.77 -48.94 -12.15
CA GLU D 325 -3.22 -49.10 -12.18
C GLU D 325 -3.89 -48.20 -11.14
N GLU D 326 -3.27 -48.08 -9.96
CA GLU D 326 -3.82 -47.24 -8.90
C GLU D 326 -3.78 -45.77 -9.31
N TYR D 327 -2.70 -45.37 -9.98
CA TYR D 327 -2.54 -44.00 -10.44
C TYR D 327 -3.59 -43.70 -11.51
N VAL D 328 -3.67 -44.58 -12.51
CA VAL D 328 -4.63 -44.41 -13.59
C VAL D 328 -6.05 -44.24 -13.04
N LYS D 329 -6.39 -45.02 -12.02
CA LYS D 329 -7.71 -44.94 -11.41
C LYS D 329 -7.99 -43.54 -10.87
N ARG D 330 -7.01 -42.97 -10.16
CA ARG D 330 -7.18 -41.64 -9.59
C ARG D 330 -7.21 -40.56 -10.66
N ALA D 331 -6.43 -40.74 -11.73
CA ALA D 331 -6.39 -39.77 -12.80
C ALA D 331 -7.74 -39.75 -13.51
N LEU D 332 -8.33 -40.93 -13.69
CA LEU D 332 -9.63 -41.05 -14.34
C LEU D 332 -10.71 -40.43 -13.48
N ALA D 333 -10.68 -40.71 -12.18
CA ALA D 333 -11.67 -40.16 -11.28
C ALA D 333 -11.60 -38.63 -11.27
N ASN D 334 -10.40 -38.08 -11.15
CA ASN D 334 -10.24 -36.63 -11.12
C ASN D 334 -10.53 -35.98 -12.46
N SER D 335 -10.32 -36.72 -13.55
CA SER D 335 -10.61 -36.19 -14.88
C SER D 335 -12.12 -35.96 -14.95
N LEU D 336 -12.87 -36.87 -14.33
CA LEU D 336 -14.33 -36.76 -14.31
C LEU D 336 -14.76 -35.70 -13.32
N ALA D 337 -14.04 -35.59 -12.22
CA ALA D 337 -14.35 -34.62 -11.19
C ALA D 337 -14.25 -33.18 -11.70
N CYS D 338 -13.23 -32.89 -12.52
CA CYS D 338 -13.07 -31.53 -13.02
C CYS D 338 -14.09 -31.22 -14.12
N GLN D 339 -15.05 -32.14 -14.29
CA GLN D 339 -16.12 -31.97 -15.28
C GLN D 339 -17.45 -32.08 -14.53
N GLY D 340 -17.37 -32.39 -13.24
CA GLY D 340 -18.58 -32.53 -12.44
C GLY D 340 -19.35 -33.78 -12.83
N LYS D 341 -18.63 -34.82 -13.26
CA LYS D 341 -19.25 -36.07 -13.68
C LYS D 341 -18.71 -37.25 -12.88
N TYR D 342 -18.28 -36.99 -11.65
CA TYR D 342 -17.73 -38.06 -10.81
C TYR D 342 -18.67 -38.49 -9.68
N THR D 343 -18.79 -39.80 -9.51
CA THR D 343 -19.63 -40.38 -8.47
C THR D 343 -18.98 -41.67 -8.00
N PRO D 344 -18.40 -41.66 -6.78
CA PRO D 344 -17.74 -42.84 -6.21
C PRO D 344 -18.55 -44.13 -6.40
N SER D 359 -29.21 -20.69 -0.57
CA SER D 359 -28.70 -19.87 0.54
C SER D 359 -27.22 -19.58 0.40
N ASN D 360 -26.86 -18.87 -0.67
CA ASN D 360 -25.47 -18.50 -0.92
C ASN D 360 -25.14 -17.19 -0.23
N HIS D 361 -26.15 -16.57 0.37
CA HIS D 361 -25.97 -15.31 1.08
C HIS D 361 -25.40 -15.57 2.46
N ALA D 362 -25.30 -16.85 2.82
CA ALA D 362 -24.76 -17.24 4.10
C ALA D 362 -23.24 -17.36 3.99
N TYR D 363 -22.72 -17.12 2.79
CA TYR D 363 -21.29 -17.19 2.53
C TYR D 363 -20.71 -15.79 2.27
#